data_6MYV
#
_entry.id   6MYV
#
_cell.length_a   85.645
_cell.length_b   89.753
_cell.length_c   95.806
_cell.angle_alpha   64.700
_cell.angle_beta   75.650
_cell.angle_gamma   88.580
#
_symmetry.space_group_name_H-M   'P 1'
#
loop_
_entity.id
_entity.type
_entity.pdbx_description
1 polymer Sialidase26
2 non-polymer '2,6-anhydro-3,5-dideoxy-5-[(hydroxyacetyl)amino]-D-glycero-L-altro-non-2-enonic acid'
3 water water
#
_entity_poly.entity_id   1
_entity_poly.type   'polypeptide(L)'
_entity_poly.pdbx_seq_one_letter_code
;SDTVFVRETQIPVLIERQDNVLFMLRLNAKESHTLDEVVLNFGKDVNMSDIQSVKLYYSGTEARQNYGKNFFAPVSYISS
HTPGKTLAANPSYSINKSQVNNPKRKVALKANQKLFPGINYFWISLQMKPDASLLDKVAAKIAAIKVDNKEALMHTVSPE
NIVHRVGVGVRHAGDDGSASFRIPGLVTTNKGTLLGVYDVRYNNSADLQEHVDIGLSRSVDGGKTWEKMRLPLAFGETGD
LPAAQNGVGDPSILVDTKTNTVWVVAAWTHGMGNQRAWWSSYPGMDMNHTAQLVLSKSTDDGKTWSKPINITEQVKDPSW
YFLLQGPGRGITMQDGTLVFPIQFIDSTRVPNAGIMYSKDRGETWKIHNYARTNTTEAQVAEVEPGVLMLNMRDNRGGSR
AISTTKDLGKTWTEHSSSRKALQEPVCMASLISVKAKDNVLNKDILLFSNPNTVKGRHHITIKASLDGGVTWLPEHQVML
DEGEGWGYSCLTMIDKETIGILYESSVAHMTFQAVQLRDIIKHHHH
;
_entity_poly.pdbx_strand_id   A,B,C,D
#
# COMPACT_ATOMS: atom_id res chain seq x y z
N SER A 1 43.75 -2.70 -41.55
CA SER A 1 44.66 -2.00 -40.65
C SER A 1 44.28 -2.33 -39.21
N ASP A 2 45.16 -2.02 -38.27
CA ASP A 2 44.84 -2.20 -36.86
C ASP A 2 44.26 -0.90 -36.32
N THR A 3 43.19 -1.02 -35.54
CA THR A 3 42.50 0.13 -34.99
C THR A 3 42.84 0.27 -33.51
N VAL A 4 43.16 1.48 -33.09
CA VAL A 4 43.43 1.79 -31.69
C VAL A 4 42.12 2.22 -31.05
N PHE A 5 41.61 1.42 -30.11
CA PHE A 5 40.37 1.76 -29.43
C PHE A 5 40.68 2.57 -28.18
N VAL A 6 39.90 3.63 -27.97
CA VAL A 6 40.14 4.59 -26.92
C VAL A 6 38.91 4.66 -26.03
N ARG A 7 39.13 4.62 -24.71
CA ARG A 7 38.06 4.80 -23.73
C ARG A 7 38.50 5.86 -22.73
N GLU A 8 37.85 7.01 -22.77
CA GLU A 8 38.09 8.05 -21.78
C GLU A 8 37.42 7.66 -20.46
N THR A 9 38.13 7.90 -19.36
CA THR A 9 37.59 7.56 -18.06
C THR A 9 36.68 8.69 -17.55
N GLN A 10 35.83 8.34 -16.57
CA GLN A 10 34.97 9.31 -15.91
C GLN A 10 35.07 9.08 -14.40
N ILE A 11 36.26 9.36 -13.85
CA ILE A 11 36.52 9.18 -12.42
C ILE A 11 37.18 10.45 -11.90
N PRO A 12 37.07 10.70 -10.60
CA PRO A 12 37.68 11.91 -10.05
C PRO A 12 39.19 11.90 -10.24
N VAL A 13 39.74 13.08 -10.52
CA VAL A 13 41.18 13.28 -10.61
C VAL A 13 41.61 13.87 -9.27
N LEU A 14 42.26 13.07 -8.44
CA LEU A 14 42.65 13.50 -7.11
C LEU A 14 43.85 14.44 -7.23
N ILE A 15 43.76 15.59 -6.57
CA ILE A 15 44.78 16.62 -6.73
C ILE A 15 46.12 16.15 -6.18
N GLU A 16 46.11 15.40 -5.08
CA GLU A 16 47.35 14.96 -4.46
C GLU A 16 47.95 13.71 -5.11
N ARG A 17 47.24 13.05 -6.01
CA ARG A 17 47.75 11.82 -6.59
C ARG A 17 48.84 12.09 -7.61
N GLN A 18 49.83 11.20 -7.65
CA GLN A 18 50.90 11.28 -8.62
C GLN A 18 50.45 10.79 -9.99
N ASP A 19 49.35 10.04 -10.06
CA ASP A 19 48.82 9.52 -11.30
C ASP A 19 47.30 9.53 -11.25
N ASN A 20 46.69 9.76 -12.40
CA ASN A 20 45.24 9.64 -12.55
C ASN A 20 44.95 9.10 -13.94
N VAL A 21 44.16 8.02 -14.01
CA VAL A 21 43.87 7.42 -15.31
C VAL A 21 42.91 8.33 -16.05
N LEU A 22 43.35 8.84 -17.20
CA LEU A 22 42.58 9.75 -18.04
C LEU A 22 42.05 9.08 -19.30
N PHE A 23 42.88 8.29 -19.96
CA PHE A 23 42.47 7.53 -21.14
C PHE A 23 43.04 6.11 -21.05
N MET A 24 42.29 5.16 -21.62
CA MET A 24 42.76 3.79 -21.82
C MET A 24 42.76 3.47 -23.31
N LEU A 25 43.83 2.82 -23.77
CA LEU A 25 44.01 2.50 -25.17
C LEU A 25 44.24 1.01 -25.35
N ARG A 26 43.50 0.40 -26.28
CA ARG A 26 43.66 -1.00 -26.63
C ARG A 26 44.04 -1.13 -28.10
N LEU A 27 45.07 -1.94 -28.37
CA LEU A 27 45.53 -2.18 -29.73
C LEU A 27 45.83 -3.66 -29.90
N ASN A 28 45.07 -4.32 -30.76
CA ASN A 28 45.37 -5.71 -31.16
C ASN A 28 46.28 -5.64 -32.38
N ALA A 29 47.58 -5.87 -32.17
CA ALA A 29 48.57 -5.61 -33.20
C ALA A 29 48.76 -6.84 -34.08
N LYS A 30 47.81 -7.05 -34.98
CA LYS A 30 47.96 -8.08 -36.01
C LYS A 30 48.92 -7.63 -37.10
N GLU A 31 48.82 -6.35 -37.49
CA GLU A 31 49.72 -5.79 -38.50
C GLU A 31 50.57 -4.63 -37.97
N SER A 32 50.60 -4.39 -36.67
CA SER A 32 51.38 -3.30 -36.10
C SER A 32 52.59 -3.86 -35.38
N HIS A 33 53.68 -3.10 -35.44
CA HIS A 33 54.97 -3.49 -34.90
C HIS A 33 55.41 -2.61 -33.75
N THR A 34 55.25 -1.29 -33.87
CA THR A 34 55.72 -0.35 -32.86
C THR A 34 54.71 0.78 -32.71
N LEU A 35 54.48 1.21 -31.47
CA LEU A 35 53.65 2.38 -31.18
C LEU A 35 54.60 3.51 -30.81
N ASP A 36 54.68 4.53 -31.66
CA ASP A 36 55.68 5.58 -31.53
C ASP A 36 55.26 6.71 -30.62
N GLU A 37 54.08 7.29 -30.81
CA GLU A 37 53.69 8.41 -29.98
C GLU A 37 52.17 8.58 -29.96
N VAL A 38 51.71 9.36 -29.00
CA VAL A 38 50.30 9.73 -28.85
C VAL A 38 50.25 11.25 -28.69
N VAL A 39 49.38 11.91 -29.44
CA VAL A 39 49.23 13.36 -29.39
C VAL A 39 47.89 13.69 -28.74
N LEU A 40 47.93 14.60 -27.77
CA LEU A 40 46.79 14.95 -26.91
C LEU A 40 46.58 16.46 -26.95
N ASN A 41 45.31 16.88 -27.02
CA ASN A 41 44.93 18.28 -27.01
C ASN A 41 43.97 18.55 -25.87
N PHE A 42 44.37 19.38 -24.91
CA PHE A 42 43.49 19.81 -23.84
C PHE A 42 42.51 20.87 -24.34
N GLY A 43 41.36 20.95 -23.66
CA GLY A 43 40.31 21.87 -24.04
C GLY A 43 40.73 23.33 -23.93
N LYS A 44 39.98 24.17 -24.66
CA LYS A 44 40.35 25.59 -24.74
C LYS A 44 40.26 26.27 -23.39
N ASP A 45 39.32 25.84 -22.54
CA ASP A 45 39.12 26.46 -21.22
C ASP A 45 39.97 25.85 -20.12
N VAL A 46 40.69 24.75 -20.39
CA VAL A 46 41.50 24.13 -19.36
C VAL A 46 42.64 25.07 -18.97
N ASN A 47 42.90 25.17 -17.67
CA ASN A 47 44.03 25.96 -17.18
C ASN A 47 45.26 25.04 -17.09
N MET A 48 46.11 25.09 -18.12
CA MET A 48 47.28 24.21 -18.15
C MET A 48 48.23 24.50 -17.00
N SER A 49 48.17 25.70 -16.42
CA SER A 49 49.06 26.05 -15.32
C SER A 49 48.75 25.26 -14.05
N ASP A 50 47.60 24.59 -13.99
CA ASP A 50 47.24 23.73 -12.87
C ASP A 50 47.61 22.27 -13.11
N ILE A 51 48.21 21.94 -14.26
CA ILE A 51 48.55 20.57 -14.60
C ILE A 51 50.03 20.37 -14.38
N GLN A 52 50.38 19.43 -13.50
CA GLN A 52 51.78 19.18 -13.18
C GLN A 52 52.45 18.36 -14.28
N SER A 53 51.80 17.29 -14.74
CA SER A 53 52.42 16.47 -15.76
C SER A 53 51.39 15.58 -16.44
N VAL A 54 51.77 15.10 -17.62
CA VAL A 54 50.99 14.13 -18.39
C VAL A 54 51.93 13.00 -18.79
N LYS A 55 51.49 11.77 -18.60
CA LYS A 55 52.34 10.62 -18.83
C LYS A 55 51.64 9.58 -19.69
N LEU A 56 52.44 8.78 -20.38
CA LEU A 56 51.96 7.65 -21.17
C LEU A 56 52.62 6.40 -20.60
N TYR A 57 51.77 5.46 -20.16
CA TYR A 57 52.17 4.20 -19.56
C TYR A 57 51.80 3.06 -20.50
N TYR A 58 52.61 2.00 -20.46
CA TYR A 58 52.32 0.74 -21.14
C TYR A 58 52.07 -0.34 -20.10
N SER A 59 50.99 -1.10 -20.26
CA SER A 59 50.56 -2.08 -19.27
C SER A 59 50.51 -3.51 -19.82
N GLY A 60 51.16 -3.74 -20.96
CA GLY A 60 51.31 -5.10 -21.45
C GLY A 60 50.09 -5.59 -22.20
N THR A 61 49.85 -6.90 -22.11
CA THR A 61 48.84 -7.55 -22.93
C THR A 61 47.74 -8.19 -22.08
N GLU A 62 46.96 -9.08 -22.68
CA GLU A 62 45.81 -9.69 -22.03
C GLU A 62 45.90 -11.21 -22.18
N ALA A 63 45.22 -11.90 -21.27
CA ALA A 63 45.08 -13.35 -21.39
C ALA A 63 44.26 -13.69 -22.63
N ARG A 64 44.70 -14.72 -23.35
CA ARG A 64 44.10 -15.00 -24.65
C ARG A 64 42.64 -15.41 -24.51
N GLN A 65 42.26 -16.02 -23.39
CA GLN A 65 40.86 -16.36 -23.19
C GLN A 65 39.98 -15.13 -22.96
N ASN A 66 40.58 -13.98 -22.69
CA ASN A 66 39.85 -12.75 -22.45
C ASN A 66 39.76 -11.86 -23.68
N TYR A 67 40.36 -12.26 -24.79
CA TYR A 67 40.18 -11.54 -26.06
C TYR A 67 38.70 -11.48 -26.43
N GLY A 68 38.29 -10.35 -27.01
CA GLY A 68 36.93 -10.18 -27.44
C GLY A 68 35.95 -9.78 -26.36
N LYS A 69 36.41 -9.56 -25.14
CA LYS A 69 35.56 -9.11 -24.04
C LYS A 69 35.54 -7.59 -23.93
N ASN A 70 36.27 -6.89 -24.80
CA ASN A 70 36.24 -5.43 -24.85
C ASN A 70 36.75 -4.82 -23.56
N PHE A 71 37.75 -5.46 -22.95
CA PHE A 71 38.44 -4.88 -21.81
C PHE A 71 39.46 -3.85 -22.31
N PHE A 72 39.64 -2.78 -21.54
CA PHE A 72 40.58 -1.73 -21.87
C PHE A 72 41.79 -1.68 -20.94
N ALA A 73 41.86 -2.58 -19.95
CA ALA A 73 43.01 -2.67 -19.07
C ALA A 73 43.09 -4.10 -18.55
N PRO A 74 44.30 -4.59 -18.25
CA PRO A 74 44.42 -5.95 -17.70
C PRO A 74 44.21 -6.03 -16.20
N VAL A 75 44.27 -4.90 -15.49
CA VAL A 75 44.27 -4.90 -14.04
C VAL A 75 44.01 -3.47 -13.58
N SER A 76 43.69 -3.30 -12.30
CA SER A 76 43.56 -1.96 -11.73
C SER A 76 44.95 -1.31 -11.61
N TYR A 77 45.09 -0.11 -12.18
CA TYR A 77 46.41 0.51 -12.28
C TYR A 77 46.82 1.22 -10.99
N ILE A 78 45.89 1.87 -10.31
CA ILE A 78 46.20 2.63 -9.10
C ILE A 78 45.29 2.11 -7.99
N SER A 79 45.90 1.62 -6.91
CA SER A 79 45.14 1.05 -5.81
C SER A 79 44.53 2.14 -4.93
N SER A 80 43.34 1.87 -4.41
CA SER A 80 42.73 2.70 -3.39
C SER A 80 42.63 1.99 -2.04
N HIS A 81 43.28 0.84 -1.89
CA HIS A 81 43.13 0.02 -0.70
C HIS A 81 44.46 -0.32 -0.03
N THR A 82 45.54 -0.37 -0.79
CA THR A 82 46.84 -0.75 -0.24
C THR A 82 47.42 0.38 0.60
N PRO A 83 47.58 0.20 1.92
CA PRO A 83 48.10 1.30 2.75
C PRO A 83 49.46 1.77 2.26
N GLY A 84 49.59 3.08 2.08
CA GLY A 84 50.84 3.67 1.65
C GLY A 84 51.13 3.52 0.17
N LYS A 85 50.23 2.92 -0.60
CA LYS A 85 50.43 2.67 -2.01
C LYS A 85 49.21 3.09 -2.81
N THR A 86 48.59 4.21 -2.44
CA THR A 86 47.37 4.67 -3.11
C THR A 86 47.54 5.98 -3.87
N LEU A 87 48.75 6.54 -3.90
CA LEU A 87 48.97 7.84 -4.53
C LEU A 87 49.57 7.75 -5.92
N ALA A 88 50.21 6.64 -6.27
CA ALA A 88 50.88 6.50 -7.55
C ALA A 88 50.52 5.17 -8.20
N ALA A 89 50.66 5.12 -9.52
CA ALA A 89 50.41 3.89 -10.26
C ALA A 89 51.38 2.81 -9.80
N ASN A 90 50.88 1.57 -9.74
CA ASN A 90 51.72 0.44 -9.36
C ASN A 90 52.76 0.22 -10.45
N PRO A 91 54.06 0.37 -10.16
CA PRO A 91 55.07 0.24 -11.22
C PRO A 91 55.11 -1.13 -11.87
N SER A 92 54.74 -2.19 -11.14
CA SER A 92 54.77 -3.54 -11.72
C SER A 92 53.69 -3.72 -12.78
N TYR A 93 52.62 -2.92 -12.73
CA TYR A 93 51.54 -3.05 -13.69
C TYR A 93 51.70 -2.13 -14.88
N SER A 94 52.43 -1.03 -14.74
CA SER A 94 52.50 0.00 -15.76
C SER A 94 53.93 0.50 -15.91
N ILE A 95 54.40 0.56 -17.14
CA ILE A 95 55.75 1.04 -17.46
C ILE A 95 55.63 2.47 -17.99
N ASN A 96 56.23 3.41 -17.28
CA ASN A 96 56.22 4.81 -17.71
C ASN A 96 57.01 4.93 -19.00
N LYS A 97 56.31 5.12 -20.12
CA LYS A 97 56.99 5.26 -21.41
C LYS A 97 57.34 6.71 -21.71
N SER A 98 56.51 7.67 -21.28
CA SER A 98 56.92 9.05 -21.47
C SER A 98 56.20 9.95 -20.47
N GLN A 99 56.79 11.12 -20.25
CA GLN A 99 56.29 12.08 -19.28
C GLN A 99 56.63 13.48 -19.77
N VAL A 100 55.65 14.37 -19.67
CA VAL A 100 55.85 15.78 -19.98
C VAL A 100 55.40 16.56 -18.75
N ASN A 101 56.34 17.28 -18.14
CA ASN A 101 56.05 18.14 -16.99
C ASN A 101 55.76 19.55 -17.50
N ASN A 102 54.85 20.23 -16.82
CA ASN A 102 54.43 21.57 -17.21
C ASN A 102 54.02 21.56 -18.69
N PRO A 103 53.07 20.71 -19.07
CA PRO A 103 52.78 20.54 -20.49
C PRO A 103 52.06 21.75 -21.08
N LYS A 104 52.16 21.87 -22.40
CA LYS A 104 51.39 22.85 -23.14
C LYS A 104 50.02 22.26 -23.48
N ARG A 105 49.15 23.08 -24.06
CA ARG A 105 47.82 22.61 -24.41
C ARG A 105 47.87 21.45 -25.39
N LYS A 106 48.89 21.41 -26.24
CA LYS A 106 49.13 20.27 -27.12
C LYS A 106 50.33 19.52 -26.56
N VAL A 107 50.16 18.22 -26.29
CA VAL A 107 51.19 17.40 -25.69
C VAL A 107 51.48 16.23 -26.62
N ALA A 108 52.75 15.98 -26.89
CA ALA A 108 53.19 14.81 -27.63
C ALA A 108 53.90 13.87 -26.66
N LEU A 109 53.37 12.67 -26.50
CA LEU A 109 53.92 11.65 -25.62
C LEU A 109 54.53 10.58 -26.51
N LYS A 110 55.85 10.56 -26.60
CA LYS A 110 56.54 9.54 -27.40
C LYS A 110 56.60 8.25 -26.59
N ALA A 111 56.28 7.13 -27.22
CA ALA A 111 56.29 5.83 -26.55
C ALA A 111 57.40 4.93 -27.08
N ASN A 112 57.53 4.80 -28.40
CA ASN A 112 58.54 3.91 -28.97
C ASN A 112 58.43 2.50 -28.38
N GLN A 113 57.19 2.00 -28.28
CA GLN A 113 56.89 0.76 -27.60
C GLN A 113 56.77 -0.38 -28.61
N LYS A 114 57.64 -1.38 -28.48
CA LYS A 114 57.50 -2.63 -29.21
C LYS A 114 56.22 -3.33 -28.78
N LEU A 115 55.37 -3.64 -29.74
CA LEU A 115 54.05 -4.17 -29.44
C LEU A 115 54.08 -5.69 -29.32
N PHE A 116 53.29 -6.20 -28.37
CA PHE A 116 53.09 -7.64 -28.26
C PHE A 116 52.26 -8.12 -29.45
N PRO A 117 52.62 -9.26 -30.06
CA PRO A 117 51.80 -9.75 -31.18
C PRO A 117 50.42 -10.18 -30.71
N GLY A 118 49.57 -9.20 -30.41
CA GLY A 118 48.27 -9.44 -29.86
C GLY A 118 47.72 -8.18 -29.22
N ILE A 119 47.01 -8.32 -28.09
CA ILE A 119 46.45 -7.17 -27.41
C ILE A 119 47.55 -6.40 -26.69
N ASN A 120 47.50 -5.06 -26.82
CA ASN A 120 48.42 -4.16 -26.12
C ASN A 120 47.61 -3.10 -25.42
N TYR A 121 47.95 -2.85 -24.15
CA TYR A 121 47.26 -1.84 -23.34
C TYR A 121 48.19 -0.67 -23.07
N PHE A 122 47.69 0.54 -23.32
CA PHE A 122 48.34 1.76 -22.90
C PHE A 122 47.33 2.58 -22.10
N TRP A 123 47.85 3.54 -21.33
CA TRP A 123 46.95 4.51 -20.73
C TRP A 123 47.69 5.81 -20.45
N ILE A 124 46.90 6.88 -20.36
CA ILE A 124 47.43 8.23 -20.15
C ILE A 124 47.12 8.63 -18.71
N SER A 125 48.13 9.19 -18.04
CA SER A 125 48.02 9.65 -16.68
C SER A 125 48.07 11.16 -16.64
N LEU A 126 47.23 11.75 -15.79
CA LEU A 126 47.19 13.19 -15.58
C LEU A 126 47.51 13.46 -14.13
N GLN A 127 48.52 14.30 -13.89
CA GLN A 127 48.89 14.71 -12.55
C GLN A 127 48.70 16.21 -12.43
N MET A 128 47.86 16.62 -11.47
CA MET A 128 47.58 18.02 -11.20
C MET A 128 48.64 18.59 -10.27
N LYS A 129 48.69 19.91 -10.19
CA LYS A 129 49.52 20.54 -9.17
C LYS A 129 48.81 20.47 -7.81
N PRO A 130 49.59 20.41 -6.72
CA PRO A 130 48.97 20.36 -5.39
C PRO A 130 48.01 21.50 -5.13
N ASP A 131 48.23 22.64 -5.78
CA ASP A 131 47.44 23.85 -5.56
C ASP A 131 46.29 24.01 -6.54
N ALA A 132 45.91 22.95 -7.25
CA ALA A 132 44.88 23.06 -8.27
C ALA A 132 43.53 23.41 -7.65
N SER A 133 42.75 24.20 -8.39
CA SER A 133 41.43 24.63 -7.93
C SER A 133 40.44 23.46 -7.93
N LEU A 134 39.58 23.42 -6.91
CA LEU A 134 38.59 22.36 -6.85
C LEU A 134 37.53 22.48 -7.94
N LEU A 135 37.26 23.70 -8.43
CA LEU A 135 36.21 23.87 -9.41
C LEU A 135 36.64 23.86 -10.88
N ASP A 136 37.94 24.01 -11.18
CA ASP A 136 38.37 23.97 -12.57
C ASP A 136 38.18 22.57 -13.13
N LYS A 137 37.78 22.49 -14.40
CA LYS A 137 37.44 21.24 -15.07
C LYS A 137 38.39 20.98 -16.22
N VAL A 138 38.68 19.70 -16.45
CA VAL A 138 39.65 19.28 -17.45
C VAL A 138 38.93 18.51 -18.56
N ALA A 139 39.13 18.94 -19.80
CA ALA A 139 38.64 18.26 -20.98
C ALA A 139 39.81 18.05 -21.93
N ALA A 140 39.79 16.94 -22.66
CA ALA A 140 40.90 16.65 -23.56
C ALA A 140 40.45 15.65 -24.62
N LYS A 141 41.17 15.67 -25.73
CA LYS A 141 40.94 14.77 -26.86
C LYS A 141 42.27 14.17 -27.29
N ILE A 142 42.22 12.96 -27.84
CA ILE A 142 43.40 12.36 -28.45
C ILE A 142 43.35 12.68 -29.94
N ALA A 143 44.24 13.58 -30.37
CA ALA A 143 44.21 14.06 -31.75
C ALA A 143 44.77 13.02 -32.71
N ALA A 144 45.81 12.28 -32.30
CA ALA A 144 46.42 11.31 -33.20
C ALA A 144 47.26 10.31 -32.42
N ILE A 145 47.42 9.13 -33.01
CA ILE A 145 48.26 8.08 -32.47
C ILE A 145 49.14 7.57 -33.60
N LYS A 146 50.45 7.57 -33.39
CA LYS A 146 51.40 7.17 -34.40
C LYS A 146 51.81 5.71 -34.18
N VAL A 147 51.54 4.87 -35.17
CA VAL A 147 51.91 3.46 -35.16
C VAL A 147 52.75 3.18 -36.40
N ASP A 148 53.96 2.68 -36.21
CA ASP A 148 54.87 2.38 -37.32
C ASP A 148 55.08 3.60 -38.21
N ASN A 149 55.18 4.78 -37.58
CA ASN A 149 55.43 6.04 -38.27
C ASN A 149 54.29 6.41 -39.21
N LYS A 150 53.08 5.94 -38.92
CA LYS A 150 51.93 6.37 -39.71
C LYS A 150 50.74 6.55 -38.78
N GLU A 151 49.86 7.47 -39.16
CA GLU A 151 48.66 7.74 -38.38
C GLU A 151 47.77 6.51 -38.32
N ALA A 152 47.50 6.05 -37.09
CA ALA A 152 46.63 4.90 -36.87
C ALA A 152 45.18 5.34 -36.78
N LEU A 153 44.30 4.50 -37.31
CA LEU A 153 42.86 4.71 -37.16
C LEU A 153 42.47 4.59 -35.70
N MET A 154 41.60 5.49 -35.25
CA MET A 154 41.10 5.46 -33.88
C MET A 154 39.60 5.24 -33.88
N HIS A 155 39.12 4.55 -32.85
CA HIS A 155 37.69 4.44 -32.57
C HIS A 155 37.50 4.65 -31.07
N THR A 156 36.80 5.73 -30.72
CA THR A 156 36.57 6.09 -29.33
C THR A 156 35.20 5.56 -28.91
N VAL A 157 35.19 4.66 -27.91
CA VAL A 157 33.95 4.06 -27.46
C VAL A 157 33.27 4.89 -26.37
N SER A 158 33.99 5.75 -25.69
CA SER A 158 33.40 6.61 -24.68
C SER A 158 32.74 7.83 -25.34
N PRO A 159 31.83 8.49 -24.65
CA PRO A 159 31.11 9.62 -25.25
C PRO A 159 31.95 10.89 -25.31
N GLU A 160 31.46 11.84 -26.10
CA GLU A 160 32.08 13.14 -26.25
C GLU A 160 31.67 14.06 -25.11
N ASN A 161 32.40 15.18 -24.99
CA ASN A 161 32.09 16.22 -24.02
C ASN A 161 32.15 15.69 -22.58
N ILE A 162 33.10 14.78 -22.31
CA ILE A 162 33.36 14.37 -20.95
C ILE A 162 34.06 15.50 -20.18
N VAL A 163 33.54 15.80 -19.01
CA VAL A 163 34.11 16.81 -18.12
C VAL A 163 34.78 16.06 -16.97
N HIS A 164 36.10 16.15 -16.89
CA HIS A 164 36.84 15.54 -15.79
C HIS A 164 36.88 16.52 -14.63
N ARG A 165 36.40 16.10 -13.47
CA ARG A 165 36.41 16.93 -12.28
C ARG A 165 37.46 16.40 -11.30
N VAL A 166 38.09 17.33 -10.59
CA VAL A 166 39.10 16.97 -9.60
C VAL A 166 38.42 16.75 -8.25
N GLY A 167 39.20 16.28 -7.29
CA GLY A 167 38.71 16.01 -5.96
C GLY A 167 39.90 15.89 -5.01
N VAL A 168 39.58 15.84 -3.74
CA VAL A 168 40.58 15.73 -2.68
C VAL A 168 40.37 14.40 -1.96
N GLY A 169 41.43 13.60 -1.87
CA GLY A 169 41.39 12.40 -1.08
C GLY A 169 41.51 12.72 0.40
N VAL A 170 40.39 13.06 1.02
CA VAL A 170 40.42 13.46 2.43
C VAL A 170 40.99 12.34 3.28
N ARG A 171 40.67 11.09 2.96
CA ARG A 171 41.24 9.94 3.65
C ARG A 171 41.61 8.89 2.61
N HIS A 172 42.86 8.43 2.67
CA HIS A 172 43.32 7.30 1.89
C HIS A 172 43.53 6.10 2.80
N ALA A 173 43.40 4.90 2.24
CA ALA A 173 43.70 3.69 2.99
C ALA A 173 45.10 3.79 3.59
N GLY A 174 45.18 3.58 4.91
CA GLY A 174 46.44 3.59 5.62
C GLY A 174 46.70 4.88 6.40
N ASP A 175 46.01 5.96 6.08
CA ASP A 175 46.25 7.23 6.77
C ASP A 175 46.08 7.07 8.27
N ASP A 176 47.01 7.66 9.02
CA ASP A 176 46.97 7.68 10.48
C ASP A 176 46.84 6.27 11.06
N GLY A 177 47.53 5.32 10.44
CA GLY A 177 47.60 3.97 10.98
C GLY A 177 46.32 3.18 10.92
N SER A 178 45.34 3.64 10.15
CA SER A 178 44.06 2.95 10.02
C SER A 178 43.98 2.28 8.66
N ALA A 179 43.55 1.03 8.64
CA ALA A 179 43.47 0.29 7.39
C ALA A 179 42.45 0.90 6.44
N SER A 180 41.32 1.40 6.97
CA SER A 180 40.28 1.89 6.08
C SER A 180 39.43 2.95 6.77
N PHE A 181 38.64 3.65 5.94
CA PHE A 181 37.69 4.67 6.37
C PHE A 181 36.40 4.47 5.59
N ARG A 182 35.27 4.60 6.27
CA ARG A 182 33.99 4.33 5.62
C ARG A 182 32.89 5.22 6.18
N ILE A 183 31.71 5.13 5.57
CA ILE A 183 30.48 5.77 6.04
C ILE A 183 30.66 7.27 6.22
N PRO A 184 30.52 8.06 5.17
CA PRO A 184 30.73 9.51 5.30
C PRO A 184 29.49 10.29 5.77
N GLY A 185 29.76 11.36 6.48
CA GLY A 185 28.76 12.38 6.73
C GLY A 185 29.40 13.75 6.53
N LEU A 186 28.59 14.71 6.10
CA LEU A 186 29.14 16.00 5.70
C LEU A 186 28.16 17.12 5.98
N VAL A 187 28.65 18.16 6.66
CA VAL A 187 27.83 19.32 6.96
C VAL A 187 28.65 20.60 6.79
N THR A 188 27.92 21.72 6.70
CA THR A 188 28.50 23.05 6.63
C THR A 188 27.97 23.83 7.84
N THR A 189 28.88 24.37 8.65
CA THR A 189 28.44 25.11 9.83
C THR A 189 27.98 26.52 9.42
N ASN A 190 27.40 27.23 10.39
CA ASN A 190 26.95 28.59 10.14
C ASN A 190 28.10 29.51 9.75
N LYS A 191 29.35 29.14 10.08
CA LYS A 191 30.49 29.96 9.73
C LYS A 191 31.11 29.55 8.40
N GLY A 192 30.48 28.64 7.66
CA GLY A 192 31.02 28.15 6.42
C GLY A 192 32.06 27.06 6.55
N THR A 193 32.29 26.54 7.75
CA THR A 193 33.25 25.47 7.96
C THR A 193 32.67 24.14 7.54
N LEU A 194 33.46 23.36 6.80
CA LEU A 194 33.05 22.02 6.38
C LEU A 194 33.50 20.99 7.41
N LEU A 195 32.57 20.14 7.84
CA LEU A 195 32.87 19.07 8.78
C LEU A 195 32.48 17.75 8.13
N GLY A 196 33.45 16.84 7.99
CA GLY A 196 33.20 15.53 7.46
C GLY A 196 33.55 14.43 8.45
N VAL A 197 32.61 13.55 8.74
CA VAL A 197 32.79 12.49 9.73
C VAL A 197 32.75 11.14 9.02
N TYR A 198 33.33 10.13 9.68
CA TYR A 198 33.40 8.82 9.06
C TYR A 198 33.88 7.79 10.09
N ASP A 199 33.62 6.52 9.78
CA ASP A 199 34.24 5.40 10.48
C ASP A 199 35.74 5.34 10.17
N VAL A 200 36.53 5.27 11.23
CA VAL A 200 37.95 4.93 11.16
C VAL A 200 38.03 3.46 11.57
N ARG A 201 38.22 2.57 10.58
CA ARG A 201 38.28 1.12 10.79
C ARG A 201 39.75 0.72 10.71
N TYR A 202 40.36 0.53 11.88
CA TYR A 202 41.81 0.40 11.96
C TYR A 202 42.29 -0.93 11.41
N ASN A 203 41.66 -2.02 11.83
CA ASN A 203 42.18 -3.35 11.50
C ASN A 203 41.87 -3.75 10.07
N ASN A 204 40.69 -3.42 9.58
CA ASN A 204 40.24 -3.81 8.25
C ASN A 204 38.98 -3.01 7.94
N SER A 205 38.28 -3.39 6.87
CA SER A 205 37.11 -2.66 6.41
C SER A 205 35.80 -3.23 6.93
N ALA A 206 35.86 -4.20 7.85
CA ALA A 206 34.65 -4.86 8.33
C ALA A 206 33.78 -3.90 9.14
N ASP A 207 32.48 -4.16 9.10
CA ASP A 207 31.54 -3.40 9.92
C ASP A 207 31.72 -3.75 11.40
N LEU A 208 31.05 -2.99 12.26
CA LEU A 208 30.98 -3.35 13.67
C LEU A 208 30.42 -4.76 13.79
N GLN A 209 30.90 -5.50 14.80
CA GLN A 209 31.86 -5.07 15.79
C GLN A 209 33.29 -5.16 15.31
N GLU A 210 34.11 -4.20 15.73
CA GLU A 210 35.54 -4.18 15.41
C GLU A 210 36.15 -2.95 16.06
N HIS A 211 37.46 -2.74 15.87
CA HIS A 211 38.15 -1.57 16.39
C HIS A 211 37.83 -0.38 15.49
N VAL A 212 36.83 0.41 15.87
CA VAL A 212 36.35 1.50 15.03
C VAL A 212 36.17 2.75 15.87
N ASP A 213 36.63 3.88 15.36
CA ASP A 213 36.35 5.18 15.94
C ASP A 213 35.55 6.04 14.96
N ILE A 214 35.09 7.19 15.43
CA ILE A 214 34.50 8.20 14.56
C ILE A 214 35.53 9.30 14.36
N GLY A 215 35.98 9.48 13.12
CA GLY A 215 36.94 10.51 12.80
C GLY A 215 36.26 11.68 12.10
N LEU A 216 36.91 12.84 12.17
CA LEU A 216 36.36 14.06 11.60
C LEU A 216 37.48 14.86 10.95
N SER A 217 37.23 15.28 9.72
CA SER A 217 38.09 16.17 8.96
C SER A 217 37.41 17.54 8.85
N ARG A 218 38.14 18.59 9.17
CA ARG A 218 37.62 19.94 9.25
C ARG A 218 38.31 20.82 8.22
N SER A 219 37.53 21.52 7.42
CA SER A 219 38.08 22.39 6.38
C SER A 219 37.50 23.79 6.53
N VAL A 220 38.38 24.79 6.52
CA VAL A 220 37.97 26.18 6.65
C VAL A 220 38.12 26.95 5.34
N ASP A 221 38.45 26.27 4.24
CA ASP A 221 38.66 26.91 2.95
C ASP A 221 37.88 26.22 1.85
N GLY A 222 36.67 25.77 2.18
CA GLY A 222 35.79 25.23 1.16
C GLY A 222 36.16 23.85 0.66
N GLY A 223 36.96 23.10 1.41
CA GLY A 223 37.35 21.77 1.00
C GLY A 223 38.67 21.68 0.29
N LYS A 224 39.37 22.79 0.08
CA LYS A 224 40.68 22.73 -0.55
C LYS A 224 41.67 21.98 0.33
N THR A 225 41.72 22.33 1.61
CA THR A 225 42.62 21.71 2.57
C THR A 225 41.82 21.29 3.80
N TRP A 226 42.26 20.20 4.42
CA TRP A 226 41.56 19.64 5.57
C TRP A 226 42.51 19.52 6.76
N GLU A 227 42.01 19.89 7.93
CA GLU A 227 42.81 19.88 9.13
C GLU A 227 43.05 18.44 9.59
N LYS A 228 44.08 18.28 10.43
CA LYS A 228 44.39 16.98 11.00
C LYS A 228 43.14 16.32 11.59
N MET A 229 43.08 15.01 11.43
CA MET A 229 41.92 14.25 11.85
C MET A 229 41.69 14.39 13.36
N ARG A 230 40.42 14.55 13.72
CA ARG A 230 39.97 14.53 15.10
C ARG A 230 39.15 13.27 15.34
N LEU A 231 38.92 12.96 16.60
CA LEU A 231 38.16 11.76 16.99
C LEU A 231 37.08 12.14 17.99
N PRO A 232 35.92 12.58 17.49
CA PRO A 232 34.83 12.97 18.42
C PRO A 232 34.33 11.84 19.29
N LEU A 233 34.38 10.60 18.81
CA LEU A 233 33.88 9.46 19.56
C LEU A 233 34.88 8.32 19.47
N ALA A 234 35.40 7.90 20.62
CA ALA A 234 36.30 6.75 20.71
C ALA A 234 36.17 6.18 22.12
N PHE A 235 36.01 4.87 22.22
CA PHE A 235 35.73 4.24 23.50
C PHE A 235 36.84 3.33 24.00
N GLY A 236 37.87 3.05 23.18
CA GLY A 236 39.04 2.34 23.66
C GLY A 236 38.66 1.10 24.46
N GLU A 237 39.27 0.95 25.63
CA GLU A 237 39.05 -0.21 26.49
C GLU A 237 37.97 0.03 27.53
N THR A 238 36.86 0.64 27.13
CA THR A 238 35.75 0.89 28.03
C THR A 238 35.21 -0.41 28.61
N GLY A 239 34.89 -0.39 29.90
CA GLY A 239 34.46 -1.59 30.58
C GLY A 239 35.53 -2.64 30.70
N ASP A 240 36.79 -2.28 30.43
CA ASP A 240 37.92 -3.18 30.48
C ASP A 240 37.85 -4.27 29.40
N LEU A 241 37.09 -4.03 28.34
CA LEU A 241 37.09 -4.91 27.17
C LEU A 241 38.07 -4.37 26.14
N PRO A 242 38.56 -5.21 25.24
CA PRO A 242 39.48 -4.72 24.20
C PRO A 242 38.82 -3.66 23.33
N ALA A 243 39.67 -2.83 22.71
CA ALA A 243 39.19 -1.76 21.85
C ALA A 243 38.36 -2.31 20.69
N ALA A 244 38.76 -3.46 20.15
CA ALA A 244 38.02 -4.09 19.06
C ALA A 244 36.64 -4.59 19.49
N GLN A 245 36.35 -4.60 20.78
CA GLN A 245 35.01 -4.90 21.28
C GLN A 245 34.37 -3.65 21.88
N ASN A 246 34.74 -2.48 21.36
CA ASN A 246 34.23 -1.20 21.83
C ASN A 246 34.08 -0.22 20.67
N GLY A 247 33.83 -0.72 19.47
CA GLY A 247 33.76 0.13 18.30
C GLY A 247 32.55 1.05 18.30
N VAL A 248 32.70 2.17 17.61
CA VAL A 248 31.61 3.11 17.38
C VAL A 248 31.63 3.46 15.89
N GLY A 249 30.47 3.41 15.24
CA GLY A 249 30.44 3.58 13.80
C GLY A 249 29.11 4.09 13.28
N ASP A 250 29.05 4.20 11.95
CA ASP A 250 27.89 4.69 11.19
C ASP A 250 27.48 6.08 11.65
N PRO A 251 28.39 7.05 11.58
CA PRO A 251 28.09 8.37 12.17
C PRO A 251 27.12 9.18 11.32
N SER A 252 26.37 10.05 12.00
CA SER A 252 25.52 11.04 11.35
C SER A 252 25.73 12.38 12.05
N ILE A 253 25.93 13.43 11.27
CA ILE A 253 26.28 14.74 11.79
C ILE A 253 25.23 15.76 11.38
N LEU A 254 24.94 16.70 12.27
CA LEU A 254 24.04 17.80 11.94
C LEU A 254 24.52 19.07 12.63
N VAL A 255 24.07 20.19 12.08
CA VAL A 255 24.38 21.52 12.61
C VAL A 255 23.08 22.11 13.14
N ASP A 256 23.09 22.51 14.40
CA ASP A 256 21.98 23.25 14.99
C ASP A 256 22.10 24.68 14.47
N THR A 257 21.35 25.00 13.42
CA THR A 257 21.53 26.29 12.75
C THR A 257 21.16 27.44 13.67
N LYS A 258 20.29 27.21 14.64
CA LYS A 258 19.87 28.28 15.54
C LYS A 258 21.03 28.72 16.44
N THR A 259 21.95 27.79 16.75
CA THR A 259 23.05 28.06 17.67
C THR A 259 24.43 27.76 17.08
N ASN A 260 24.50 27.07 15.95
CA ASN A 260 25.74 26.59 15.36
C ASN A 260 26.38 25.47 16.18
N THR A 261 25.64 24.86 17.11
CA THR A 261 26.17 23.72 17.84
C THR A 261 26.13 22.50 16.93
N VAL A 262 27.23 21.77 16.87
CA VAL A 262 27.34 20.61 15.98
C VAL A 262 27.13 19.35 16.78
N TRP A 263 26.31 18.44 16.27
CA TRP A 263 26.01 17.18 16.93
C TRP A 263 26.44 16.02 16.02
N VAL A 264 27.09 15.02 16.61
CA VAL A 264 27.44 13.79 15.93
C VAL A 264 26.84 12.64 16.74
N VAL A 265 26.06 11.80 16.07
CA VAL A 265 25.44 10.64 16.68
C VAL A 265 26.02 9.39 16.05
N ALA A 266 26.22 8.34 16.86
CA ALA A 266 26.78 7.10 16.39
C ALA A 266 26.33 5.95 17.27
N ALA A 267 26.64 4.74 16.80
CA ALA A 267 26.24 3.50 17.48
C ALA A 267 27.49 2.86 18.07
N TRP A 268 27.55 2.80 19.40
CA TRP A 268 28.66 2.20 20.12
C TRP A 268 28.29 0.77 20.49
N THR A 269 29.06 -0.18 19.99
CA THR A 269 28.83 -1.60 20.27
C THR A 269 29.88 -2.08 21.27
N HIS A 270 29.40 -2.78 22.31
CA HIS A 270 30.24 -3.26 23.41
C HIS A 270 30.14 -4.77 23.46
N GLY A 271 31.28 -5.44 23.48
CA GLY A 271 31.30 -6.89 23.48
C GLY A 271 31.12 -7.46 22.09
N MET A 272 30.25 -8.46 21.96
CA MET A 272 29.88 -9.05 20.69
C MET A 272 31.02 -9.76 19.97
N GLY A 273 32.10 -10.10 20.68
CA GLY A 273 33.19 -10.79 20.04
C GLY A 273 33.71 -10.02 18.84
N ASN A 274 33.95 -10.74 17.76
CA ASN A 274 34.38 -10.16 16.49
C ASN A 274 33.32 -10.32 15.41
N GLN A 275 32.06 -10.42 15.81
CA GLN A 275 30.96 -10.63 14.87
C GLN A 275 30.29 -9.31 14.51
N ARG A 276 29.48 -9.35 13.46
CA ARG A 276 28.81 -8.15 12.96
C ARG A 276 27.69 -7.72 13.91
N ALA A 277 27.66 -6.42 14.22
CA ALA A 277 26.67 -5.89 15.15
C ALA A 277 25.25 -6.06 14.63
N TRP A 278 25.07 -6.11 13.31
CA TRP A 278 23.72 -6.20 12.75
C TRP A 278 22.98 -7.45 13.24
N TRP A 279 23.69 -8.55 13.48
CA TRP A 279 23.07 -9.74 14.06
C TRP A 279 23.68 -10.13 15.41
N SER A 280 24.43 -9.23 16.04
CA SER A 280 25.00 -9.49 17.36
C SER A 280 24.46 -8.56 18.43
N SER A 281 23.69 -7.54 18.07
CA SER A 281 22.97 -6.71 19.03
C SER A 281 21.63 -7.36 19.33
N TYR A 282 21.25 -7.39 20.59
CA TYR A 282 20.08 -8.12 21.06
C TYR A 282 19.18 -7.26 21.92
N PRO A 283 17.96 -7.71 22.19
CA PRO A 283 17.06 -6.93 23.04
C PRO A 283 17.65 -6.70 24.41
N GLY A 284 17.22 -5.61 25.03
CA GLY A 284 17.75 -5.12 26.29
C GLY A 284 18.02 -3.63 26.19
N MET A 285 18.73 -3.09 27.18
CA MET A 285 19.01 -1.67 27.20
C MET A 285 20.45 -1.32 27.53
N ASP A 286 21.14 -2.17 28.27
CA ASP A 286 22.49 -1.82 28.72
C ASP A 286 23.56 -2.23 27.69
N MET A 287 24.78 -1.76 27.93
CA MET A 287 25.88 -2.01 26.99
C MET A 287 26.13 -3.50 26.78
N ASN A 288 25.88 -4.32 27.79
CA ASN A 288 26.20 -5.74 27.69
C ASN A 288 25.25 -6.52 26.80
N HIS A 289 24.18 -5.89 26.30
CA HIS A 289 23.20 -6.59 25.48
C HIS A 289 22.96 -5.94 24.13
N THR A 290 22.87 -4.61 24.07
CA THR A 290 22.42 -3.92 22.85
C THR A 290 23.31 -2.73 22.56
N ALA A 291 23.37 -2.37 21.28
CA ALA A 291 24.17 -1.21 20.88
C ALA A 291 23.61 0.07 21.49
N GLN A 292 24.52 0.98 21.84
CA GLN A 292 24.18 2.21 22.51
C GLN A 292 24.20 3.37 21.54
N LEU A 293 23.19 4.23 21.62
CA LEU A 293 23.10 5.42 20.78
C LEU A 293 23.77 6.57 21.53
N VAL A 294 24.91 7.04 21.01
CA VAL A 294 25.72 8.00 21.73
C VAL A 294 25.89 9.26 20.88
N LEU A 295 25.99 10.40 21.57
CA LEU A 295 26.16 11.70 20.94
C LEU A 295 27.43 12.35 21.46
N SER A 296 28.02 13.19 20.61
CA SER A 296 29.05 14.14 21.02
C SER A 296 28.75 15.47 20.36
N LYS A 297 28.93 16.56 21.10
CA LYS A 297 28.61 17.88 20.60
C LYS A 297 29.83 18.79 20.64
N SER A 298 29.82 19.79 19.76
CA SER A 298 30.85 20.80 19.67
C SER A 298 30.20 22.17 19.69
N THR A 299 30.71 23.06 20.54
CA THR A 299 30.24 24.44 20.62
C THR A 299 31.29 25.43 20.13
N ASP A 300 32.32 24.97 19.44
CA ASP A 300 33.38 25.83 18.94
C ASP A 300 33.68 25.51 17.48
N ASP A 301 32.62 25.38 16.68
CA ASP A 301 32.75 25.19 15.24
C ASP A 301 33.48 23.89 14.89
N GLY A 302 33.31 22.87 15.74
CA GLY A 302 33.83 21.55 15.46
C GLY A 302 35.27 21.29 15.87
N LYS A 303 35.91 22.23 16.56
CA LYS A 303 37.32 22.05 16.90
C LYS A 303 37.49 21.04 18.02
N THR A 304 36.67 21.13 19.06
CA THR A 304 36.72 20.23 20.20
C THR A 304 35.36 19.56 20.38
N TRP A 305 35.37 18.39 21.00
CA TRP A 305 34.17 17.57 21.11
C TRP A 305 33.99 17.09 22.53
N SER A 306 32.73 17.06 22.96
CA SER A 306 32.38 16.72 24.32
C SER A 306 32.51 15.21 24.55
N LYS A 307 32.43 14.84 25.83
CA LYS A 307 32.35 13.44 26.20
C LYS A 307 31.06 12.84 25.65
N PRO A 308 31.00 11.52 25.51
CA PRO A 308 29.83 10.91 24.88
C PRO A 308 28.59 11.11 25.75
N ILE A 309 27.46 11.32 25.08
CA ILE A 309 26.16 11.46 25.73
C ILE A 309 25.32 10.27 25.28
N ASN A 310 25.00 9.38 26.23
CA ASN A 310 24.25 8.16 25.92
C ASN A 310 22.77 8.44 26.09
N ILE A 311 22.03 8.38 24.99
CA ILE A 311 20.60 8.66 24.99
C ILE A 311 19.79 7.40 24.70
N THR A 312 20.42 6.22 24.79
CA THR A 312 19.71 4.97 24.52
C THR A 312 18.45 4.85 25.38
N GLU A 313 18.55 5.23 26.65
CA GLU A 313 17.42 5.10 27.56
C GLU A 313 16.24 5.96 27.13
N GLN A 314 16.50 7.07 26.44
CA GLN A 314 15.43 7.99 26.09
C GLN A 314 14.52 7.44 25.00
N VAL A 315 15.09 6.72 24.02
CA VAL A 315 14.39 6.48 22.77
C VAL A 315 14.26 5.01 22.40
N LYS A 316 15.01 4.09 23.01
CA LYS A 316 14.98 2.71 22.58
C LYS A 316 13.90 1.92 23.32
N ASP A 317 13.07 1.21 22.57
CA ASP A 317 12.15 0.24 23.17
C ASP A 317 12.96 -1.01 23.57
N PRO A 318 12.81 -1.50 24.80
CA PRO A 318 13.67 -2.62 25.24
C PRO A 318 13.54 -3.86 24.38
N SER A 319 12.44 -4.04 23.67
CA SER A 319 12.26 -5.23 22.84
C SER A 319 12.97 -5.14 21.48
N TRP A 320 13.50 -3.98 21.11
CA TRP A 320 14.23 -3.86 19.85
C TRP A 320 15.60 -4.54 19.94
N TYR A 321 16.02 -5.14 18.83
CA TYR A 321 17.34 -5.77 18.77
C TYR A 321 18.45 -4.73 18.65
N PHE A 322 18.20 -3.64 17.93
CA PHE A 322 19.27 -2.73 17.51
C PHE A 322 18.63 -1.40 17.12
N LEU A 323 19.01 -0.32 17.79
CA LEU A 323 18.60 1.02 17.40
C LEU A 323 19.85 1.82 17.05
N LEU A 324 19.85 2.46 15.89
CA LEU A 324 20.99 3.28 15.50
C LEU A 324 20.51 4.42 14.61
N GLN A 325 21.42 5.38 14.42
CA GLN A 325 21.16 6.48 13.51
C GLN A 325 21.24 6.01 12.07
N GLY A 326 20.60 6.77 11.18
CA GLY A 326 20.82 6.62 9.76
C GLY A 326 22.06 7.36 9.36
N PRO A 327 23.07 6.63 8.86
CA PRO A 327 24.35 7.29 8.57
C PRO A 327 24.19 8.44 7.59
N GLY A 328 25.07 9.43 7.74
CA GLY A 328 25.07 10.59 6.88
C GLY A 328 24.97 11.89 7.66
N ARG A 329 23.80 12.53 7.60
CA ARG A 329 23.62 13.80 8.30
C ARG A 329 22.19 13.93 8.78
N GLY A 330 21.98 14.84 9.72
CA GLY A 330 20.68 15.30 10.12
C GLY A 330 20.39 16.70 9.62
N ILE A 331 19.36 17.32 10.19
CA ILE A 331 18.93 18.64 9.75
C ILE A 331 18.42 19.44 10.94
N THR A 332 18.29 20.75 10.71
CA THR A 332 17.52 21.64 11.56
C THR A 332 16.32 22.14 10.77
N MET A 333 15.13 21.86 11.27
CA MET A 333 13.91 22.37 10.65
C MET A 333 13.75 23.86 10.90
N GLN A 334 12.90 24.48 10.09
CA GLN A 334 12.69 25.92 10.15
C GLN A 334 12.27 26.38 11.54
N ASP A 335 11.54 25.55 12.28
CA ASP A 335 11.08 25.94 13.62
C ASP A 335 12.11 25.67 14.71
N GLY A 336 13.29 25.17 14.36
CA GLY A 336 14.36 24.96 15.32
C GLY A 336 14.53 23.53 15.77
N THR A 337 13.60 22.64 15.40
CA THR A 337 13.68 21.25 15.81
C THR A 337 14.83 20.53 15.09
N LEU A 338 15.59 19.76 15.85
CA LEU A 338 16.67 18.95 15.29
C LEU A 338 16.16 17.56 14.98
N VAL A 339 16.55 17.03 13.82
CA VAL A 339 16.08 15.73 13.35
C VAL A 339 17.28 14.92 12.87
N PHE A 340 17.38 13.69 13.37
CA PHE A 340 18.29 12.66 12.88
C PHE A 340 17.46 11.51 12.33
N PRO A 341 17.70 11.03 11.11
CA PRO A 341 17.07 9.78 10.70
C PRO A 341 17.63 8.63 11.54
N ILE A 342 16.78 7.64 11.80
CA ILE A 342 17.13 6.51 12.65
C ILE A 342 16.56 5.24 12.03
N GLN A 343 17.00 4.10 12.56
CA GLN A 343 16.55 2.80 12.11
C GLN A 343 16.64 1.84 13.28
N PHE A 344 15.63 0.97 13.41
CA PHE A 344 15.65 -0.01 14.48
C PHE A 344 15.15 -1.35 13.96
N ILE A 345 15.82 -2.40 14.41
CA ILE A 345 15.37 -3.78 14.25
C ILE A 345 14.39 -4.07 15.38
N ASP A 346 13.13 -4.31 15.04
CA ASP A 346 12.07 -4.43 16.04
C ASP A 346 12.07 -5.82 16.64
N SER A 347 11.07 -6.11 17.47
CA SER A 347 11.01 -7.37 18.20
C SER A 347 10.80 -8.57 17.26
N THR A 348 10.35 -8.33 16.04
CA THR A 348 10.20 -9.40 15.06
C THR A 348 11.44 -9.55 14.17
N ARG A 349 12.52 -8.84 14.47
CA ARG A 349 13.78 -8.91 13.75
C ARG A 349 13.70 -8.27 12.36
N VAL A 350 12.78 -7.35 12.17
CA VAL A 350 12.61 -6.65 10.90
C VAL A 350 13.10 -5.23 11.07
N PRO A 351 13.93 -4.71 10.17
CA PRO A 351 14.39 -3.32 10.31
C PRO A 351 13.37 -2.34 9.75
N ASN A 352 13.29 -1.17 10.41
CA ASN A 352 12.38 -0.12 10.00
C ASN A 352 13.07 1.23 10.19
N ALA A 353 12.89 2.12 9.24
CA ALA A 353 13.48 3.44 9.32
C ALA A 353 12.45 4.45 9.84
N GLY A 354 12.97 5.50 10.46
CA GLY A 354 12.13 6.56 10.99
C GLY A 354 12.99 7.76 11.31
N ILE A 355 12.47 8.63 12.17
CA ILE A 355 13.21 9.83 12.56
C ILE A 355 13.17 10.00 14.07
N MET A 356 14.18 10.68 14.59
CA MET A 356 14.31 10.99 16.00
C MET A 356 14.53 12.49 16.08
N TYR A 357 13.83 13.16 16.99
CA TYR A 357 13.85 14.62 16.98
C TYR A 357 13.96 15.18 18.39
N SER A 358 14.51 16.39 18.46
CA SER A 358 14.63 17.14 19.69
C SER A 358 14.12 18.56 19.49
N LYS A 359 13.25 19.01 20.40
CA LYS A 359 12.73 20.37 20.41
C LYS A 359 13.46 21.28 21.39
N ASP A 360 14.41 20.76 22.15
CA ASP A 360 15.10 21.52 23.19
C ASP A 360 16.60 21.57 22.93
N ARG A 361 16.98 21.73 21.66
CA ARG A 361 18.37 21.96 21.27
C ARG A 361 19.24 20.75 21.56
N GLY A 362 18.65 19.56 21.58
CA GLY A 362 19.39 18.32 21.69
C GLY A 362 19.53 17.73 23.06
N GLU A 363 18.87 18.29 24.08
CA GLU A 363 18.96 17.73 25.42
C GLU A 363 18.13 16.46 25.53
N THR A 364 16.92 16.45 24.96
CA THR A 364 16.06 15.28 24.98
C THR A 364 15.61 14.96 23.57
N TRP A 365 15.41 13.67 23.31
CA TRP A 365 15.08 13.17 21.98
C TRP A 365 13.88 12.24 22.05
N LYS A 366 13.22 12.07 20.90
CA LYS A 366 12.00 11.28 20.84
C LYS A 366 11.88 10.57 19.50
N ILE A 367 11.27 9.39 19.55
CA ILE A 367 10.90 8.62 18.36
C ILE A 367 9.43 8.23 18.51
N HIS A 368 8.68 8.25 17.41
CA HIS A 368 7.28 7.87 17.46
C HIS A 368 7.10 6.55 16.70
N ASN A 369 6.87 6.59 15.39
CA ASN A 369 6.54 5.39 14.63
C ASN A 369 7.40 5.34 13.37
N TYR A 370 7.60 4.12 12.87
CA TYR A 370 8.41 3.92 11.67
C TYR A 370 7.63 4.34 10.43
N ALA A 371 8.37 4.79 9.42
CA ALA A 371 7.75 5.22 8.17
C ALA A 371 7.34 4.03 7.30
N ARG A 372 8.14 2.97 7.30
CA ARG A 372 7.93 1.86 6.38
C ARG A 372 8.68 0.63 6.90
N THR A 373 8.11 -0.55 6.65
CA THR A 373 8.71 -1.78 7.13
C THR A 373 9.82 -2.25 6.20
N ASN A 374 10.77 -2.98 6.78
CA ASN A 374 11.87 -3.60 6.03
C ASN A 374 12.68 -2.55 5.29
N THR A 375 12.97 -1.45 5.99
CA THR A 375 13.84 -0.39 5.49
C THR A 375 14.91 -0.14 6.54
N THR A 376 16.06 0.37 6.11
CA THR A 376 17.17 0.57 7.03
C THR A 376 17.70 1.99 6.96
N GLU A 377 18.75 2.21 6.16
CA GLU A 377 19.41 3.51 6.13
C GLU A 377 18.53 4.54 5.40
N ALA A 378 18.39 5.72 5.99
CA ALA A 378 17.55 6.75 5.41
C ALA A 378 18.12 8.12 5.71
N GLN A 379 17.76 9.08 4.86
CA GLN A 379 18.10 10.48 5.07
C GLN A 379 16.82 11.32 4.95
N VAL A 380 16.80 12.42 5.68
CA VAL A 380 15.60 13.24 5.86
C VAL A 380 15.90 14.67 5.47
N ALA A 381 14.91 15.34 4.90
CA ALA A 381 15.02 16.75 4.57
C ALA A 381 13.65 17.39 4.69
N GLU A 382 13.64 18.67 5.09
CA GLU A 382 12.41 19.45 5.22
C GLU A 382 12.13 20.07 3.84
N VAL A 383 11.34 19.34 3.05
CA VAL A 383 11.08 19.75 1.67
C VAL A 383 10.28 21.04 1.62
N GLU A 384 9.24 21.14 2.44
CA GLU A 384 8.48 22.36 2.65
C GLU A 384 8.30 22.53 4.15
N PRO A 385 8.06 23.75 4.62
CA PRO A 385 8.07 23.99 6.07
C PRO A 385 7.06 23.11 6.79
N GLY A 386 7.54 22.38 7.79
CA GLY A 386 6.73 21.48 8.57
C GLY A 386 6.49 20.12 7.95
N VAL A 387 7.10 19.84 6.80
CA VAL A 387 6.90 18.59 6.08
C VAL A 387 8.28 17.93 5.95
N LEU A 388 8.45 16.78 6.57
CA LEU A 388 9.71 16.05 6.54
C LEU A 388 9.61 14.90 5.55
N MET A 389 10.54 14.87 4.60
CA MET A 389 10.63 13.82 3.60
C MET A 389 11.75 12.85 3.98
N LEU A 390 11.41 11.57 4.15
CA LEU A 390 12.36 10.53 4.49
C LEU A 390 12.57 9.66 3.25
N ASN A 391 13.83 9.58 2.80
CA ASN A 391 14.26 8.77 1.67
C ASN A 391 15.03 7.57 2.21
N MET A 392 14.56 6.35 1.88
CA MET A 392 14.92 5.16 2.61
C MET A 392 15.45 4.06 1.70
N ARG A 393 16.51 3.43 2.18
CA ARG A 393 17.00 2.18 1.62
C ARG A 393 16.00 1.06 1.90
N ASP A 394 15.61 0.36 0.84
CA ASP A 394 14.53 -0.61 0.91
C ASP A 394 15.08 -2.00 0.59
N ASN A 395 14.94 -2.92 1.53
CA ASN A 395 15.45 -4.28 1.32
C ASN A 395 14.67 -5.04 0.25
N ARG A 396 13.52 -4.52 -0.18
CA ARG A 396 12.83 -5.11 -1.32
C ARG A 396 13.66 -4.96 -2.60
N GLY A 397 14.51 -3.95 -2.65
CA GLY A 397 15.48 -3.82 -3.72
C GLY A 397 14.97 -2.98 -4.89
N GLY A 398 15.93 -2.41 -5.61
CA GLY A 398 15.67 -1.80 -6.90
C GLY A 398 15.47 -0.29 -6.87
N SER A 399 14.88 0.24 -5.81
CA SER A 399 14.55 1.66 -5.80
C SER A 399 14.34 2.14 -4.38
N ARG A 400 14.54 3.44 -4.20
CA ARG A 400 14.34 4.06 -2.89
C ARG A 400 12.86 4.10 -2.53
N ALA A 401 12.59 4.08 -1.22
CA ALA A 401 11.25 4.31 -0.72
C ALA A 401 11.20 5.71 -0.12
N ILE A 402 10.19 6.49 -0.49
CA ILE A 402 10.10 7.88 -0.06
C ILE A 402 8.75 8.10 0.62
N SER A 403 8.79 8.69 1.81
CA SER A 403 7.56 8.99 2.55
C SER A 403 7.71 10.36 3.18
N THR A 404 6.59 10.93 3.62
CA THR A 404 6.59 12.24 4.23
C THR A 404 5.74 12.22 5.49
N THR A 405 6.08 13.11 6.43
CA THR A 405 5.33 13.24 7.67
C THR A 405 5.18 14.72 8.02
N LYS A 406 4.02 15.05 8.58
CA LYS A 406 3.70 16.38 9.05
C LYS A 406 3.59 16.48 10.57
N ASP A 407 3.72 15.34 11.27
CA ASP A 407 3.60 15.32 12.72
C ASP A 407 4.81 14.64 13.36
N LEU A 408 5.98 14.82 12.75
CA LEU A 408 7.24 14.34 13.33
C LEU A 408 7.26 12.83 13.55
N GLY A 409 6.69 12.10 12.61
CA GLY A 409 6.78 10.65 12.61
C GLY A 409 5.67 9.91 13.30
N LYS A 410 4.61 10.59 13.74
CA LYS A 410 3.45 9.87 14.26
C LYS A 410 2.68 9.20 13.14
N THR A 411 2.51 9.89 12.03
CA THR A 411 1.87 9.33 10.84
C THR A 411 2.72 9.66 9.62
N TRP A 412 2.63 8.79 8.61
CA TRP A 412 3.42 8.92 7.40
C TRP A 412 2.53 8.74 6.18
N THR A 413 2.86 9.46 5.12
CA THR A 413 2.19 9.35 3.84
C THR A 413 3.22 8.95 2.78
N GLU A 414 2.89 7.92 2.00
CA GLU A 414 3.78 7.48 0.94
C GLU A 414 3.82 8.52 -0.17
N HIS A 415 5.03 8.87 -0.60
CA HIS A 415 5.20 9.90 -1.62
C HIS A 415 5.06 9.29 -3.01
N SER A 416 4.58 10.11 -3.95
CA SER A 416 4.35 9.64 -5.31
C SER A 416 5.64 9.10 -5.93
N SER A 417 6.79 9.68 -5.58
CA SER A 417 8.06 9.23 -6.12
C SER A 417 8.53 7.90 -5.52
N SER A 418 7.84 7.39 -4.50
CA SER A 418 8.33 6.23 -3.79
C SER A 418 8.38 5.00 -4.69
N ARG A 419 9.50 4.28 -4.62
CA ARG A 419 9.65 3.00 -5.29
C ARG A 419 9.51 3.12 -6.81
N LYS A 420 9.84 4.28 -7.37
CA LYS A 420 9.77 4.43 -8.82
C LYS A 420 10.78 5.44 -9.36
N ALA A 421 10.95 6.57 -8.67
CA ALA A 421 11.73 7.66 -9.23
C ALA A 421 13.23 7.43 -9.14
N LEU A 422 13.71 6.89 -8.01
CA LEU A 422 15.13 6.83 -7.71
C LEU A 422 15.57 5.37 -7.55
N GLN A 423 16.28 4.87 -8.55
CA GLN A 423 16.78 3.50 -8.47
C GLN A 423 17.96 3.41 -7.50
N GLU A 424 18.18 2.21 -6.95
CA GLU A 424 19.29 2.00 -6.03
C GLU A 424 19.68 0.54 -6.06
N PRO A 425 20.88 0.21 -5.58
CA PRO A 425 21.26 -1.20 -5.40
C PRO A 425 21.14 -1.65 -3.94
N VAL A 426 20.29 -0.98 -3.17
CA VAL A 426 20.08 -1.25 -1.75
C VAL A 426 21.24 -0.65 -0.95
N CYS A 427 21.62 0.56 -1.26
CA CYS A 427 22.77 1.22 -0.66
C CYS A 427 22.32 2.45 0.12
N MET A 428 23.26 3.10 0.78
CA MET A 428 22.98 4.38 1.43
C MET A 428 22.86 5.47 0.38
N ALA A 429 22.08 6.51 0.70
CA ALA A 429 21.86 7.62 -0.20
C ALA A 429 21.76 8.92 0.58
N SER A 430 22.21 10.01 -0.06
CA SER A 430 22.16 11.34 0.54
C SER A 430 20.99 12.13 -0.03
N LEU A 431 20.29 12.87 0.82
CA LEU A 431 19.25 13.79 0.40
C LEU A 431 19.34 15.07 1.22
N ILE A 432 19.38 16.22 0.54
CA ILE A 432 19.31 17.51 1.20
C ILE A 432 18.34 18.41 0.45
N SER A 433 17.77 19.37 1.17
CA SER A 433 16.91 20.39 0.58
C SER A 433 17.63 21.73 0.71
N VAL A 434 17.67 22.49 -0.40
CA VAL A 434 18.29 23.80 -0.42
C VAL A 434 17.20 24.79 -0.77
N LYS A 435 16.93 25.72 0.15
CA LYS A 435 15.85 26.67 -0.02
C LYS A 435 16.25 27.77 -0.98
N ALA A 436 15.23 28.42 -1.54
CA ALA A 436 15.46 29.41 -2.60
C ALA A 436 16.40 30.50 -2.15
N LYS A 437 16.19 31.07 -0.96
CA LYS A 437 17.03 32.18 -0.54
C LYS A 437 18.46 31.76 -0.25
N ASP A 438 18.74 30.47 -0.12
CA ASP A 438 20.05 29.97 0.25
C ASP A 438 20.83 29.40 -0.92
N ASN A 439 20.35 29.61 -2.15
CA ASN A 439 21.09 29.16 -3.32
C ASN A 439 20.91 30.18 -4.44
N VAL A 440 21.82 30.11 -5.41
CA VAL A 440 21.92 31.13 -6.44
C VAL A 440 20.79 31.05 -7.45
N LEU A 441 20.07 29.93 -7.51
CA LEU A 441 18.98 29.80 -8.47
C LEU A 441 17.67 30.44 -7.99
N ASN A 442 17.61 30.84 -6.72
CA ASN A 442 16.39 31.39 -6.11
C ASN A 442 15.20 30.46 -6.32
N LYS A 443 15.44 29.15 -6.24
CA LYS A 443 14.40 28.15 -6.27
C LYS A 443 14.67 27.12 -5.19
N ASP A 444 13.60 26.56 -4.62
CA ASP A 444 13.73 25.44 -3.72
C ASP A 444 14.11 24.20 -4.50
N ILE A 445 15.18 23.53 -4.08
CA ILE A 445 15.65 22.36 -4.81
C ILE A 445 15.95 21.23 -3.84
N LEU A 446 15.88 20.01 -4.35
CA LEU A 446 16.33 18.84 -3.62
C LEU A 446 17.53 18.25 -4.34
N LEU A 447 18.54 17.87 -3.58
CA LEU A 447 19.74 17.23 -4.13
C LEU A 447 19.84 15.83 -3.52
N PHE A 448 20.10 14.85 -4.36
CA PHE A 448 20.10 13.44 -4.01
C PHE A 448 21.39 12.84 -4.56
N SER A 449 21.99 11.91 -3.84
CA SER A 449 23.19 11.28 -4.36
C SER A 449 23.23 9.81 -3.98
N ASN A 450 23.65 8.99 -4.95
CA ASN A 450 23.77 7.56 -4.72
C ASN A 450 24.36 6.84 -5.92
N PRO A 451 24.63 5.54 -5.81
CA PRO A 451 25.03 4.76 -7.01
C PRO A 451 23.83 4.61 -7.93
N ASN A 452 23.89 5.23 -9.10
CA ASN A 452 22.74 5.27 -10.02
C ASN A 452 22.67 3.95 -10.80
N THR A 453 22.22 2.92 -10.09
CA THR A 453 22.21 1.58 -10.66
C THR A 453 21.27 0.71 -9.81
N VAL A 454 21.00 -0.50 -10.31
CA VAL A 454 20.24 -1.49 -9.56
C VAL A 454 21.10 -2.67 -9.12
N LYS A 455 22.33 -2.77 -9.61
CA LYS A 455 23.25 -3.84 -9.26
C LYS A 455 24.67 -3.30 -9.24
N GLY A 456 25.37 -3.54 -8.14
CA GLY A 456 26.70 -3.02 -7.94
C GLY A 456 26.68 -1.57 -7.46
N ARG A 457 27.81 -1.15 -6.92
CA ARG A 457 27.95 0.20 -6.39
C ARG A 457 28.96 0.95 -7.26
N HIS A 458 28.42 1.68 -8.25
CA HIS A 458 29.24 2.44 -9.20
C HIS A 458 28.32 3.48 -9.83
N HIS A 459 28.93 4.34 -10.65
CA HIS A 459 28.24 5.49 -11.23
C HIS A 459 27.58 6.30 -10.13
N ILE A 460 28.38 6.70 -9.14
CA ILE A 460 27.93 7.63 -8.13
C ILE A 460 27.44 8.89 -8.82
N THR A 461 26.24 9.34 -8.46
CA THR A 461 25.57 10.40 -9.19
C THR A 461 24.82 11.32 -8.24
N ILE A 462 24.93 12.62 -8.52
CA ILE A 462 24.11 13.65 -7.90
C ILE A 462 22.96 13.97 -8.85
N LYS A 463 21.75 13.98 -8.32
CA LYS A 463 20.53 14.30 -9.06
C LYS A 463 19.85 15.48 -8.39
N ALA A 464 19.21 16.31 -9.20
CA ALA A 464 18.55 17.52 -8.72
C ALA A 464 17.07 17.50 -9.10
N SER A 465 16.23 17.94 -8.16
CA SER A 465 14.79 18.06 -8.38
C SER A 465 14.35 19.47 -8.04
N LEU A 466 13.51 20.05 -8.90
CA LEU A 466 12.99 21.39 -8.70
C LEU A 466 11.53 21.42 -8.27
N ASP A 467 10.86 20.28 -8.23
CA ASP A 467 9.45 20.18 -7.88
C ASP A 467 9.24 19.37 -6.62
N GLY A 468 10.13 19.56 -5.63
CA GLY A 468 9.96 18.91 -4.35
C GLY A 468 10.11 17.41 -4.34
N GLY A 469 10.81 16.84 -5.32
CA GLY A 469 11.03 15.42 -5.39
C GLY A 469 10.06 14.65 -6.23
N VAL A 470 9.14 15.33 -6.93
CA VAL A 470 8.21 14.63 -7.81
C VAL A 470 8.91 14.13 -9.05
N THR A 471 9.79 14.96 -9.64
CA THR A 471 10.49 14.59 -10.86
C THR A 471 11.99 14.82 -10.68
N TRP A 472 12.78 13.92 -11.24
CA TRP A 472 14.24 14.02 -11.27
C TRP A 472 14.64 13.95 -12.74
N LEU A 473 14.76 15.10 -13.39
CA LEU A 473 14.97 15.11 -14.84
C LEU A 473 16.40 14.67 -15.17
N PRO A 474 16.58 13.87 -16.23
CA PRO A 474 17.93 13.41 -16.56
C PRO A 474 18.94 14.52 -16.82
N GLU A 475 18.52 15.64 -17.39
CA GLU A 475 19.49 16.71 -17.68
C GLU A 475 20.01 17.37 -16.40
N HIS A 476 19.36 17.12 -15.26
CA HIS A 476 19.76 17.71 -13.98
C HIS A 476 20.54 16.71 -13.13
N GLN A 477 21.52 16.05 -13.74
CA GLN A 477 22.30 15.02 -13.06
C GLN A 477 23.76 15.11 -13.50
N VAL A 478 24.65 14.82 -12.55
CA VAL A 478 26.09 14.79 -12.82
C VAL A 478 26.64 13.48 -12.30
N MET A 479 27.24 12.69 -13.19
CA MET A 479 27.86 11.41 -12.86
C MET A 479 29.33 11.64 -12.54
N LEU A 480 29.71 11.43 -11.29
CA LEU A 480 31.05 11.76 -10.81
C LEU A 480 32.03 10.59 -10.86
N ASP A 481 31.58 9.36 -10.63
CA ASP A 481 32.48 8.21 -10.48
C ASP A 481 31.86 7.00 -11.15
N GLU A 482 32.40 6.64 -12.32
CA GLU A 482 31.96 5.43 -13.00
C GLU A 482 32.54 4.16 -12.39
N GLY A 483 33.60 4.29 -11.58
CA GLY A 483 34.27 3.14 -11.02
C GLY A 483 33.50 2.49 -9.89
N GLU A 484 33.94 1.29 -9.52
CA GLU A 484 33.30 0.54 -8.44
C GLU A 484 33.83 1.01 -7.09
N GLY A 485 32.93 1.14 -6.13
CA GLY A 485 33.31 1.56 -4.81
C GLY A 485 32.32 1.06 -3.77
N TRP A 486 32.47 1.56 -2.54
CA TRP A 486 31.57 1.17 -1.47
C TRP A 486 30.23 1.88 -1.54
N GLY A 487 30.13 3.01 -2.25
CA GLY A 487 28.85 3.57 -2.63
C GLY A 487 28.24 4.61 -1.71
N TYR A 488 28.69 4.73 -0.46
CA TYR A 488 28.08 5.68 0.45
C TYR A 488 28.53 7.11 0.16
N SER A 489 27.62 8.07 0.37
CA SER A 489 27.91 9.46 0.06
C SER A 489 27.09 10.37 0.97
N CYS A 490 27.53 11.63 1.06
CA CYS A 490 26.79 12.65 1.79
C CYS A 490 27.00 14.00 1.13
N LEU A 491 25.92 14.78 1.02
CA LEU A 491 25.92 16.06 0.35
C LEU A 491 25.81 17.21 1.34
N THR A 492 26.28 18.38 0.90
CA THR A 492 26.08 19.64 1.62
C THR A 492 26.21 20.77 0.61
N MET A 493 25.83 21.96 1.05
CA MET A 493 26.06 23.17 0.26
C MET A 493 27.30 23.85 0.83
N ILE A 494 28.36 23.92 0.03
CA ILE A 494 29.52 24.72 0.40
C ILE A 494 29.15 26.19 0.43
N ASP A 495 28.47 26.65 -0.61
CA ASP A 495 28.03 28.04 -0.64
C ASP A 495 26.81 28.14 -1.55
N LYS A 496 26.22 29.34 -1.58
CA LYS A 496 25.00 29.55 -2.36
C LYS A 496 25.12 29.06 -3.79
N GLU A 497 26.33 28.87 -4.29
CA GLU A 497 26.52 28.44 -5.66
C GLU A 497 27.17 27.08 -5.83
N THR A 498 27.72 26.48 -4.77
CA THR A 498 28.46 25.24 -4.95
C THR A 498 28.05 24.19 -3.92
N ILE A 499 27.87 22.95 -4.45
CA ILE A 499 27.57 21.74 -3.72
C ILE A 499 28.89 21.06 -3.34
N GLY A 500 28.92 20.45 -2.17
CA GLY A 500 30.04 19.60 -1.78
C GLY A 500 29.55 18.18 -1.57
N ILE A 501 30.39 17.21 -1.92
CA ILE A 501 30.05 15.80 -1.72
C ILE A 501 31.25 15.07 -1.14
N LEU A 502 31.00 14.32 -0.07
CA LEU A 502 31.99 13.45 0.55
C LEU A 502 31.48 12.02 0.40
N TYR A 503 32.27 11.17 -0.27
CA TYR A 503 31.76 9.84 -0.56
C TYR A 503 32.88 8.82 -0.71
N GLU A 504 32.49 7.55 -0.69
CA GLU A 504 33.40 6.43 -0.87
C GLU A 504 33.51 6.17 -2.37
N SER A 505 34.64 6.52 -2.96
CA SER A 505 34.81 6.47 -4.40
C SER A 505 35.74 5.32 -4.80
N SER A 506 35.95 5.20 -6.10
CA SER A 506 36.87 4.21 -6.65
C SER A 506 38.32 4.65 -6.55
N VAL A 507 38.59 5.89 -6.11
CA VAL A 507 39.95 6.41 -6.05
C VAL A 507 40.39 6.76 -4.64
N ALA A 508 39.47 6.83 -3.66
CA ALA A 508 39.86 7.08 -2.29
C ALA A 508 38.71 6.74 -1.34
N HIS A 509 39.06 6.32 -0.13
CA HIS A 509 38.05 5.92 0.85
C HIS A 509 37.11 7.08 1.19
N MET A 510 37.67 8.27 1.39
CA MET A 510 36.90 9.51 1.60
C MET A 510 37.33 10.50 0.52
N THR A 511 36.43 10.76 -0.42
CA THR A 511 36.69 11.63 -1.55
C THR A 511 35.77 12.85 -1.45
N PHE A 512 36.35 14.04 -1.53
CA PHE A 512 35.59 15.28 -1.52
C PHE A 512 35.61 15.89 -2.92
N GLN A 513 34.45 16.28 -3.42
CA GLN A 513 34.34 16.95 -4.70
C GLN A 513 33.39 18.14 -4.56
N ALA A 514 33.68 19.18 -5.33
CA ALA A 514 32.85 20.38 -5.39
C ALA A 514 32.23 20.47 -6.77
N VAL A 515 30.92 20.69 -6.81
CA VAL A 515 30.18 20.74 -8.07
C VAL A 515 29.37 22.03 -8.09
N GLN A 516 29.56 22.82 -9.14
CA GLN A 516 28.83 24.07 -9.28
C GLN A 516 27.35 23.79 -9.47
N LEU A 517 26.50 24.59 -8.81
CA LEU A 517 25.07 24.40 -8.92
C LEU A 517 24.60 24.60 -10.35
N ARG A 518 25.22 25.54 -11.07
CA ARG A 518 24.82 25.74 -12.46
C ARG A 518 25.34 24.63 -13.37
N ASP A 519 26.28 23.82 -12.91
CA ASP A 519 26.69 22.66 -13.69
C ASP A 519 25.59 21.62 -13.71
N ILE A 520 24.89 21.42 -12.61
CA ILE A 520 23.80 20.44 -12.54
C ILE A 520 22.53 21.00 -13.19
N ILE A 521 22.14 22.22 -12.82
CA ILE A 521 20.97 22.88 -13.38
C ILE A 521 21.49 23.99 -14.29
N LYS A 522 21.56 23.70 -15.59
CA LYS A 522 22.18 24.61 -16.54
C LYS A 522 21.21 25.68 -17.04
N SER B 1 -36.68 -6.20 -19.12
CA SER B 1 -36.95 -7.29 -18.18
C SER B 1 -35.76 -7.50 -17.25
N ASP B 2 -35.98 -8.28 -16.19
CA ASP B 2 -34.93 -8.60 -15.24
C ASP B 2 -34.23 -9.90 -15.61
N THR B 3 -32.91 -9.89 -15.49
CA THR B 3 -32.07 -11.03 -15.83
C THR B 3 -31.58 -11.72 -14.57
N VAL B 4 -31.66 -13.05 -14.56
CA VAL B 4 -31.13 -13.85 -13.46
C VAL B 4 -29.69 -14.18 -13.78
N PHE B 5 -28.76 -13.65 -12.99
CA PHE B 5 -27.35 -13.91 -13.17
C PHE B 5 -26.95 -15.13 -12.35
N VAL B 6 -26.17 -16.02 -12.97
CA VAL B 6 -25.81 -17.30 -12.39
C VAL B 6 -24.30 -17.37 -12.31
N ARG B 7 -23.80 -17.79 -11.15
CA ARG B 7 -22.37 -18.02 -10.95
C ARG B 7 -22.21 -19.44 -10.40
N GLU B 8 -21.64 -20.31 -11.22
CA GLU B 8 -21.32 -21.66 -10.79
C GLU B 8 -20.09 -21.69 -9.92
N THR B 9 -20.16 -22.49 -8.86
CA THR B 9 -19.05 -22.61 -7.92
C THR B 9 -18.04 -23.64 -8.41
N GLN B 10 -16.82 -23.51 -7.92
CA GLN B 10 -15.73 -24.45 -8.20
C GLN B 10 -15.02 -24.75 -6.88
N ILE B 11 -15.72 -25.42 -5.99
CA ILE B 11 -15.16 -25.77 -4.68
C ILE B 11 -15.45 -27.24 -4.41
N PRO B 12 -14.67 -27.87 -3.56
CA PRO B 12 -14.93 -29.28 -3.24
C PRO B 12 -16.31 -29.45 -2.62
N VAL B 13 -16.98 -30.53 -3.00
CA VAL B 13 -18.27 -30.92 -2.44
C VAL B 13 -18.00 -32.00 -1.41
N LEU B 14 -18.11 -31.65 -0.13
CA LEU B 14 -17.80 -32.59 0.93
C LEU B 14 -18.93 -33.61 1.08
N ILE B 15 -18.56 -34.89 1.10
CA ILE B 15 -19.55 -35.97 1.13
C ILE B 15 -20.34 -35.95 2.41
N GLU B 16 -19.69 -35.63 3.54
CA GLU B 16 -20.37 -35.64 4.83
C GLU B 16 -21.15 -34.37 5.12
N ARG B 17 -21.00 -33.33 4.29
CA ARG B 17 -21.68 -32.07 4.57
C ARG B 17 -23.16 -32.16 4.23
N GLN B 18 -23.97 -31.49 5.04
CA GLN B 18 -25.40 -31.43 4.78
C GLN B 18 -25.73 -30.42 3.68
N ASP B 19 -24.81 -29.52 3.37
CA ASP B 19 -25.00 -28.52 2.33
C ASP B 19 -23.67 -28.27 1.62
N ASN B 20 -23.76 -28.02 0.31
CA ASN B 20 -22.63 -27.60 -0.50
C ASN B 20 -23.15 -26.60 -1.53
N VAL B 21 -22.51 -25.44 -1.61
CA VAL B 21 -22.93 -24.41 -2.57
C VAL B 21 -22.53 -24.86 -3.97
N LEU B 22 -23.51 -25.07 -4.84
CA LEU B 22 -23.29 -25.52 -6.20
C LEU B 22 -23.49 -24.41 -7.22
N PHE B 23 -24.57 -23.64 -7.09
CA PHE B 23 -24.84 -22.50 -7.94
C PHE B 23 -25.24 -21.33 -7.06
N MET B 24 -24.90 -20.11 -7.50
CA MET B 24 -25.37 -18.89 -6.86
C MET B 24 -26.16 -18.07 -7.87
N LEU B 25 -27.30 -17.54 -7.43
CA LEU B 25 -28.18 -16.79 -8.32
C LEU B 25 -28.46 -15.41 -7.75
N ARG B 26 -28.29 -14.38 -8.58
CA ARG B 26 -28.62 -13.00 -8.22
C ARG B 26 -29.67 -12.49 -9.19
N LEU B 27 -30.71 -11.85 -8.65
CA LEU B 27 -31.77 -11.29 -9.47
C LEU B 27 -32.13 -9.93 -8.91
N ASN B 28 -31.91 -8.89 -9.70
CA ASN B 28 -32.31 -7.52 -9.34
C ASN B 28 -33.73 -7.33 -9.85
N ALA B 29 -34.70 -7.42 -8.94
CA ALA B 29 -36.11 -7.46 -9.34
C ALA B 29 -36.63 -6.04 -9.39
N LYS B 30 -36.29 -5.33 -10.48
CA LYS B 30 -36.86 -4.01 -10.64
C LYS B 30 -38.30 -4.14 -11.17
N GLU B 31 -38.56 -5.07 -12.10
CA GLU B 31 -39.90 -5.34 -12.64
C GLU B 31 -40.34 -6.78 -12.43
N SER B 32 -39.70 -7.49 -11.52
CA SER B 32 -40.07 -8.85 -11.16
C SER B 32 -40.70 -8.89 -9.78
N HIS B 33 -41.66 -9.81 -9.60
CA HIS B 33 -42.41 -9.90 -8.36
C HIS B 33 -42.22 -11.20 -7.59
N THR B 34 -42.24 -12.36 -8.26
CA THR B 34 -42.13 -13.64 -7.58
C THR B 34 -41.29 -14.61 -8.38
N LEU B 35 -40.47 -15.39 -7.67
CA LEU B 35 -39.66 -16.45 -8.27
C LEU B 35 -40.32 -17.78 -7.94
N ASP B 36 -40.82 -18.46 -8.98
CA ASP B 36 -41.65 -19.65 -8.78
C ASP B 36 -40.79 -20.90 -8.61
N GLU B 37 -39.86 -21.15 -9.54
CA GLU B 37 -39.12 -22.39 -9.51
C GLU B 37 -37.80 -22.24 -10.23
N VAL B 38 -36.91 -23.20 -9.98
CA VAL B 38 -35.64 -23.34 -10.69
C VAL B 38 -35.55 -24.77 -11.17
N VAL B 39 -35.24 -24.95 -12.45
CA VAL B 39 -35.14 -26.27 -13.05
C VAL B 39 -33.68 -26.56 -13.35
N LEU B 40 -33.21 -27.72 -12.91
CA LEU B 40 -31.82 -28.12 -12.91
C LEU B 40 -31.69 -29.46 -13.61
N ASN B 41 -30.68 -29.60 -14.47
CA ASN B 41 -30.44 -30.85 -15.19
C ASN B 41 -29.00 -31.28 -14.96
N PHE B 42 -28.83 -32.44 -14.33
CA PHE B 42 -27.51 -33.03 -14.16
C PHE B 42 -27.03 -33.68 -15.46
N GLY B 43 -25.71 -33.79 -15.60
CA GLY B 43 -25.15 -34.44 -16.76
C GLY B 43 -25.53 -35.90 -16.83
N LYS B 44 -25.52 -36.43 -18.06
CA LYS B 44 -25.99 -37.80 -18.27
C LYS B 44 -25.14 -38.83 -17.54
N ASP B 45 -23.84 -38.53 -17.36
CA ASP B 45 -22.93 -39.47 -16.72
C ASP B 45 -22.92 -39.36 -15.21
N VAL B 46 -23.66 -38.42 -14.64
CA VAL B 46 -23.72 -38.28 -13.19
C VAL B 46 -24.40 -39.51 -12.60
N ASN B 47 -23.86 -40.03 -11.51
CA ASN B 47 -24.47 -41.16 -10.79
C ASN B 47 -25.44 -40.58 -9.77
N MET B 48 -26.72 -40.50 -10.16
CA MET B 48 -27.72 -39.87 -9.31
C MET B 48 -27.95 -40.65 -8.02
N SER B 49 -27.64 -41.95 -7.99
CA SER B 49 -27.86 -42.73 -6.78
C SER B 49 -26.90 -42.35 -5.66
N ASP B 50 -25.86 -41.58 -5.95
CA ASP B 50 -24.94 -41.10 -4.94
C ASP B 50 -25.31 -39.72 -4.41
N ILE B 51 -26.40 -39.13 -4.89
CA ILE B 51 -26.82 -37.80 -4.48
C ILE B 51 -27.98 -37.93 -3.50
N GLN B 52 -27.80 -37.39 -2.29
CA GLN B 52 -28.84 -37.44 -1.27
C GLN B 52 -29.96 -36.46 -1.56
N SER B 53 -29.61 -35.21 -1.87
CA SER B 53 -30.66 -34.23 -2.11
C SER B 53 -30.10 -32.99 -2.78
N VAL B 54 -31.02 -32.21 -3.35
CA VAL B 54 -30.72 -30.92 -3.92
C VAL B 54 -31.73 -29.92 -3.36
N LYS B 55 -31.25 -28.76 -2.93
CA LYS B 55 -32.09 -27.80 -2.25
C LYS B 55 -31.93 -26.43 -2.89
N LEU B 56 -32.95 -25.60 -2.71
CA LEU B 56 -32.96 -24.21 -3.16
C LEU B 56 -33.16 -23.33 -1.94
N TYR B 57 -32.20 -22.43 -1.71
CA TYR B 57 -32.17 -21.51 -0.60
C TYR B 57 -32.33 -20.07 -1.07
N TYR B 58 -32.96 -19.25 -0.24
CA TYR B 58 -33.07 -17.81 -0.43
C TYR B 58 -32.26 -17.11 0.65
N SER B 59 -31.44 -16.15 0.26
CA SER B 59 -30.50 -15.50 1.18
C SER B 59 -30.75 -13.99 1.30
N GLY B 60 -31.91 -13.52 0.86
CA GLY B 60 -32.27 -12.14 1.11
C GLY B 60 -31.67 -11.18 0.08
N THR B 61 -31.39 -9.95 0.56
CA THR B 61 -30.98 -8.88 -0.32
C THR B 61 -29.57 -8.39 0.00
N GLU B 62 -29.21 -7.22 -0.49
CA GLU B 62 -27.87 -6.68 -0.34
C GLU B 62 -27.96 -5.26 0.20
N ALA B 63 -26.90 -4.82 0.85
CA ALA B 63 -26.80 -3.41 1.25
C ALA B 63 -26.75 -2.54 0.00
N ARG B 64 -27.48 -1.42 0.04
CA ARG B 64 -27.66 -0.63 -1.16
C ARG B 64 -26.36 -0.03 -1.68
N GLN B 65 -25.40 0.22 -0.80
CA GLN B 65 -24.11 0.73 -1.26
C GLN B 65 -23.28 -0.33 -2.00
N ASN B 66 -23.66 -1.61 -1.94
CA ASN B 66 -22.92 -2.68 -2.58
C ASN B 66 -23.51 -3.11 -3.93
N TYR B 67 -24.62 -2.50 -4.36
CA TYR B 67 -25.13 -2.77 -5.69
C TYR B 67 -24.10 -2.42 -6.75
N GLY B 68 -24.06 -3.23 -7.82
CA GLY B 68 -23.14 -3.00 -8.92
C GLY B 68 -21.73 -3.53 -8.70
N LYS B 69 -21.48 -4.21 -7.60
CA LYS B 69 -20.19 -4.83 -7.31
C LYS B 69 -20.10 -6.27 -7.79
N ASN B 70 -21.17 -6.79 -8.38
CA ASN B 70 -21.18 -8.14 -8.95
C ASN B 70 -20.97 -9.19 -7.86
N PHE B 71 -21.52 -8.93 -6.68
CA PHE B 71 -21.54 -9.94 -5.62
C PHE B 71 -22.67 -10.92 -5.91
N PHE B 72 -22.43 -12.19 -5.62
CA PHE B 72 -23.43 -13.23 -5.81
C PHE B 72 -23.95 -13.78 -4.48
N ALA B 73 -23.45 -13.28 -3.35
CA ALA B 73 -23.93 -13.68 -2.04
C ALA B 73 -23.71 -12.53 -1.08
N PRO B 74 -24.56 -12.37 -0.07
CA PRO B 74 -24.36 -11.32 0.92
C PRO B 74 -23.42 -11.73 2.05
N VAL B 75 -23.11 -13.02 2.17
CA VAL B 75 -22.40 -13.54 3.32
C VAL B 75 -21.90 -14.93 2.97
N SER B 76 -20.99 -15.47 3.80
CA SER B 76 -20.58 -16.86 3.67
C SER B 76 -21.72 -17.75 4.16
N TYR B 77 -22.16 -18.68 3.31
CA TYR B 77 -23.34 -19.46 3.64
C TYR B 77 -23.02 -20.60 4.60
N ILE B 78 -21.87 -21.24 4.42
CA ILE B 78 -21.48 -22.41 5.21
C ILE B 78 -20.12 -22.12 5.82
N SER B 79 -20.04 -22.17 7.15
CA SER B 79 -18.79 -21.88 7.83
C SER B 79 -17.87 -23.09 7.81
N SER B 80 -16.57 -22.82 7.72
CA SER B 80 -15.55 -23.85 7.90
C SER B 80 -14.71 -23.60 9.14
N HIS B 81 -15.15 -22.68 10.01
CA HIS B 81 -14.35 -22.28 11.16
C HIS B 81 -15.11 -22.39 12.47
N THR B 82 -16.43 -22.27 12.43
CA THR B 82 -17.20 -22.28 13.67
C THR B 82 -17.29 -23.70 14.23
N PRO B 83 -16.73 -23.97 15.41
CA PRO B 83 -16.73 -25.35 15.92
C PRO B 83 -18.15 -25.89 16.06
N GLY B 84 -18.35 -27.10 15.52
CA GLY B 84 -19.62 -27.78 15.62
C GLY B 84 -20.69 -27.28 14.69
N LYS B 85 -20.38 -26.32 13.83
CA LYS B 85 -21.37 -25.73 12.93
C LYS B 85 -20.82 -25.61 11.53
N THR B 86 -20.13 -26.64 11.04
CA THR B 86 -19.51 -26.60 9.74
C THR B 86 -20.09 -27.56 8.72
N LEU B 87 -21.11 -28.33 9.07
CA LEU B 87 -21.65 -29.34 8.17
C LEU B 87 -22.91 -28.89 7.44
N ALA B 88 -23.59 -27.86 7.94
CA ALA B 88 -24.85 -27.42 7.34
C ALA B 88 -24.83 -25.90 7.16
N ALA B 89 -25.65 -25.43 6.23
CA ALA B 89 -25.77 -24.01 5.99
C ALA B 89 -26.27 -23.31 7.25
N ASN B 90 -25.75 -22.11 7.51
CA ASN B 90 -26.18 -21.32 8.65
C ASN B 90 -27.65 -20.96 8.46
N PRO B 91 -28.56 -21.43 9.32
CA PRO B 91 -29.99 -21.18 9.08
C PRO B 91 -30.35 -19.70 9.10
N SER B 92 -29.63 -18.88 9.86
CA SER B 92 -29.92 -17.46 9.91
C SER B 92 -29.61 -16.74 8.60
N TYR B 93 -28.72 -17.30 7.77
CA TYR B 93 -28.34 -16.64 6.53
C TYR B 93 -29.16 -17.11 5.33
N SER B 94 -29.71 -18.32 5.37
CA SER B 94 -30.38 -18.89 4.20
C SER B 94 -31.64 -19.62 4.62
N ILE B 95 -32.74 -19.36 3.92
CA ILE B 95 -34.03 -19.99 4.19
C ILE B 95 -34.22 -21.09 3.16
N ASN B 96 -34.39 -22.32 3.64
CA ASN B 96 -34.61 -23.46 2.76
C ASN B 96 -35.97 -23.30 2.08
N LYS B 97 -35.96 -22.98 0.78
CA LYS B 97 -37.20 -22.79 0.06
C LYS B 97 -37.73 -24.10 -0.50
N SER B 98 -36.83 -24.99 -0.96
CA SER B 98 -37.32 -26.29 -1.40
C SER B 98 -36.21 -27.32 -1.35
N GLN B 99 -36.61 -28.60 -1.34
CA GLN B 99 -35.68 -29.71 -1.26
C GLN B 99 -36.26 -30.90 -1.99
N VAL B 100 -35.42 -31.58 -2.76
CA VAL B 100 -35.78 -32.83 -3.43
C VAL B 100 -34.76 -33.88 -3.02
N ASN B 101 -35.24 -34.92 -2.35
CA ASN B 101 -34.40 -36.04 -1.92
C ASN B 101 -34.43 -37.16 -2.94
N ASN B 102 -33.29 -37.83 -3.10
CA ASN B 102 -33.14 -38.89 -4.09
C ASN B 102 -33.59 -38.41 -5.47
N PRO B 103 -33.03 -37.31 -5.96
CA PRO B 103 -33.57 -36.70 -7.18
C PRO B 103 -33.25 -37.51 -8.42
N LYS B 104 -34.03 -37.25 -9.47
CA LYS B 104 -33.70 -37.72 -10.80
C LYS B 104 -32.76 -36.71 -11.46
N ARG B 105 -32.33 -37.04 -12.69
CA ARG B 105 -31.47 -36.15 -13.45
C ARG B 105 -32.13 -34.80 -13.69
N LYS B 106 -33.47 -34.76 -13.75
CA LYS B 106 -34.22 -33.52 -13.86
C LYS B 106 -34.81 -33.18 -12.51
N VAL B 107 -34.52 -31.97 -12.03
CA VAL B 107 -34.95 -31.51 -10.72
C VAL B 107 -35.70 -30.20 -10.90
N ALA B 108 -36.90 -30.12 -10.35
CA ALA B 108 -37.66 -28.88 -10.25
C ALA B 108 -37.72 -28.47 -8.79
N LEU B 109 -37.17 -27.31 -8.48
CA LEU B 109 -37.10 -26.78 -7.13
C LEU B 109 -38.09 -25.64 -6.96
N LYS B 110 -39.08 -25.85 -6.10
CA LYS B 110 -40.12 -24.88 -5.82
C LYS B 110 -39.57 -23.74 -4.97
N ALA B 111 -39.93 -22.52 -5.31
CA ALA B 111 -39.50 -21.36 -4.55
C ALA B 111 -40.67 -20.57 -4.00
N ASN B 112 -41.56 -20.11 -4.89
CA ASN B 112 -42.68 -19.26 -4.50
C ASN B 112 -42.17 -18.11 -3.62
N GLN B 113 -41.03 -17.54 -4.00
CA GLN B 113 -40.34 -16.57 -3.17
C GLN B 113 -40.73 -15.16 -3.61
N LYS B 114 -41.37 -14.43 -2.70
CA LYS B 114 -41.62 -13.00 -2.89
C LYS B 114 -40.29 -12.27 -2.90
N LEU B 115 -40.06 -11.49 -3.95
CA LEU B 115 -38.77 -10.87 -4.18
C LEU B 115 -38.68 -9.53 -3.46
N PHE B 116 -37.51 -9.26 -2.90
CA PHE B 116 -37.25 -7.94 -2.35
C PHE B 116 -37.17 -6.92 -3.48
N PRO B 117 -37.76 -5.74 -3.32
CA PRO B 117 -37.66 -4.73 -4.38
C PRO B 117 -36.23 -4.24 -4.54
N GLY B 118 -35.38 -5.08 -5.12
CA GLY B 118 -33.97 -4.81 -5.25
C GLY B 118 -33.21 -6.10 -5.54
N ILE B 119 -32.03 -6.24 -4.98
CA ILE B 119 -31.23 -7.44 -5.20
C ILE B 119 -31.81 -8.58 -4.38
N ASN B 120 -31.88 -9.76 -4.99
CA ASN B 120 -32.32 -10.98 -4.33
C ASN B 120 -31.29 -12.06 -4.60
N TYR B 121 -30.87 -12.77 -3.57
CA TYR B 121 -29.89 -13.84 -3.68
C TYR B 121 -30.55 -15.19 -3.45
N PHE B 122 -30.28 -16.12 -4.35
CA PHE B 122 -30.66 -17.52 -4.19
C PHE B 122 -29.41 -18.35 -4.38
N TRP B 123 -29.46 -19.59 -3.90
CA TRP B 123 -28.38 -20.52 -4.20
C TRP B 123 -28.89 -21.95 -4.14
N ILE B 124 -28.13 -22.82 -4.80
CA ILE B 124 -28.45 -24.23 -4.93
C ILE B 124 -27.50 -25.00 -4.03
N SER B 125 -28.05 -25.94 -3.26
CA SER B 125 -27.27 -26.79 -2.38
C SER B 125 -27.31 -28.21 -2.90
N LEU B 126 -26.16 -28.88 -2.87
CA LEU B 126 -26.05 -30.27 -3.26
C LEU B 126 -25.53 -31.06 -2.08
N GLN B 127 -26.27 -32.10 -1.68
CA GLN B 127 -25.87 -32.99 -0.62
C GLN B 127 -25.72 -34.38 -1.20
N MET B 128 -24.52 -34.96 -1.06
CA MET B 128 -24.23 -36.31 -1.50
C MET B 128 -24.65 -37.30 -0.42
N LYS B 129 -24.72 -38.56 -0.79
CA LYS B 129 -24.93 -39.60 0.21
C LYS B 129 -23.62 -39.93 0.91
N PRO B 130 -23.70 -40.36 2.17
CA PRO B 130 -22.46 -40.66 2.92
C PRO B 130 -21.57 -41.69 2.25
N ASP B 131 -22.12 -42.61 1.46
CA ASP B 131 -21.35 -43.67 0.86
C ASP B 131 -20.88 -43.33 -0.56
N ALA B 132 -20.97 -42.07 -0.96
CA ALA B 132 -20.63 -41.70 -2.32
C ALA B 132 -19.16 -41.94 -2.60
N SER B 133 -18.86 -42.38 -3.82
CA SER B 133 -17.48 -42.67 -4.19
C SER B 133 -16.68 -41.37 -4.26
N LEU B 134 -15.42 -41.44 -3.81
CA LEU B 134 -14.54 -40.27 -3.85
C LEU B 134 -14.26 -39.81 -5.26
N LEU B 135 -14.42 -40.69 -6.24
CA LEU B 135 -14.12 -40.41 -7.65
C LEU B 135 -15.31 -39.83 -8.39
N ASP B 136 -16.47 -39.68 -7.73
CA ASP B 136 -17.65 -39.19 -8.41
C ASP B 136 -17.44 -37.78 -8.96
N LYS B 137 -17.98 -37.56 -10.16
CA LYS B 137 -17.97 -36.27 -10.82
C LYS B 137 -19.41 -35.81 -10.97
N VAL B 138 -19.67 -34.55 -10.68
CA VAL B 138 -21.03 -34.00 -10.76
C VAL B 138 -21.00 -32.83 -11.73
N ALA B 139 -21.85 -32.89 -12.74
CA ALA B 139 -22.03 -31.78 -13.68
C ALA B 139 -23.51 -31.47 -13.76
N ALA B 140 -23.83 -30.19 -13.90
CA ALA B 140 -25.23 -29.78 -13.95
C ALA B 140 -25.34 -28.41 -14.59
N LYS B 141 -26.52 -28.14 -15.13
CA LYS B 141 -26.86 -26.87 -15.73
C LYS B 141 -28.22 -26.42 -15.22
N ILE B 142 -28.43 -25.12 -15.19
CA ILE B 142 -29.74 -24.55 -14.87
C ILE B 142 -30.47 -24.37 -16.20
N ALA B 143 -31.47 -25.21 -16.45
CA ALA B 143 -32.14 -25.20 -17.74
C ALA B 143 -33.06 -23.99 -17.87
N ALA B 144 -33.74 -23.62 -16.79
CA ALA B 144 -34.68 -22.51 -16.84
C ALA B 144 -34.97 -22.03 -15.43
N ILE B 145 -35.34 -20.76 -15.32
CA ILE B 145 -35.78 -20.16 -14.07
C ILE B 145 -37.07 -19.42 -14.35
N LYS B 146 -38.11 -19.74 -13.59
CA LYS B 146 -39.44 -19.15 -13.80
C LYS B 146 -39.65 -18.01 -12.82
N VAL B 147 -39.88 -16.82 -13.35
CA VAL B 147 -40.15 -15.61 -12.58
C VAL B 147 -41.47 -15.05 -13.08
N ASP B 148 -42.42 -14.88 -12.16
CA ASP B 148 -43.77 -14.41 -12.49
C ASP B 148 -44.43 -15.32 -13.52
N ASN B 149 -44.20 -16.62 -13.38
CA ASN B 149 -44.82 -17.65 -14.20
C ASN B 149 -44.42 -17.56 -15.67
N LYS B 150 -43.25 -17.01 -15.95
CA LYS B 150 -42.68 -16.99 -17.30
C LYS B 150 -41.17 -17.15 -17.17
N GLU B 151 -40.59 -17.81 -18.18
CA GLU B 151 -39.17 -18.12 -18.15
C GLU B 151 -38.38 -16.82 -18.17
N ALA B 152 -37.55 -16.63 -17.15
CA ALA B 152 -36.74 -15.42 -17.02
C ALA B 152 -35.43 -15.56 -17.81
N LEU B 153 -34.97 -14.42 -18.34
CA LEU B 153 -33.68 -14.39 -19.01
C LEU B 153 -32.57 -14.73 -18.03
N MET B 154 -31.62 -15.55 -18.49
CA MET B 154 -30.49 -15.96 -17.67
C MET B 154 -29.19 -15.49 -18.29
N HIS B 155 -28.23 -15.15 -17.43
CA HIS B 155 -26.86 -14.87 -17.84
C HIS B 155 -25.93 -15.59 -16.89
N THR B 156 -25.18 -16.57 -17.42
CA THR B 156 -24.25 -17.36 -16.62
C THR B 156 -22.85 -16.77 -16.76
N VAL B 157 -22.28 -16.32 -15.64
CA VAL B 157 -20.96 -15.70 -15.68
C VAL B 157 -19.82 -16.70 -15.53
N SER B 158 -20.09 -17.88 -14.99
CA SER B 158 -19.08 -18.90 -14.84
C SER B 158 -18.88 -19.68 -16.14
N PRO B 159 -17.76 -20.37 -16.27
CA PRO B 159 -17.47 -21.10 -17.51
C PRO B 159 -18.28 -22.38 -17.64
N GLU B 160 -18.28 -22.93 -18.86
CA GLU B 160 -18.95 -24.18 -19.15
C GLU B 160 -18.07 -25.37 -18.76
N ASN B 161 -18.69 -26.54 -18.70
CA ASN B 161 -17.99 -27.79 -18.42
C ASN B 161 -17.24 -27.74 -17.10
N ILE B 162 -17.83 -27.09 -16.10
CA ILE B 162 -17.29 -27.18 -14.75
C ILE B 162 -17.53 -28.59 -14.25
N VAL B 163 -16.48 -29.23 -13.73
CA VAL B 163 -16.55 -30.57 -13.19
C VAL B 163 -16.46 -30.43 -11.68
N HIS B 164 -17.54 -30.77 -10.98
CA HIS B 164 -17.58 -30.70 -9.53
C HIS B 164 -17.04 -32.01 -8.96
N ARG B 165 -16.03 -31.91 -8.11
CA ARG B 165 -15.41 -33.06 -7.48
C ARG B 165 -15.78 -33.08 -6.01
N VAL B 166 -15.94 -34.29 -5.47
CA VAL B 166 -16.30 -34.46 -4.06
C VAL B 166 -15.02 -34.54 -3.23
N GLY B 167 -15.17 -34.54 -1.91
CA GLY B 167 -14.03 -34.60 -1.02
C GLY B 167 -14.47 -35.01 0.36
N VAL B 168 -13.49 -35.31 1.20
CA VAL B 168 -13.73 -35.75 2.57
C VAL B 168 -13.12 -34.73 3.52
N GLY B 169 -13.94 -34.21 4.43
CA GLY B 169 -13.45 -33.34 5.48
C GLY B 169 -12.81 -34.14 6.60
N VAL B 170 -11.53 -34.47 6.43
CA VAL B 170 -10.85 -35.33 7.39
C VAL B 170 -10.86 -34.68 8.77
N ARG B 171 -10.67 -33.36 8.82
CA ARG B 171 -10.76 -32.62 10.07
C ARG B 171 -11.56 -31.35 9.84
N HIS B 172 -12.56 -31.13 10.68
CA HIS B 172 -13.33 -29.90 10.71
C HIS B 172 -12.98 -29.10 11.95
N ALA B 173 -13.08 -27.77 11.84
CA ALA B 173 -12.90 -26.92 13.01
C ALA B 173 -13.79 -27.40 14.14
N GLY B 174 -13.19 -27.66 15.30
CA GLY B 174 -13.91 -28.12 16.47
C GLY B 174 -13.82 -29.62 16.72
N ASP B 175 -13.46 -30.41 15.72
CA ASP B 175 -13.36 -31.85 15.91
C ASP B 175 -12.43 -32.17 17.08
N ASP B 176 -12.88 -33.10 17.92
CA ASP B 176 -12.08 -33.57 19.05
C ASP B 176 -11.61 -32.41 19.93
N GLY B 177 -12.47 -31.42 20.09
CA GLY B 177 -12.22 -30.34 21.02
C GLY B 177 -11.11 -29.39 20.63
N SER B 178 -10.68 -29.40 19.37
CA SER B 178 -9.62 -28.53 18.90
C SER B 178 -10.20 -27.41 18.03
N ALA B 179 -9.77 -26.19 18.27
CA ALA B 179 -10.31 -25.06 17.52
C ALA B 179 -9.95 -25.16 16.05
N SER B 180 -8.75 -25.64 15.73
CA SER B 180 -8.35 -25.69 14.34
C SER B 180 -7.30 -26.78 14.10
N PHE B 181 -7.12 -27.09 12.82
CA PHE B 181 -6.13 -28.04 12.33
C PHE B 181 -5.46 -27.42 11.12
N ARG B 182 -4.14 -27.58 11.02
CA ARG B 182 -3.40 -26.91 9.96
C ARG B 182 -2.21 -27.75 9.50
N ILE B 183 -1.56 -27.27 8.44
CA ILE B 183 -0.30 -27.81 7.94
C ILE B 183 -0.40 -29.29 7.63
N PRO B 184 -0.87 -29.66 6.43
CA PRO B 184 -1.03 -31.07 6.10
C PRO B 184 0.25 -31.73 5.63
N GLY B 185 0.35 -33.02 5.94
CA GLY B 185 1.31 -33.90 5.29
C GLY B 185 0.61 -35.22 5.00
N LEU B 186 1.01 -35.86 3.90
CA LEU B 186 0.29 -37.04 3.46
C LEU B 186 1.21 -38.02 2.76
N VAL B 187 1.14 -39.29 3.14
CA VAL B 187 1.92 -40.34 2.51
C VAL B 187 1.09 -41.60 2.33
N THR B 188 1.59 -42.49 1.48
CA THR B 188 1.00 -43.79 1.22
C THR B 188 2.00 -44.87 1.59
N THR B 189 1.57 -45.80 2.45
CA THR B 189 2.46 -46.86 2.89
C THR B 189 2.58 -47.94 1.81
N ASN B 190 3.53 -48.86 2.03
CA ASN B 190 3.71 -49.98 1.11
C ASN B 190 2.49 -50.88 1.05
N LYS B 191 1.64 -50.83 2.08
CA LYS B 191 0.42 -51.61 2.13
C LYS B 191 -0.80 -50.87 1.59
N GLY B 192 -0.59 -49.69 1.02
CA GLY B 192 -1.68 -48.89 0.49
C GLY B 192 -2.40 -48.05 1.51
N THR B 193 -1.89 -47.97 2.75
CA THR B 193 -2.53 -47.17 3.78
C THR B 193 -2.18 -45.69 3.59
N LEU B 194 -3.21 -44.84 3.70
CA LEU B 194 -3.02 -43.40 3.64
C LEU B 194 -2.83 -42.86 5.04
N LEU B 195 -1.77 -42.06 5.23
CA LEU B 195 -1.48 -41.43 6.52
C LEU B 195 -1.41 -39.92 6.31
N GLY B 196 -2.25 -39.18 7.04
CA GLY B 196 -2.24 -37.73 6.99
C GLY B 196 -1.97 -37.10 8.34
N VAL B 197 -0.98 -36.22 8.40
CA VAL B 197 -0.56 -35.59 9.65
C VAL B 197 -0.85 -34.10 9.58
N TYR B 198 -0.97 -33.49 10.76
CA TYR B 198 -1.32 -32.08 10.83
C TYR B 198 -1.08 -31.53 12.23
N ASP B 199 -0.98 -30.21 12.31
CA ASP B 199 -1.06 -29.48 13.57
C ASP B 199 -2.46 -29.55 14.12
N VAL B 200 -2.59 -29.97 15.37
CA VAL B 200 -3.82 -29.84 16.15
C VAL B 200 -3.63 -28.62 17.05
N ARG B 201 -4.27 -27.51 16.68
CA ARG B 201 -4.16 -26.24 17.39
C ARG B 201 -5.45 -26.06 18.19
N TYR B 202 -5.36 -26.36 19.48
CA TYR B 202 -6.57 -26.49 20.30
C TYR B 202 -7.21 -25.13 20.56
N ASN B 203 -6.39 -24.14 20.94
CA ASN B 203 -6.96 -22.88 21.42
C ASN B 203 -7.44 -22.01 20.28
N ASN B 204 -6.70 -21.97 19.18
CA ASN B 204 -7.02 -21.11 18.04
C ASN B 204 -6.12 -21.53 16.88
N SER B 205 -6.05 -20.71 15.84
CA SER B 205 -5.30 -21.01 14.64
C SER B 205 -3.89 -20.45 14.65
N ALA B 206 -3.43 -19.89 15.77
CA ALA B 206 -2.13 -19.25 15.82
C ALA B 206 -1.01 -20.26 15.67
N ASP B 207 0.10 -19.80 15.10
CA ASP B 207 1.30 -20.62 14.98
C ASP B 207 1.96 -20.82 16.35
N LEU B 208 2.96 -21.70 16.39
CA LEU B 208 3.79 -21.84 17.57
C LEU B 208 4.40 -20.47 17.92
N GLN B 209 4.54 -20.19 19.21
CA GLN B 209 4.25 -21.09 20.32
C GLN B 209 2.76 -21.07 20.69
N GLU B 210 2.24 -22.23 21.08
CA GLU B 210 0.85 -22.38 21.50
C GLU B 210 0.60 -23.83 21.89
N HIS B 211 -0.62 -24.14 22.31
CA HIS B 211 -1.01 -25.50 22.68
C HIS B 211 -1.26 -26.26 21.38
N VAL B 212 -0.26 -26.99 20.91
CA VAL B 212 -0.32 -27.66 19.61
C VAL B 212 0.23 -29.08 19.76
N ASP B 213 -0.47 -30.03 19.14
CA ASP B 213 0.02 -31.40 19.01
C ASP B 213 0.14 -31.76 17.54
N ILE B 214 0.71 -32.92 17.27
CA ILE B 214 0.70 -33.50 15.92
C ILE B 214 -0.35 -34.60 15.90
N GLY B 215 -1.37 -34.42 15.07
CA GLY B 215 -2.41 -35.40 14.89
C GLY B 215 -2.24 -36.16 13.59
N LEU B 216 -2.83 -37.36 13.56
CA LEU B 216 -2.69 -38.25 12.43
C LEU B 216 -4.01 -38.95 12.16
N SER B 217 -4.45 -38.91 10.91
CA SER B 217 -5.62 -39.63 10.44
C SER B 217 -5.17 -40.74 9.50
N ARG B 218 -5.68 -41.94 9.73
CA ARG B 218 -5.25 -43.14 9.01
C ARG B 218 -6.42 -43.74 8.26
N SER B 219 -6.21 -44.03 6.97
CA SER B 219 -7.26 -44.58 6.12
C SER B 219 -6.74 -45.84 5.42
N VAL B 220 -7.54 -46.91 5.47
CA VAL B 220 -7.18 -48.17 4.83
C VAL B 220 -8.03 -48.45 3.60
N ASP B 221 -8.85 -47.49 3.16
CA ASP B 221 -9.73 -47.69 2.02
C ASP B 221 -9.61 -46.55 1.02
N GLY B 222 -8.40 -46.03 0.84
CA GLY B 222 -8.17 -45.01 -0.16
C GLY B 222 -8.66 -43.62 0.20
N GLY B 223 -8.89 -43.35 1.49
CA GLY B 223 -9.31 -42.04 1.93
C GLY B 223 -10.81 -41.87 2.04
N LYS B 224 -11.59 -42.90 1.72
CA LYS B 224 -13.05 -42.80 1.83
C LYS B 224 -13.45 -42.67 3.29
N THR B 225 -12.86 -43.48 4.18
CA THR B 225 -13.10 -43.41 5.61
C THR B 225 -11.77 -43.29 6.33
N TRP B 226 -11.77 -42.57 7.45
CA TRP B 226 -10.56 -42.30 8.21
C TRP B 226 -10.74 -42.73 9.66
N GLU B 227 -9.71 -43.35 10.22
CA GLU B 227 -9.77 -43.86 11.57
C GLU B 227 -9.70 -42.70 12.58
N LYS B 228 -10.20 -42.97 13.78
CA LYS B 228 -10.16 -41.99 14.86
C LYS B 228 -8.75 -41.45 15.04
N MET B 229 -8.66 -40.15 15.30
CA MET B 229 -7.39 -39.45 15.30
C MET B 229 -6.43 -39.97 16.37
N ARG B 230 -5.16 -40.08 15.98
CA ARG B 230 -4.05 -40.41 16.84
C ARG B 230 -3.16 -39.19 17.01
N LEU B 231 -2.26 -39.25 18.00
CA LEU B 231 -1.36 -38.14 18.31
C LEU B 231 0.07 -38.68 18.39
N PRO B 232 0.77 -38.77 17.26
CA PRO B 232 2.15 -39.29 17.29
C PRO B 232 3.13 -38.46 18.10
N LEU B 233 2.90 -37.15 18.21
CA LEU B 233 3.80 -36.28 18.96
C LEU B 233 2.99 -35.30 19.80
N ALA B 234 3.19 -35.36 21.11
CA ALA B 234 2.55 -34.42 22.04
C ALA B 234 3.43 -34.32 23.27
N PHE B 235 3.65 -33.10 23.75
CA PHE B 235 4.59 -32.87 24.84
C PHE B 235 3.94 -32.37 26.12
N GLY B 236 2.65 -32.04 26.09
CA GLY B 236 1.93 -31.73 27.32
C GLY B 236 2.69 -30.77 28.21
N GLU B 237 2.77 -31.10 29.49
CA GLU B 237 3.45 -30.27 30.49
C GLU B 237 4.89 -30.72 30.71
N THR B 238 5.62 -31.00 29.63
CA THR B 238 7.01 -31.40 29.73
C THR B 238 7.82 -30.29 30.38
N GLY B 239 8.74 -30.69 31.25
CA GLY B 239 9.54 -29.71 31.97
C GLY B 239 8.78 -28.86 32.97
N ASP B 240 7.55 -29.24 33.30
CA ASP B 240 6.69 -28.51 34.24
C ASP B 240 6.27 -27.13 33.73
N LEU B 241 6.32 -26.90 32.43
CA LEU B 241 5.70 -25.71 31.84
C LEU B 241 4.32 -26.05 31.29
N PRO B 242 3.45 -25.05 31.16
CA PRO B 242 2.12 -25.32 30.60
C PRO B 242 2.19 -25.91 29.20
N ALA B 243 1.12 -26.61 28.84
CA ALA B 243 1.04 -27.24 27.51
C ALA B 243 1.14 -26.20 26.40
N ALA B 244 0.54 -25.02 26.60
CA ALA B 244 0.60 -23.98 25.58
C ALA B 244 2.00 -23.42 25.39
N GLN B 245 2.93 -23.76 26.27
CA GLN B 245 4.35 -23.45 26.11
C GLN B 245 5.16 -24.70 25.82
N ASN B 246 4.53 -25.67 25.16
CA ASN B 246 5.18 -26.93 24.81
C ASN B 246 4.67 -27.47 23.47
N GLY B 247 4.24 -26.58 22.58
CA GLY B 247 3.65 -27.03 21.33
C GLY B 247 4.67 -27.69 20.41
N VAL B 248 4.16 -28.57 19.55
CA VAL B 248 4.95 -29.21 18.51
C VAL B 248 4.13 -29.13 17.22
N GLY B 249 4.77 -28.69 16.14
CA GLY B 249 4.00 -28.42 14.94
C GLY B 249 4.81 -28.50 13.66
N ASP B 250 4.13 -28.15 12.56
CA ASP B 250 4.67 -28.16 11.20
C ASP B 250 5.21 -29.55 10.84
N PRO B 251 4.38 -30.59 10.92
CA PRO B 251 4.90 -31.95 10.75
C PRO B 251 5.22 -32.28 9.30
N SER B 252 6.16 -33.19 9.13
CA SER B 252 6.49 -33.76 7.84
C SER B 252 6.62 -35.26 8.01
N ILE B 253 6.01 -36.02 7.12
CA ILE B 253 5.92 -37.47 7.24
C ILE B 253 6.51 -38.11 5.98
N LEU B 254 7.22 -39.22 6.17
CA LEU B 254 7.74 -39.99 5.04
C LEU B 254 7.66 -41.47 5.37
N VAL B 255 7.69 -42.28 4.31
CA VAL B 255 7.64 -43.73 4.41
C VAL B 255 8.97 -44.29 3.93
N ASP B 256 9.61 -45.11 4.76
CA ASP B 256 10.80 -45.86 4.38
C ASP B 256 10.36 -47.03 3.52
N THR B 257 10.48 -46.89 2.20
CA THR B 257 9.92 -47.88 1.28
C THR B 257 10.60 -49.24 1.43
N LYS B 258 11.85 -49.26 1.89
CA LYS B 258 12.59 -50.52 2.01
C LYS B 258 12.00 -51.38 3.12
N THR B 259 11.43 -50.77 4.16
CA THR B 259 10.91 -51.50 5.31
C THR B 259 9.45 -51.17 5.63
N ASN B 260 8.88 -50.14 5.03
CA ASN B 260 7.55 -49.62 5.35
C ASN B 260 7.49 -48.96 6.73
N THR B 261 8.64 -48.62 7.31
CA THR B 261 8.66 -47.88 8.56
C THR B 261 8.31 -46.42 8.25
N VAL B 262 7.38 -45.85 9.02
CA VAL B 262 6.91 -44.48 8.80
C VAL B 262 7.56 -43.55 9.81
N TRP B 263 8.03 -42.39 9.33
CA TRP B 263 8.66 -41.39 10.16
C TRP B 263 7.89 -40.08 10.10
N VAL B 264 7.70 -39.46 11.26
CA VAL B 264 7.09 -38.13 11.37
C VAL B 264 8.08 -37.25 12.13
N VAL B 265 8.44 -36.12 11.54
CA VAL B 265 9.36 -35.16 12.15
C VAL B 265 8.61 -33.86 12.39
N ALA B 266 8.90 -33.21 13.51
CA ALA B 266 8.23 -31.96 13.85
C ALA B 266 9.14 -31.12 14.75
N ALA B 267 8.71 -29.88 14.97
CA ALA B 267 9.46 -28.90 15.75
C ALA B 267 8.74 -28.65 17.07
N TRP B 268 9.38 -29.03 18.17
CA TRP B 268 8.85 -28.84 19.51
C TRP B 268 9.43 -27.59 20.12
N THR B 269 8.56 -26.62 20.45
CA THR B 269 8.98 -25.35 21.03
C THR B 269 8.65 -25.34 22.51
N HIS B 270 9.63 -24.97 23.33
CA HIS B 270 9.53 -24.99 24.77
C HIS B 270 9.73 -23.58 25.33
N GLY B 271 8.79 -23.14 26.16
CA GLY B 271 8.87 -21.80 26.70
C GLY B 271 8.31 -20.78 25.72
N MET B 272 9.04 -19.67 25.55
CA MET B 272 8.73 -18.64 24.55
C MET B 272 7.40 -17.94 24.82
N GLY B 273 6.87 -18.04 26.04
CA GLY B 273 5.62 -17.36 26.33
C GLY B 273 4.53 -17.77 25.37
N ASN B 274 3.79 -16.76 24.90
CA ASN B 274 2.73 -16.95 23.92
C ASN B 274 3.07 -16.27 22.59
N GLN B 275 4.35 -16.11 22.31
CA GLN B 275 4.81 -15.42 21.11
C GLN B 275 5.13 -16.41 19.99
N ARG B 276 5.34 -15.86 18.79
CA ARG B 276 5.61 -16.69 17.61
C ARG B 276 7.03 -17.26 17.70
N ALA B 277 7.14 -18.58 17.47
CA ALA B 277 8.45 -19.23 17.55
C ALA B 277 9.39 -18.71 16.46
N TRP B 278 8.84 -18.22 15.35
CA TRP B 278 9.69 -17.77 14.25
C TRP B 278 10.67 -16.69 14.69
N TRP B 279 10.29 -15.85 15.66
CA TRP B 279 11.20 -14.87 16.23
C TRP B 279 11.41 -15.07 17.73
N SER B 280 11.01 -16.22 18.27
CA SER B 280 11.20 -16.53 19.68
C SER B 280 12.17 -17.67 19.93
N SER B 281 12.61 -18.37 18.89
CA SER B 281 13.66 -19.37 18.99
C SER B 281 15.00 -18.67 18.81
N TYR B 282 15.97 -19.03 19.65
CA TYR B 282 17.26 -18.34 19.72
C TYR B 282 18.40 -19.32 19.60
N PRO B 283 19.62 -18.83 19.38
CA PRO B 283 20.76 -19.74 19.24
C PRO B 283 20.97 -20.56 20.50
N GLY B 284 21.55 -21.75 20.32
CA GLY B 284 21.73 -22.72 21.37
C GLY B 284 21.33 -24.10 20.92
N MET B 285 21.23 -25.01 21.85
CA MET B 285 20.90 -26.40 21.54
C MET B 285 19.88 -27.00 22.47
N ASP B 286 19.71 -26.52 23.68
CA ASP B 286 18.84 -27.12 24.66
C ASP B 286 17.42 -26.57 24.56
N MET B 287 16.55 -27.20 25.36
CA MET B 287 15.12 -26.90 25.35
C MET B 287 14.83 -25.45 25.67
N ASN B 288 15.58 -24.86 26.59
CA ASN B 288 15.29 -23.53 27.09
C ASN B 288 15.67 -22.40 26.15
N HIS B 289 16.30 -22.70 25.02
CA HIS B 289 16.76 -21.65 24.12
C HIS B 289 16.22 -21.79 22.70
N THR B 290 16.19 -23.01 22.16
CA THR B 290 15.89 -23.20 20.75
C THR B 290 14.92 -24.34 20.57
N ALA B 291 14.20 -24.30 19.45
CA ALA B 291 13.25 -25.36 19.11
C ALA B 291 13.98 -26.68 18.90
N GLN B 292 13.32 -27.76 19.29
CA GLN B 292 13.89 -29.11 19.24
C GLN B 292 13.31 -29.87 18.06
N LEU B 293 14.18 -30.55 17.31
CA LEU B 293 13.76 -31.35 16.15
C LEU B 293 13.50 -32.77 16.65
N VAL B 294 12.23 -33.19 16.61
CA VAL B 294 11.84 -34.46 17.23
C VAL B 294 11.20 -35.37 16.18
N LEU B 295 11.40 -36.66 16.36
CA LEU B 295 10.86 -37.67 15.47
C LEU B 295 10.00 -38.66 16.25
N SER B 296 9.01 -39.23 15.57
CA SER B 296 8.30 -40.41 16.03
C SER B 296 8.17 -41.37 14.85
N LYS B 297 8.35 -42.65 15.11
CA LYS B 297 8.31 -43.66 14.06
C LYS B 297 7.27 -44.71 14.37
N SER B 298 6.79 -45.34 13.30
CA SER B 298 5.80 -46.42 13.39
C SER B 298 6.30 -47.59 12.55
N THR B 299 6.27 -48.78 13.14
CA THR B 299 6.62 -50.02 12.46
C THR B 299 5.42 -50.91 12.21
N ASP B 300 4.21 -50.38 12.38
CA ASP B 300 2.99 -51.15 12.21
C ASP B 300 1.99 -50.38 11.35
N ASP B 301 2.48 -49.83 10.24
CA ASP B 301 1.63 -49.20 9.25
C ASP B 301 0.89 -47.99 9.80
N GLY B 302 1.52 -47.29 10.73
CA GLY B 302 1.01 -46.03 11.25
C GLY B 302 0.02 -46.12 12.39
N LYS B 303 -0.23 -47.32 12.93
CA LYS B 303 -1.19 -47.45 14.03
C LYS B 303 -0.61 -47.01 15.36
N THR B 304 0.62 -47.40 15.65
CA THR B 304 1.27 -47.06 16.90
C THR B 304 2.51 -46.22 16.62
N TRP B 305 2.90 -45.40 17.57
CA TRP B 305 3.98 -44.45 17.39
C TRP B 305 4.90 -44.44 18.60
N SER B 306 6.20 -44.33 18.33
CA SER B 306 7.21 -44.38 19.36
C SER B 306 7.22 -43.08 20.17
N LYS B 307 7.94 -43.11 21.29
CA LYS B 307 8.20 -41.89 22.01
C LYS B 307 9.08 -40.98 21.17
N PRO B 308 9.13 -39.68 21.49
CA PRO B 308 9.87 -38.75 20.62
C PRO B 308 11.36 -39.06 20.60
N ILE B 309 11.97 -38.89 19.44
CA ILE B 309 13.40 -39.08 19.24
C ILE B 309 13.98 -37.70 18.91
N ASN B 310 14.80 -37.17 19.82
CA ASN B 310 15.34 -35.83 19.67
C ASN B 310 16.68 -35.92 18.94
N ILE B 311 16.73 -35.38 17.71
CA ILE B 311 17.91 -35.41 16.87
C ILE B 311 18.52 -34.03 16.70
N THR B 312 18.10 -33.06 17.53
CA THR B 312 18.62 -31.70 17.40
C THR B 312 20.14 -31.69 17.45
N GLU B 313 20.74 -32.48 18.35
CA GLU B 313 22.18 -32.48 18.53
C GLU B 313 22.90 -32.98 17.27
N GLN B 314 22.24 -33.84 16.50
CA GLN B 314 22.90 -34.44 15.33
C GLN B 314 23.11 -33.42 14.23
N VAL B 315 22.15 -32.52 14.03
CA VAL B 315 22.07 -31.76 12.78
C VAL B 315 22.07 -30.24 12.99
N LYS B 316 21.80 -29.73 14.19
CA LYS B 316 21.66 -28.30 14.36
C LYS B 316 23.02 -27.66 14.66
N ASP B 317 23.34 -26.61 13.92
CA ASP B 317 24.47 -25.75 14.26
C ASP B 317 24.08 -24.89 15.47
N PRO B 318 24.89 -24.85 16.52
CA PRO B 318 24.47 -24.10 17.73
C PRO B 318 24.19 -22.63 17.47
N SER B 319 24.78 -22.04 16.42
CA SER B 319 24.57 -20.62 16.16
C SER B 319 23.26 -20.33 15.42
N TRP B 320 22.58 -21.36 14.90
CA TRP B 320 21.31 -21.14 14.23
C TRP B 320 20.23 -20.77 15.25
N TYR B 321 19.33 -19.88 14.84
CA TYR B 321 18.22 -19.48 15.70
C TYR B 321 17.13 -20.54 15.77
N PHE B 322 16.89 -21.24 14.67
CA PHE B 322 15.70 -22.08 14.52
C PHE B 322 15.97 -23.08 13.42
N LEU B 323 15.92 -24.36 13.74
CA LEU B 323 16.00 -25.42 12.75
C LEU B 323 14.70 -26.22 12.79
N LEU B 324 14.09 -26.42 11.62
CA LEU B 324 12.87 -27.21 11.56
C LEU B 324 12.77 -27.91 10.22
N GLN B 325 11.86 -28.87 10.16
CA GLN B 325 11.56 -29.56 8.93
C GLN B 325 10.75 -28.67 8.00
N GLY B 326 10.80 -28.97 6.71
CA GLY B 326 9.87 -28.39 5.78
C GLY B 326 8.57 -29.15 5.85
N PRO B 327 7.49 -28.48 6.27
CA PRO B 327 6.22 -29.20 6.46
C PRO B 327 5.78 -29.91 5.19
N GLY B 328 5.08 -31.03 5.37
CA GLY B 328 4.58 -31.81 4.26
C GLY B 328 5.03 -33.27 4.33
N ARG B 329 5.93 -33.67 3.44
CA ARG B 329 6.37 -35.05 3.41
C ARG B 329 7.83 -35.12 3.01
N GLY B 330 8.44 -36.27 3.33
CA GLY B 330 9.72 -36.64 2.81
C GLY B 330 9.63 -37.76 1.79
N ILE B 331 10.78 -38.39 1.52
CA ILE B 331 10.86 -39.44 0.51
C ILE B 331 11.89 -40.47 0.94
N THR B 332 11.86 -41.61 0.25
CA THR B 332 12.94 -42.59 0.27
C THR B 332 13.56 -42.60 -1.14
N MET B 333 14.86 -42.33 -1.21
CA MET B 333 15.55 -42.36 -2.49
C MET B 333 15.62 -43.80 -2.99
N GLN B 334 15.79 -43.95 -4.31
CA GLN B 334 15.81 -45.30 -4.89
C GLN B 334 16.92 -46.13 -4.27
N ASP B 335 17.99 -45.51 -3.82
CA ASP B 335 19.11 -46.22 -3.20
C ASP B 335 18.91 -46.45 -1.70
N GLY B 336 17.77 -46.05 -1.14
CA GLY B 336 17.46 -46.32 0.24
C GLY B 336 17.65 -45.17 1.20
N THR B 337 18.22 -44.05 0.75
CA THR B 337 18.43 -42.90 1.62
C THR B 337 17.09 -42.23 1.95
N LEU B 338 16.88 -41.92 3.22
CA LEU B 338 15.69 -41.21 3.64
C LEU B 338 15.99 -39.72 3.66
N VAL B 339 15.07 -38.90 3.13
CA VAL B 339 15.32 -37.47 2.99
C VAL B 339 14.11 -36.68 3.48
N PHE B 340 14.37 -35.69 4.33
CA PHE B 340 13.41 -34.69 4.77
C PHE B 340 13.90 -33.32 4.34
N PRO B 341 13.08 -32.51 3.67
CA PRO B 341 13.45 -31.11 3.49
C PRO B 341 13.45 -30.40 4.83
N ILE B 342 14.36 -29.44 4.98
CA ILE B 342 14.53 -28.71 6.23
C ILE B 342 14.77 -27.24 5.91
N GLN B 343 14.72 -26.42 6.95
CA GLN B 343 14.91 -24.99 6.84
C GLN B 343 15.48 -24.50 8.17
N PHE B 344 16.43 -23.57 8.09
CA PHE B 344 17.00 -23.02 9.31
C PHE B 344 17.26 -21.54 9.17
N ILE B 345 16.99 -20.82 10.27
CA ILE B 345 17.37 -19.43 10.44
C ILE B 345 18.81 -19.44 10.92
N ASP B 346 19.74 -18.96 10.08
CA ASP B 346 21.16 -19.09 10.38
C ASP B 346 21.57 -17.99 11.34
N SER B 347 22.88 -17.90 11.62
CA SER B 347 23.37 -16.95 12.62
C SER B 347 23.15 -15.50 12.22
N THR B 348 22.89 -15.23 10.94
CA THR B 348 22.59 -13.89 10.48
C THR B 348 21.10 -13.59 10.44
N ARG B 349 20.26 -14.49 10.97
CA ARG B 349 18.81 -14.31 11.07
C ARG B 349 18.12 -14.40 9.73
N VAL B 350 18.72 -15.05 8.75
CA VAL B 350 18.16 -15.22 7.41
C VAL B 350 17.76 -16.67 7.23
N PRO B 351 16.57 -16.95 6.73
CA PRO B 351 16.16 -18.35 6.56
C PRO B 351 16.70 -18.96 5.28
N ASN B 352 17.05 -20.25 5.36
CA ASN B 352 17.57 -20.97 4.21
C ASN B 352 17.00 -22.38 4.21
N ALA B 353 16.66 -22.87 3.02
CA ALA B 353 16.14 -24.22 2.84
C ALA B 353 17.25 -25.17 2.44
N GLY B 354 17.05 -26.44 2.78
CA GLY B 354 18.01 -27.47 2.45
C GLY B 354 17.39 -28.82 2.66
N ILE B 355 18.25 -29.84 2.77
CA ILE B 355 17.78 -31.20 2.98
C ILE B 355 18.55 -31.87 4.12
N MET B 356 17.90 -32.86 4.70
CA MET B 356 18.42 -33.70 5.78
C MET B 356 18.23 -35.14 5.36
N TYR B 357 19.25 -35.96 5.54
CA TYR B 357 19.21 -37.31 4.99
C TYR B 357 19.77 -38.30 5.99
N SER B 358 19.31 -39.54 5.88
CA SER B 358 19.78 -40.65 6.68
C SER B 358 20.12 -41.82 5.76
N LYS B 359 21.32 -42.36 5.94
CA LYS B 359 21.78 -43.52 5.20
C LYS B 359 21.63 -44.83 5.97
N ASP B 360 21.21 -44.78 7.23
CA ASP B 360 21.11 -45.96 8.08
C ASP B 360 19.69 -46.14 8.59
N ARG B 361 18.71 -45.86 7.72
CA ARG B 361 17.30 -46.13 8.01
C ARG B 361 16.77 -45.25 9.13
N GLY B 362 17.34 -44.07 9.31
CA GLY B 362 16.82 -43.11 10.26
C GLY B 362 17.47 -43.08 11.62
N GLU B 363 18.56 -43.85 11.81
CA GLU B 363 19.26 -43.82 13.08
C GLU B 363 20.07 -42.53 13.24
N THR B 364 20.73 -42.10 12.15
CA THR B 364 21.51 -40.87 12.16
C THR B 364 21.13 -40.01 10.96
N TRP B 365 21.21 -38.69 11.15
CA TRP B 365 20.83 -37.73 10.12
C TRP B 365 21.95 -36.71 9.96
N LYS B 366 21.97 -36.06 8.80
CA LYS B 366 23.02 -35.11 8.47
C LYS B 366 22.45 -33.99 7.61
N ILE B 367 23.03 -32.80 7.77
CA ILE B 367 22.74 -31.66 6.90
C ILE B 367 24.06 -31.10 6.44
N HIS B 368 24.13 -30.66 5.17
CA HIS B 368 25.35 -30.08 4.66
C HIS B 368 25.20 -28.58 4.41
N ASN B 369 24.69 -28.18 3.26
CA ASN B 369 24.62 -26.76 2.93
C ASN B 369 23.23 -26.41 2.41
N TYR B 370 22.85 -25.15 2.58
CA TYR B 370 21.55 -24.68 2.11
C TYR B 370 21.57 -24.56 0.59
N ALA B 371 20.39 -24.73 -0.01
CA ALA B 371 20.26 -24.62 -1.45
C ALA B 371 20.23 -23.16 -1.90
N ARG B 372 19.58 -22.30 -1.12
CA ARG B 372 19.35 -20.92 -1.55
C ARG B 372 19.04 -20.07 -0.33
N THR B 373 19.46 -18.81 -0.39
CA THR B 373 19.26 -17.91 0.73
C THR B 373 17.84 -17.34 0.72
N ASN B 374 17.38 -16.95 1.92
CA ASN B 374 16.07 -16.31 2.11
C ASN B 374 14.94 -17.19 1.60
N THR B 375 15.02 -18.49 1.92
CA THR B 375 13.98 -19.45 1.62
C THR B 375 13.59 -20.19 2.89
N THR B 376 12.36 -20.70 2.92
CA THR B 376 11.84 -21.34 4.11
C THR B 376 11.30 -22.74 3.82
N GLU B 377 10.00 -22.84 3.59
CA GLU B 377 9.34 -24.14 3.40
C GLU B 377 9.68 -24.71 2.03
N ALA B 378 10.02 -25.99 1.99
CA ALA B 378 10.42 -26.63 0.74
C ALA B 378 10.00 -28.10 0.76
N GLN B 379 9.85 -28.65 -0.44
CA GLN B 379 9.58 -30.07 -0.64
C GLN B 379 10.59 -30.63 -1.64
N VAL B 380 10.91 -31.91 -1.48
CA VAL B 380 12.00 -32.54 -2.24
C VAL B 380 11.46 -33.76 -2.97
N ALA B 381 11.99 -34.01 -4.17
CA ALA B 381 11.65 -35.19 -4.95
C ALA B 381 12.87 -35.61 -5.77
N GLU B 382 13.00 -36.91 -5.98
CA GLU B 382 14.08 -37.46 -6.80
C GLU B 382 13.59 -37.51 -8.23
N VAL B 383 13.87 -36.45 -8.99
CA VAL B 383 13.37 -36.34 -10.36
C VAL B 383 14.00 -37.41 -11.25
N GLU B 384 15.30 -37.61 -11.12
CA GLU B 384 16.02 -38.70 -11.78
C GLU B 384 16.96 -39.32 -10.76
N PRO B 385 17.37 -40.57 -10.95
CA PRO B 385 18.11 -41.28 -9.90
C PRO B 385 19.36 -40.54 -9.48
N GLY B 386 19.50 -40.31 -8.17
CA GLY B 386 20.63 -39.61 -7.62
C GLY B 386 20.56 -38.11 -7.69
N VAL B 387 19.46 -37.56 -8.20
CA VAL B 387 19.30 -36.12 -8.39
C VAL B 387 18.10 -35.70 -7.55
N LEU B 388 18.34 -34.88 -6.53
CA LEU B 388 17.29 -34.40 -5.64
C LEU B 388 16.96 -32.97 -6.05
N MET B 389 15.70 -32.73 -6.38
CA MET B 389 15.21 -31.41 -6.74
C MET B 389 14.42 -30.82 -5.58
N LEU B 390 14.83 -29.64 -5.13
CA LEU B 390 14.21 -28.93 -4.02
C LEU B 390 13.39 -27.77 -4.56
N ASN B 391 12.10 -27.77 -4.22
CA ASN B 391 11.15 -26.73 -4.59
C ASN B 391 10.85 -25.90 -3.34
N MET B 392 11.15 -24.60 -3.41
CA MET B 392 11.31 -23.77 -2.23
C MET B 392 10.41 -22.54 -2.26
N ARG B 393 9.82 -22.27 -1.11
CA ARG B 393 9.14 -21.00 -0.84
C ARG B 393 10.18 -19.89 -0.75
N ASP B 394 9.98 -18.84 -1.53
CA ASP B 394 10.97 -17.78 -1.68
C ASP B 394 10.42 -16.47 -1.15
N ASN B 395 11.08 -15.90 -0.15
CA ASN B 395 10.63 -14.66 0.45
C ASN B 395 10.77 -13.46 -0.47
N ARG B 396 11.48 -13.59 -1.59
CA ARG B 396 11.50 -12.53 -2.58
C ARG B 396 10.12 -12.34 -3.19
N GLY B 397 9.29 -13.37 -3.17
CA GLY B 397 7.90 -13.27 -3.58
C GLY B 397 7.69 -13.60 -5.04
N GLY B 398 6.48 -14.04 -5.36
CA GLY B 398 6.03 -14.17 -6.72
C GLY B 398 6.16 -15.56 -7.32
N SER B 399 7.19 -16.31 -6.96
CA SER B 399 7.41 -17.59 -7.63
C SER B 399 8.31 -18.50 -6.81
N ARG B 400 8.15 -19.80 -7.05
CA ARG B 400 8.96 -20.80 -6.38
C ARG B 400 10.41 -20.78 -6.87
N ALA B 401 11.31 -21.20 -6.00
CA ALA B 401 12.72 -21.40 -6.36
C ALA B 401 12.98 -22.89 -6.48
N ILE B 402 13.66 -23.31 -7.54
CA ILE B 402 13.93 -24.72 -7.76
C ILE B 402 15.43 -24.92 -7.93
N SER B 403 15.97 -25.89 -7.20
CA SER B 403 17.39 -26.22 -7.26
C SER B 403 17.56 -27.73 -7.27
N THR B 404 18.76 -28.18 -7.63
CA THR B 404 19.04 -29.61 -7.72
C THR B 404 20.38 -29.92 -7.08
N THR B 405 20.49 -31.13 -6.54
CA THR B 405 21.75 -31.60 -5.98
C THR B 405 21.96 -33.06 -6.32
N LYS B 406 23.21 -33.42 -6.60
CA LYS B 406 23.59 -34.80 -6.87
C LYS B 406 24.46 -35.37 -5.76
N ASP B 407 24.80 -34.56 -4.76
CA ASP B 407 25.65 -34.97 -3.65
C ASP B 407 24.96 -34.71 -2.30
N LEU B 408 23.64 -34.83 -2.27
CA LEU B 408 22.86 -34.73 -1.03
C LEU B 408 23.06 -33.40 -0.32
N GLY B 409 23.13 -32.32 -1.09
CA GLY B 409 23.14 -30.98 -0.54
C GLY B 409 24.49 -30.37 -0.29
N LYS B 410 25.58 -31.02 -0.73
CA LYS B 410 26.88 -30.38 -0.63
C LYS B 410 27.03 -29.28 -1.67
N THR B 411 26.55 -29.51 -2.88
CA THR B 411 26.53 -28.50 -3.92
C THR B 411 25.15 -28.46 -4.55
N TRP B 412 24.77 -27.29 -5.04
CA TRP B 412 23.47 -27.07 -5.64
C TRP B 412 23.60 -26.35 -6.96
N THR B 413 22.72 -26.70 -7.89
CA THR B 413 22.61 -26.07 -9.19
C THR B 413 21.22 -25.46 -9.35
N GLU B 414 21.17 -24.21 -9.79
CA GLU B 414 19.90 -23.55 -10.04
C GLU B 414 19.23 -24.19 -11.25
N HIS B 415 17.95 -24.54 -11.10
CA HIS B 415 17.20 -25.20 -12.16
C HIS B 415 16.60 -24.18 -13.11
N SER B 416 16.42 -24.62 -14.37
CA SER B 416 15.89 -23.73 -15.40
C SER B 416 14.51 -23.20 -15.02
N SER B 417 13.70 -24.01 -14.33
CA SER B 417 12.36 -23.61 -13.93
C SER B 417 12.34 -22.65 -12.75
N SER B 418 13.49 -22.41 -12.11
CA SER B 418 13.51 -21.65 -10.87
C SER B 418 13.05 -20.23 -11.09
N ARG B 419 12.14 -19.76 -10.22
CA ARG B 419 11.72 -18.37 -10.19
C ARG B 419 11.07 -17.92 -11.50
N LYS B 420 10.45 -18.84 -12.24
CA LYS B 420 9.75 -18.44 -13.46
C LYS B 420 8.57 -19.36 -13.73
N ALA B 421 8.74 -20.67 -13.55
CA ALA B 421 7.72 -21.62 -13.99
C ALA B 421 6.52 -21.66 -13.04
N LEU B 422 6.75 -21.58 -11.73
CA LEU B 422 5.69 -21.84 -10.74
C LEU B 422 5.46 -20.59 -9.89
N GLN B 423 4.36 -19.88 -10.16
CA GLN B 423 4.02 -18.72 -9.36
C GLN B 423 3.50 -19.16 -8.00
N GLU B 424 3.61 -18.27 -7.02
CA GLU B 424 3.13 -18.56 -5.67
C GLU B 424 2.84 -17.25 -4.97
N PRO B 425 2.07 -17.28 -3.89
CA PRO B 425 1.91 -16.09 -3.05
C PRO B 425 2.78 -16.15 -1.79
N VAL B 426 3.86 -16.93 -1.85
CA VAL B 426 4.80 -17.11 -0.74
C VAL B 426 4.22 -18.13 0.24
N CYS B 427 3.67 -19.22 -0.28
CA CYS B 427 2.98 -20.22 0.52
C CYS B 427 3.76 -21.53 0.44
N MET B 428 3.30 -22.52 1.20
CA MET B 428 3.83 -23.87 1.08
C MET B 428 3.31 -24.52 -0.19
N ALA B 429 4.10 -25.45 -0.72
CA ALA B 429 3.72 -26.18 -1.93
C ALA B 429 4.21 -27.61 -1.83
N SER B 430 3.44 -28.51 -2.43
CA SER B 430 3.77 -29.93 -2.46
C SER B 430 4.38 -30.29 -3.80
N LEU B 431 5.40 -31.15 -3.78
CA LEU B 431 6.00 -31.68 -5.00
C LEU B 431 6.29 -33.15 -4.77
N ILE B 432 5.84 -34.00 -5.68
CA ILE B 432 6.17 -35.42 -5.65
C ILE B 432 6.58 -35.88 -7.04
N SER B 433 7.38 -36.94 -7.07
CA SER B 433 7.81 -37.57 -8.31
C SER B 433 7.17 -38.94 -8.41
N VAL B 434 6.58 -39.25 -9.57
CA VAL B 434 5.95 -40.54 -9.82
C VAL B 434 6.69 -41.19 -10.98
N LYS B 435 7.28 -42.35 -10.71
CA LYS B 435 8.09 -43.07 -11.69
C LYS B 435 7.19 -43.71 -12.74
N ALA B 436 7.76 -44.00 -13.91
CA ALA B 436 6.95 -44.45 -15.04
C ALA B 436 6.24 -45.78 -14.71
N LYS B 437 6.97 -46.78 -14.21
CA LYS B 437 6.37 -48.06 -13.90
C LYS B 437 5.44 -48.03 -12.69
N ASP B 438 5.45 -46.93 -11.92
CA ASP B 438 4.59 -46.83 -10.76
C ASP B 438 3.34 -46.03 -11.03
N ASN B 439 3.06 -45.75 -12.31
CA ASN B 439 1.81 -45.10 -12.70
C ASN B 439 1.35 -45.68 -14.04
N VAL B 440 0.06 -45.50 -14.32
CA VAL B 440 -0.56 -46.13 -15.47
C VAL B 440 -0.14 -45.50 -16.78
N LEU B 441 0.43 -44.29 -16.74
CA LEU B 441 0.87 -43.57 -17.92
C LEU B 441 2.23 -44.07 -18.42
N ASN B 442 2.93 -44.87 -17.62
CA ASN B 442 4.27 -45.37 -17.95
C ASN B 442 5.19 -44.21 -18.36
N LYS B 443 5.06 -43.09 -17.65
CA LYS B 443 5.91 -41.93 -17.83
C LYS B 443 6.36 -41.39 -16.48
N ASP B 444 7.58 -40.87 -16.45
CA ASP B 444 8.06 -40.13 -15.29
C ASP B 444 7.33 -38.80 -15.23
N ILE B 445 6.68 -38.50 -14.11
CA ILE B 445 5.93 -37.27 -14.00
C ILE B 445 6.25 -36.60 -12.67
N LEU B 446 6.10 -35.28 -12.65
CA LEU B 446 6.19 -34.52 -11.42
C LEU B 446 4.82 -33.89 -11.16
N LEU B 447 4.35 -33.98 -9.93
CA LEU B 447 3.08 -33.39 -9.52
C LEU B 447 3.33 -32.33 -8.46
N PHE B 448 2.70 -31.18 -8.62
CA PHE B 448 2.93 -30.00 -7.80
C PHE B 448 1.58 -29.42 -7.41
N SER B 449 1.48 -28.93 -6.18
CA SER B 449 0.22 -28.34 -5.73
C SER B 449 0.48 -27.15 -4.82
N ASN B 450 -0.31 -26.09 -5.04
CA ASN B 450 -0.25 -24.86 -4.26
C ASN B 450 -1.31 -23.90 -4.75
N PRO B 451 -1.46 -22.73 -4.12
CA PRO B 451 -2.35 -21.70 -4.68
C PRO B 451 -1.76 -21.08 -5.94
N ASN B 452 -2.42 -21.27 -7.09
CA ASN B 452 -1.92 -20.83 -8.38
C ASN B 452 -2.19 -19.33 -8.53
N THR B 453 -1.39 -18.54 -7.82
CA THR B 453 -1.62 -17.10 -7.74
C THR B 453 -0.34 -16.44 -7.25
N VAL B 454 -0.32 -15.11 -7.33
CA VAL B 454 0.77 -14.32 -6.76
C VAL B 454 0.33 -13.49 -5.56
N LYS B 455 -0.97 -13.43 -5.30
CA LYS B 455 -1.52 -12.66 -4.18
C LYS B 455 -2.72 -13.42 -3.62
N GLY B 456 -2.72 -13.65 -2.31
CA GLY B 456 -3.78 -14.39 -1.67
C GLY B 456 -3.60 -15.89 -1.82
N ARG B 457 -4.31 -16.63 -0.96
CA ARG B 457 -4.25 -18.10 -0.96
C ARG B 457 -5.61 -18.64 -1.39
N HIS B 458 -5.73 -18.92 -2.69
CA HIS B 458 -6.96 -19.43 -3.28
C HIS B 458 -6.60 -20.03 -4.62
N HIS B 459 -7.60 -20.65 -5.25
CA HIS B 459 -7.41 -21.40 -6.50
C HIS B 459 -6.34 -22.49 -6.32
N ILE B 460 -6.57 -23.35 -5.33
CA ILE B 460 -5.76 -24.55 -5.16
C ILE B 460 -5.84 -25.37 -6.45
N THR B 461 -4.66 -25.74 -6.97
CA THR B 461 -4.53 -26.37 -8.28
C THR B 461 -3.40 -27.39 -8.25
N ILE B 462 -3.64 -28.54 -8.89
CA ILE B 462 -2.61 -29.55 -9.12
C ILE B 462 -2.08 -29.37 -10.54
N LYS B 463 -0.75 -29.36 -10.67
CA LYS B 463 -0.06 -29.24 -11.95
C LYS B 463 0.85 -30.43 -12.17
N ALA B 464 0.97 -30.84 -13.44
CA ALA B 464 1.78 -31.98 -13.83
C ALA B 464 2.83 -31.56 -14.85
N SER B 465 4.04 -32.13 -14.70
CA SER B 465 5.14 -31.89 -15.62
C SER B 465 5.64 -33.24 -16.13
N LEU B 466 5.87 -33.31 -17.44
CA LEU B 466 6.32 -34.54 -18.08
C LEU B 466 7.79 -34.51 -18.48
N ASP B 467 8.47 -33.38 -18.35
CA ASP B 467 9.86 -33.25 -18.72
C ASP B 467 10.72 -32.91 -17.52
N GLY B 468 10.42 -33.52 -16.38
CA GLY B 468 11.22 -33.35 -15.18
C GLY B 468 11.14 -31.99 -14.53
N GLY B 469 10.08 -31.23 -14.78
CA GLY B 469 9.90 -29.95 -14.16
C GLY B 469 10.38 -28.75 -14.97
N VAL B 470 10.84 -28.97 -16.21
CA VAL B 470 11.21 -27.84 -17.04
C VAL B 470 9.96 -27.11 -17.52
N THR B 471 8.91 -27.86 -17.85
CA THR B 471 7.67 -27.27 -18.34
C THR B 471 6.48 -27.74 -17.53
N TRP B 472 5.55 -26.81 -17.30
CA TRP B 472 4.28 -27.08 -16.62
C TRP B 472 3.17 -26.59 -17.55
N LEU B 473 2.66 -27.49 -18.38
CA LEU B 473 1.71 -27.09 -19.41
C LEU B 473 0.35 -26.76 -18.81
N PRO B 474 -0.32 -25.70 -19.27
CA PRO B 474 -1.63 -25.36 -18.70
C PRO B 474 -2.68 -26.46 -18.85
N GLU B 475 -2.64 -27.22 -19.94
CA GLU B 475 -3.64 -28.27 -20.16
C GLU B 475 -3.50 -29.44 -19.20
N HIS B 476 -2.38 -29.54 -18.48
CA HIS B 476 -2.15 -30.62 -17.54
C HIS B 476 -2.35 -30.17 -16.10
N GLN B 477 -3.47 -29.50 -15.85
CA GLN B 477 -3.75 -28.91 -14.54
C GLN B 477 -5.22 -29.09 -14.17
N VAL B 478 -5.47 -29.25 -12.87
CA VAL B 478 -6.81 -29.38 -12.32
C VAL B 478 -6.93 -28.35 -11.19
N MET B 479 -7.87 -27.43 -11.32
CA MET B 479 -8.10 -26.40 -10.30
C MET B 479 -9.15 -26.93 -9.33
N LEU B 480 -8.72 -27.18 -8.08
CA LEU B 480 -9.60 -27.85 -7.14
C LEU B 480 -10.41 -26.87 -6.28
N ASP B 481 -9.84 -25.72 -5.92
CA ASP B 481 -10.54 -24.86 -4.96
C ASP B 481 -10.39 -23.39 -5.28
N GLU B 482 -11.45 -22.77 -5.81
CA GLU B 482 -11.44 -21.35 -6.07
C GLU B 482 -11.57 -20.55 -4.78
N GLY B 483 -12.03 -21.18 -3.69
CA GLY B 483 -12.25 -20.46 -2.46
C GLY B 483 -10.98 -20.10 -1.75
N GLU B 484 -11.13 -19.18 -0.82
CA GLU B 484 -10.01 -18.69 -0.03
C GLU B 484 -9.73 -19.62 1.14
N GLY B 485 -8.46 -19.88 1.40
CA GLY B 485 -8.10 -20.76 2.48
C GLY B 485 -6.71 -20.47 2.99
N TRP B 486 -6.22 -21.37 3.85
CA TRP B 486 -4.86 -21.24 4.38
C TRP B 486 -3.79 -21.65 3.39
N GLY B 487 -4.12 -22.46 2.38
CA GLY B 487 -3.27 -22.65 1.23
C GLY B 487 -2.31 -23.81 1.26
N TYR B 488 -2.06 -24.44 2.41
CA TYR B 488 -1.10 -25.54 2.45
C TYR B 488 -1.71 -26.82 1.90
N SER B 489 -0.86 -27.65 1.28
CA SER B 489 -1.30 -28.88 0.65
C SER B 489 -0.18 -29.92 0.67
N CYS B 490 -0.55 -31.19 0.50
CA CYS B 490 0.44 -32.26 0.36
C CYS B 490 -0.15 -33.34 -0.54
N LEU B 491 0.68 -33.87 -1.44
CA LEU B 491 0.25 -34.83 -2.44
C LEU B 491 0.77 -36.22 -2.14
N THR B 492 0.09 -37.21 -2.70
CA THR B 492 0.55 -38.60 -2.67
C THR B 492 -0.12 -39.33 -3.83
N MET B 493 0.37 -40.55 -4.09
CA MET B 493 -0.27 -41.45 -5.06
C MET B 493 -1.11 -42.46 -4.28
N ILE B 494 -2.43 -42.41 -4.46
CA ILE B 494 -3.28 -43.44 -3.87
C ILE B 494 -3.02 -44.78 -4.54
N ASP B 495 -3.00 -44.79 -5.88
CA ASP B 495 -2.74 -46.02 -6.60
C ASP B 495 -2.17 -45.68 -7.98
N LYS B 496 -1.81 -46.73 -8.72
CA LYS B 496 -1.17 -46.56 -10.02
C LYS B 496 -1.91 -45.59 -10.92
N GLU B 497 -3.18 -45.32 -10.65
CA GLU B 497 -3.97 -44.43 -11.48
C GLU B 497 -4.51 -43.20 -10.77
N THR B 498 -4.40 -43.11 -9.44
CA THR B 498 -5.06 -42.01 -8.74
C THR B 498 -4.13 -41.31 -7.77
N ILE B 499 -4.19 -39.95 -7.82
CA ILE B 499 -3.50 -39.02 -6.94
C ILE B 499 -4.39 -38.70 -5.75
N GLY B 500 -3.79 -38.52 -4.59
CA GLY B 500 -4.49 -38.00 -3.42
C GLY B 500 -3.89 -36.68 -3.00
N ILE B 501 -4.73 -35.77 -2.52
CA ILE B 501 -4.28 -34.47 -2.05
C ILE B 501 -4.97 -34.17 -0.72
N LEU B 502 -4.17 -33.78 0.27
CA LEU B 502 -4.67 -33.31 1.57
C LEU B 502 -4.25 -31.86 1.73
N TYR B 503 -5.22 -30.97 1.92
CA TYR B 503 -4.91 -29.55 1.93
C TYR B 503 -5.89 -28.76 2.77
N GLU B 504 -5.50 -27.52 3.06
CA GLU B 504 -6.34 -26.57 3.80
C GLU B 504 -7.22 -25.84 2.78
N SER B 505 -8.50 -26.15 2.79
CA SER B 505 -9.42 -25.65 1.76
C SER B 505 -10.35 -24.60 2.32
N SER B 506 -11.22 -24.08 1.45
CA SER B 506 -12.24 -23.11 1.85
C SER B 506 -13.44 -23.76 2.52
N VAL B 507 -13.51 -25.09 2.54
CA VAL B 507 -14.66 -25.80 3.09
C VAL B 507 -14.31 -26.66 4.28
N ALA B 508 -13.04 -26.92 4.55
CA ALA B 508 -12.65 -27.70 5.71
C ALA B 508 -11.17 -27.49 6.00
N HIS B 509 -10.81 -27.57 7.29
CA HIS B 509 -9.42 -27.36 7.67
C HIS B 509 -8.51 -28.39 7.04
N MET B 510 -8.91 -29.65 7.05
CA MET B 510 -8.17 -30.73 6.40
C MET B 510 -9.11 -31.39 5.39
N THR B 511 -8.85 -31.17 4.10
CA THR B 511 -9.69 -31.69 3.03
C THR B 511 -8.89 -32.68 2.21
N PHE B 512 -9.46 -33.87 2.00
CA PHE B 512 -8.85 -34.89 1.17
C PHE B 512 -9.65 -35.03 -0.12
N GLN B 513 -8.95 -35.03 -1.25
CA GLN B 513 -9.56 -35.23 -2.55
C GLN B 513 -8.73 -36.21 -3.35
N ALA B 514 -9.42 -37.00 -4.17
CA ALA B 514 -8.80 -37.98 -5.07
C ALA B 514 -9.03 -37.53 -6.50
N VAL B 515 -7.95 -37.53 -7.29
CA VAL B 515 -7.99 -37.06 -8.67
C VAL B 515 -7.38 -38.15 -9.55
N GLN B 516 -8.15 -38.58 -10.55
CA GLN B 516 -7.66 -39.60 -11.47
C GLN B 516 -6.49 -39.06 -12.28
N LEU B 517 -5.45 -39.87 -12.40
CA LEU B 517 -4.28 -39.45 -13.18
C LEU B 517 -4.62 -39.08 -14.60
N ARG B 518 -5.59 -39.77 -15.18
CA ARG B 518 -6.01 -39.45 -16.53
C ARG B 518 -6.83 -38.17 -16.59
N ASP B 519 -7.32 -37.66 -15.47
CA ASP B 519 -8.05 -36.39 -15.43
C ASP B 519 -7.10 -35.23 -15.70
N ILE B 520 -5.89 -35.27 -15.14
CA ILE B 520 -4.94 -34.17 -15.30
C ILE B 520 -4.25 -34.23 -16.65
N ILE B 521 -3.78 -35.40 -17.05
CA ILE B 521 -3.11 -35.58 -18.33
C ILE B 521 -4.03 -36.39 -19.24
N LYS B 522 -4.79 -35.70 -20.08
CA LYS B 522 -5.69 -36.39 -21.01
C LYS B 522 -4.97 -36.69 -22.32
N SER C 1 20.21 -11.12 45.13
CA SER C 1 19.06 -12.00 45.03
C SER C 1 18.04 -11.51 44.01
N ASP C 2 17.10 -12.39 43.67
CA ASP C 2 16.02 -12.08 42.74
C ASP C 2 14.80 -11.58 43.48
N THR C 3 14.13 -10.59 42.92
CA THR C 3 12.96 -9.98 43.52
C THR C 3 11.70 -10.47 42.82
N VAL C 4 10.69 -10.81 43.62
CA VAL C 4 9.39 -11.23 43.11
C VAL C 4 8.48 -10.00 42.99
N PHE C 5 8.10 -9.65 41.77
CA PHE C 5 7.23 -8.51 41.52
C PHE C 5 5.77 -8.96 41.55
N VAL C 6 4.94 -8.18 42.24
CA VAL C 6 3.55 -8.53 42.47
C VAL C 6 2.65 -7.41 41.94
N ARG C 7 1.62 -7.79 41.20
CA ARG C 7 0.60 -6.85 40.73
C ARG C 7 -0.76 -7.41 41.12
N GLU C 8 -1.43 -6.75 42.07
CA GLU C 8 -2.79 -7.10 42.43
C GLU C 8 -3.73 -6.59 41.35
N THR C 9 -4.73 -7.40 41.01
CA THR C 9 -5.67 -7.02 39.98
C THR C 9 -6.80 -6.17 40.55
N GLN C 10 -7.51 -5.47 39.66
CA GLN C 10 -8.67 -4.67 40.01
C GLN C 10 -9.78 -4.98 38.99
N ILE C 11 -10.28 -6.20 39.03
CA ILE C 11 -11.34 -6.65 38.13
C ILE C 11 -12.42 -7.36 38.96
N PRO C 12 -13.64 -7.41 38.44
CA PRO C 12 -14.71 -8.09 39.19
C PRO C 12 -14.39 -9.56 39.44
N VAL C 13 -14.74 -10.03 40.63
CA VAL C 13 -14.65 -11.44 41.00
C VAL C 13 -16.02 -12.05 40.82
N LEU C 14 -16.20 -12.84 39.75
CA LEU C 14 -17.51 -13.42 39.46
C LEU C 14 -17.80 -14.58 40.40
N ILE C 15 -18.99 -14.56 41.00
CA ILE C 15 -19.36 -15.55 41.99
C ILE C 15 -19.47 -16.95 41.37
N GLU C 16 -19.95 -17.03 40.13
CA GLU C 16 -20.12 -18.35 39.51
C GLU C 16 -18.83 -18.91 38.91
N ARG C 17 -17.78 -18.09 38.77
CA ARG C 17 -16.56 -18.54 38.12
C ARG C 17 -15.77 -19.47 39.04
N GLN C 18 -15.16 -20.48 38.44
CA GLN C 18 -14.29 -21.40 39.17
C GLN C 18 -12.91 -20.80 39.46
N ASP C 19 -12.53 -19.76 38.72
CA ASP C 19 -11.26 -19.08 38.90
C ASP C 19 -11.45 -17.59 38.69
N ASN C 20 -10.73 -16.78 39.45
CA ASN C 20 -10.67 -15.35 39.27
C ASN C 20 -9.26 -14.88 39.58
N VAL C 21 -8.67 -14.11 38.66
CA VAL C 21 -7.30 -13.64 38.83
C VAL C 21 -7.27 -12.58 39.92
N LEU C 22 -6.54 -12.85 41.00
CA LEU C 22 -6.43 -11.93 42.12
C LEU C 22 -5.06 -11.27 42.20
N PHE C 23 -3.98 -12.04 42.02
CA PHE C 23 -2.63 -11.49 41.99
C PHE C 23 -1.86 -12.09 40.82
N MET C 24 -0.94 -11.30 40.27
CA MET C 24 0.01 -11.78 39.26
C MET C 24 1.42 -11.60 39.82
N LEU C 25 2.25 -12.63 39.66
CA LEU C 25 3.61 -12.62 40.20
C LEU C 25 4.60 -12.93 39.09
N ARG C 26 5.66 -12.11 39.01
CA ARG C 26 6.74 -12.32 38.06
C ARG C 26 8.05 -12.48 38.82
N LEU C 27 8.84 -13.48 38.45
CA LEU C 27 10.14 -13.71 39.05
C LEU C 27 11.14 -14.05 37.95
N ASN C 28 12.14 -13.20 37.78
CA ASN C 28 13.26 -13.47 36.88
C ASN C 28 14.31 -14.22 37.68
N ALA C 29 14.40 -15.54 37.46
CA ALA C 29 15.20 -16.42 38.32
C ALA C 29 16.62 -16.52 37.80
N LYS C 30 17.41 -15.47 38.08
CA LYS C 30 18.85 -15.51 37.84
C LYS C 30 19.58 -16.30 38.91
N GLU C 31 19.19 -16.12 40.18
CA GLU C 31 19.82 -16.84 41.28
C GLU C 31 18.84 -17.72 42.04
N SER C 32 17.64 -17.93 41.53
CA SER C 32 16.64 -18.74 42.22
C SER C 32 16.47 -20.07 41.51
N HIS C 33 16.18 -21.10 42.29
CA HIS C 33 16.09 -22.46 41.80
C HIS C 33 14.68 -23.03 41.91
N THR C 34 14.02 -22.82 43.05
CA THR C 34 12.70 -23.35 43.30
C THR C 34 11.88 -22.33 44.08
N LEU C 35 10.60 -22.23 43.74
CA LEU C 35 9.64 -21.42 44.48
C LEU C 35 8.82 -22.37 45.34
N ASP C 36 8.97 -22.26 46.66
CA ASP C 36 8.38 -23.25 47.55
C ASP C 36 6.94 -22.90 47.87
N GLU C 37 6.66 -21.68 48.30
CA GLU C 37 5.31 -21.35 48.72
C GLU C 37 5.07 -19.84 48.67
N VAL C 38 3.79 -19.49 48.69
CA VAL C 38 3.32 -18.12 48.80
C VAL C 38 2.30 -18.08 49.95
N VAL C 39 2.47 -17.13 50.86
CA VAL C 39 1.59 -17.00 52.02
C VAL C 39 0.73 -15.76 51.84
N LEU C 40 -0.56 -15.92 52.04
CA LEU C 40 -1.58 -14.92 51.73
C LEU C 40 -2.38 -14.66 53.00
N ASN C 41 -2.66 -13.39 53.27
CA ASN C 41 -3.45 -12.98 54.43
C ASN C 41 -4.64 -12.17 53.94
N PHE C 42 -5.84 -12.68 54.19
CA PHE C 42 -7.05 -11.93 53.91
C PHE C 42 -7.25 -10.85 54.97
N GLY C 43 -7.93 -9.78 54.58
CA GLY C 43 -8.19 -8.68 55.49
C GLY C 43 -9.08 -9.10 56.65
N LYS C 44 -9.00 -8.33 57.73
CA LYS C 44 -9.76 -8.68 58.93
C LYS C 44 -11.26 -8.63 58.65
N ASP C 45 -11.69 -7.80 57.70
CA ASP C 45 -13.10 -7.62 57.39
C ASP C 45 -13.63 -8.66 56.40
N VAL C 46 -12.76 -9.48 55.81
CA VAL C 46 -13.21 -10.47 54.85
C VAL C 46 -14.04 -11.54 55.54
N ASN C 47 -15.15 -11.92 54.92
CA ASN C 47 -15.99 -13.01 55.39
C ASN C 47 -15.48 -14.29 54.73
N MET C 48 -14.61 -15.02 55.44
CA MET C 48 -14.00 -16.20 54.86
C MET C 48 -15.02 -17.27 54.50
N SER C 49 -16.21 -17.24 55.12
CA SER C 49 -17.23 -18.24 54.84
C SER C 49 -17.83 -18.12 53.44
N ASP C 50 -17.60 -17.01 52.75
CA ASP C 50 -18.07 -16.86 51.37
C ASP C 50 -17.04 -17.22 50.33
N ILE C 51 -15.85 -17.65 50.75
CA ILE C 51 -14.76 -17.98 49.83
C ILE C 51 -14.67 -19.49 49.71
N GLN C 52 -14.85 -19.99 48.49
CA GLN C 52 -14.80 -21.43 48.26
C GLN C 52 -13.36 -21.94 48.24
N SER C 53 -12.48 -21.25 47.52
CA SER C 53 -11.11 -21.75 47.46
C SER C 53 -10.15 -20.66 46.99
N VAL C 54 -8.88 -20.91 47.28
CA VAL C 54 -7.78 -20.08 46.80
C VAL C 54 -6.73 -21.00 46.20
N LYS C 55 -6.21 -20.63 45.02
CA LYS C 55 -5.29 -21.50 44.31
C LYS C 55 -4.08 -20.73 43.82
N LEU C 56 -2.98 -21.46 43.63
CA LEU C 56 -1.75 -20.92 43.08
C LEU C 56 -1.43 -21.66 41.78
N TYR C 57 -1.34 -20.89 40.69
CA TYR C 57 -1.08 -21.38 39.35
C TYR C 57 0.30 -20.95 38.88
N TYR C 58 0.93 -21.78 38.06
CA TYR C 58 2.16 -21.45 37.37
C TYR C 58 1.88 -21.38 35.88
N SER C 59 2.34 -20.31 35.23
CA SER C 59 2.01 -20.05 33.83
C SER C 59 3.23 -20.00 32.94
N GLY C 60 4.36 -20.52 33.40
CA GLY C 60 5.52 -20.67 32.54
C GLY C 60 6.36 -19.41 32.44
N THR C 61 6.97 -19.23 31.27
CA THR C 61 7.97 -18.17 31.07
C THR C 61 7.51 -17.17 30.02
N GLU C 62 8.45 -16.37 29.52
CA GLU C 62 8.18 -15.29 28.57
C GLU C 62 9.13 -15.41 27.38
N ALA C 63 8.71 -14.85 26.26
CA ALA C 63 9.60 -14.74 25.11
C ALA C 63 10.77 -13.82 25.46
N ARG C 64 11.98 -14.22 25.05
CA ARG C 64 13.18 -13.52 25.49
C ARG C 64 13.21 -12.08 25.00
N GLN C 65 12.61 -11.80 23.83
CA GLN C 65 12.55 -10.42 23.35
C GLN C 65 11.61 -9.55 24.19
N ASN C 66 10.77 -10.16 25.03
CA ASN C 66 9.84 -9.43 25.88
C ASN C 66 10.37 -9.20 27.29
N TYR C 67 11.57 -9.68 27.60
CA TYR C 67 12.19 -9.32 28.85
C TYR C 67 12.34 -7.80 28.89
N GLY C 68 12.14 -7.22 30.06
CA GLY C 68 12.23 -5.78 30.20
C GLY C 68 10.98 -5.04 29.76
N LYS C 69 9.93 -5.75 29.37
CA LYS C 69 8.65 -5.13 29.06
C LYS C 69 7.72 -5.07 30.27
N ASN C 70 8.13 -5.65 31.40
CA ASN C 70 7.37 -5.56 32.65
C ASN C 70 5.95 -6.11 32.51
N PHE C 71 5.81 -7.15 31.71
CA PHE C 71 4.56 -7.88 31.64
C PHE C 71 4.48 -8.83 32.83
N PHE C 72 3.28 -9.02 33.34
CA PHE C 72 3.05 -9.88 34.49
C PHE C 72 2.34 -11.18 34.13
N ALA C 73 2.04 -11.40 32.85
CA ALA C 73 1.43 -12.65 32.40
C ALA C 73 1.84 -12.88 30.96
N PRO C 74 1.96 -14.14 30.54
CA PRO C 74 2.28 -14.41 29.13
C PRO C 74 1.08 -14.36 28.22
N VAL C 75 -0.14 -14.44 28.77
CA VAL C 75 -1.37 -14.50 27.98
C VAL C 75 -2.55 -14.30 28.95
N SER C 76 -3.74 -14.06 28.41
CA SER C 76 -4.94 -13.95 29.24
C SER C 76 -5.33 -15.33 29.77
N TYR C 77 -5.52 -15.41 31.09
CA TYR C 77 -5.69 -16.70 31.75
C TYR C 77 -7.12 -17.23 31.64
N ILE C 78 -8.12 -16.36 31.72
CA ILE C 78 -9.52 -16.77 31.75
C ILE C 78 -10.24 -16.05 30.62
N SER C 79 -10.84 -16.82 29.72
CA SER C 79 -11.50 -16.24 28.55
C SER C 79 -12.89 -15.73 28.91
N SER C 80 -13.27 -14.63 28.27
CA SER C 80 -14.65 -14.14 28.33
C SER C 80 -15.35 -14.25 26.98
N HIS C 81 -14.74 -14.96 26.02
CA HIS C 81 -15.29 -15.00 24.67
C HIS C 81 -15.49 -16.42 24.16
N THR C 82 -14.70 -17.36 24.64
CA THR C 82 -14.79 -18.72 24.12
C THR C 82 -16.05 -19.39 24.63
N PRO C 83 -17.02 -19.73 23.78
CA PRO C 83 -18.28 -20.30 24.29
C PRO C 83 -18.04 -21.58 25.08
N GLY C 84 -18.62 -21.64 26.28
CA GLY C 84 -18.52 -22.81 27.13
C GLY C 84 -17.22 -22.97 27.89
N LYS C 85 -16.29 -22.03 27.76
CA LYS C 85 -15.00 -22.10 28.44
C LYS C 85 -14.64 -20.77 29.07
N THR C 86 -15.61 -20.12 29.70
CA THR C 86 -15.40 -18.81 30.32
C THR C 86 -15.49 -18.86 31.84
N LEU C 87 -15.69 -20.04 32.44
CA LEU C 87 -15.89 -20.16 33.87
C LEU C 87 -14.64 -20.60 34.61
N ALA C 88 -13.67 -21.20 33.93
CA ALA C 88 -12.46 -21.71 34.56
C ALA C 88 -11.23 -21.25 33.78
N ALA C 89 -10.10 -21.22 34.46
CA ALA C 89 -8.84 -20.88 33.82
C ALA C 89 -8.52 -21.91 32.74
N ASN C 90 -7.97 -21.44 31.64
CA ASN C 90 -7.56 -22.33 30.55
C ASN C 90 -6.45 -23.25 31.04
N PRO C 91 -6.68 -24.57 31.10
CA PRO C 91 -5.63 -25.44 31.66
C PRO C 91 -4.33 -25.43 30.87
N SER C 92 -4.38 -25.17 29.56
CA SER C 92 -3.17 -25.17 28.76
C SER C 92 -2.25 -24.00 29.11
N TYR C 93 -2.80 -22.92 29.68
CA TYR C 93 -2.03 -21.74 30.02
C TYR C 93 -1.53 -21.73 31.47
N SER C 94 -2.22 -22.43 32.37
CA SER C 94 -1.94 -22.34 33.80
C SER C 94 -1.99 -23.72 34.45
N ILE C 95 -0.96 -24.03 35.24
CA ILE C 95 -0.85 -25.30 35.94
C ILE C 95 -1.21 -25.09 37.41
N ASN C 96 -2.23 -25.80 37.88
CA ASN C 96 -2.65 -25.70 39.28
C ASN C 96 -1.55 -26.27 40.15
N LYS C 97 -0.82 -25.40 40.85
CA LYS C 97 0.26 -25.83 41.73
C LYS C 97 -0.25 -26.09 43.14
N SER C 98 -1.25 -25.34 43.59
CA SER C 98 -1.81 -25.62 44.91
C SER C 98 -3.24 -25.11 44.98
N GLN C 99 -3.99 -25.69 45.91
CA GLN C 99 -5.39 -25.38 46.10
C GLN C 99 -5.74 -25.55 47.56
N VAL C 100 -6.45 -24.58 48.13
CA VAL C 100 -6.97 -24.68 49.48
C VAL C 100 -8.45 -24.37 49.42
N ASN C 101 -9.28 -25.34 49.82
CA ASN C 101 -10.72 -25.15 49.89
C ASN C 101 -11.11 -24.73 51.30
N ASN C 102 -12.10 -23.85 51.40
CA ASN C 102 -12.58 -23.33 52.66
C ASN C 102 -11.41 -22.78 53.49
N PRO C 103 -10.65 -21.83 52.93
CA PRO C 103 -9.42 -21.41 53.60
C PRO C 103 -9.69 -20.59 54.85
N LYS C 104 -8.67 -20.51 55.69
CA LYS C 104 -8.64 -19.58 56.80
C LYS C 104 -8.17 -18.22 56.31
N ARG C 105 -8.18 -17.23 57.21
CA ARG C 105 -7.72 -15.89 56.85
C ARG C 105 -6.26 -15.93 56.42
N LYS C 106 -5.49 -16.87 56.95
CA LYS C 106 -4.10 -17.09 56.55
C LYS C 106 -4.03 -18.36 55.73
N VAL C 107 -3.49 -18.25 54.51
CA VAL C 107 -3.41 -19.36 53.57
C VAL C 107 -1.97 -19.53 53.17
N ALA C 108 -1.46 -20.76 53.23
CA ALA C 108 -0.15 -21.09 52.71
C ALA C 108 -0.37 -21.94 51.46
N LEU C 109 0.10 -21.46 50.31
CA LEU C 109 -0.08 -22.14 49.04
C LEU C 109 1.30 -22.71 48.67
N LYS C 110 1.44 -24.02 48.80
CA LYS C 110 2.67 -24.69 48.41
C LYS C 110 2.79 -24.81 46.90
N ALA C 111 3.94 -24.44 46.36
CA ALA C 111 4.14 -24.55 44.92
C ALA C 111 5.15 -25.62 44.55
N ASN C 112 6.31 -25.64 45.21
CA ASN C 112 7.37 -26.60 44.86
C ASN C 112 7.63 -26.57 43.37
N GLN C 113 7.68 -25.36 42.81
CA GLN C 113 7.79 -25.18 41.37
C GLN C 113 9.25 -24.98 41.00
N LYS C 114 9.78 -25.90 40.21
CA LYS C 114 11.09 -25.71 39.61
C LYS C 114 11.01 -24.53 38.64
N LEU C 115 11.87 -23.54 38.84
CA LEU C 115 11.78 -22.28 38.08
C LEU C 115 12.57 -22.38 36.78
N PHE C 116 12.00 -21.78 35.73
CA PHE C 116 12.72 -21.66 34.46
C PHE C 116 13.88 -20.67 34.63
N PRO C 117 15.06 -20.95 34.07
CA PRO C 117 16.18 -20.00 34.19
C PRO C 117 15.91 -18.73 33.41
N GLY C 118 15.04 -17.89 33.95
CA GLY C 118 14.60 -16.68 33.30
C GLY C 118 13.32 -16.18 33.95
N ILE C 119 12.40 -15.65 33.16
CA ILE C 119 11.14 -15.14 33.70
C ILE C 119 10.22 -16.29 34.05
N ASN C 120 9.56 -16.20 35.20
CA ASN C 120 8.56 -17.16 35.63
C ASN C 120 7.31 -16.40 36.02
N TYR C 121 6.16 -16.86 35.55
CA TYR C 121 4.88 -16.23 35.86
C TYR C 121 4.06 -17.14 36.75
N PHE C 122 3.54 -16.59 37.85
CA PHE C 122 2.59 -17.27 38.71
C PHE C 122 1.37 -16.37 38.88
N TRP C 123 0.26 -16.95 39.31
CA TRP C 123 -0.86 -16.10 39.71
C TRP C 123 -1.75 -16.80 40.73
N ILE C 124 -2.49 -16.00 41.47
CA ILE C 124 -3.36 -16.48 42.54
C ILE C 124 -4.81 -16.38 42.07
N SER C 125 -5.57 -17.43 42.29
CA SER C 125 -6.98 -17.49 41.91
C SER C 125 -7.83 -17.49 43.17
N LEU C 126 -8.94 -16.76 43.11
CA LEU C 126 -9.92 -16.68 44.18
C LEU C 126 -11.26 -17.16 43.65
N GLN C 127 -11.84 -18.16 44.31
CA GLN C 127 -13.15 -18.68 43.96
C GLN C 127 -14.09 -18.47 45.14
N MET C 128 -15.20 -17.78 44.90
CA MET C 128 -16.20 -17.51 45.91
C MET C 128 -17.19 -18.67 46.00
N LYS C 129 -17.99 -18.66 47.04
CA LYS C 129 -19.08 -19.61 47.16
C LYS C 129 -20.21 -19.18 46.22
N PRO C 130 -20.97 -20.13 45.68
CA PRO C 130 -22.08 -19.73 44.78
C PRO C 130 -23.07 -18.79 45.43
N ASP C 131 -23.26 -18.87 46.73
CA ASP C 131 -24.27 -18.08 47.43
C ASP C 131 -23.71 -16.80 48.06
N ALA C 132 -22.50 -16.39 47.69
CA ALA C 132 -21.85 -15.25 48.33
C ALA C 132 -22.57 -13.94 48.02
N SER C 133 -22.61 -13.06 49.00
CA SER C 133 -23.35 -11.81 48.84
C SER C 133 -22.72 -10.89 47.80
N LEU C 134 -23.58 -10.21 47.04
CA LEU C 134 -23.11 -9.26 46.05
C LEU C 134 -22.37 -8.09 46.68
N LEU C 135 -22.59 -7.84 47.97
CA LEU C 135 -21.98 -6.72 48.67
C LEU C 135 -20.64 -7.10 49.30
N ASP C 136 -20.24 -8.37 49.21
CA ASP C 136 -19.00 -8.79 49.83
C ASP C 136 -17.83 -8.06 49.21
N LYS C 137 -16.90 -7.64 50.07
CA LYS C 137 -15.67 -7.00 49.64
C LYS C 137 -14.51 -7.85 50.13
N VAL C 138 -13.52 -8.06 49.28
CA VAL C 138 -12.37 -8.90 49.60
C VAL C 138 -11.10 -8.06 49.49
N ALA C 139 -10.31 -8.08 50.56
CA ALA C 139 -9.00 -7.46 50.58
C ALA C 139 -8.00 -8.52 51.04
N ALA C 140 -6.79 -8.48 50.48
CA ALA C 140 -5.78 -9.46 50.86
C ALA C 140 -4.41 -8.94 50.50
N LYS C 141 -3.40 -9.48 51.19
CA LYS C 141 -2.01 -9.15 50.95
C LYS C 141 -1.21 -10.43 50.84
N ILE C 142 -0.09 -10.37 50.12
CA ILE C 142 0.86 -11.47 50.06
C ILE C 142 1.88 -11.21 51.17
N ALA C 143 1.82 -12.01 52.23
CA ALA C 143 2.63 -11.76 53.41
C ALA C 143 4.08 -12.15 53.17
N ALA C 144 4.32 -13.24 52.45
CA ALA C 144 5.67 -13.70 52.22
C ALA C 144 5.69 -14.66 51.05
N ILE C 145 6.85 -14.73 50.40
CA ILE C 145 7.09 -15.68 49.30
C ILE C 145 8.41 -16.39 49.61
N LYS C 146 8.36 -17.72 49.66
CA LYS C 146 9.52 -18.52 50.06
C LYS C 146 10.16 -19.08 48.80
N VAL C 147 11.42 -18.72 48.59
CA VAL C 147 12.20 -19.19 47.44
C VAL C 147 13.49 -19.82 47.95
N ASP C 148 13.72 -21.08 47.59
CA ASP C 148 14.92 -21.81 48.01
C ASP C 148 15.04 -21.82 49.53
N ASN C 149 13.89 -21.95 50.21
CA ASN C 149 13.83 -22.04 51.66
C ASN C 149 14.28 -20.76 52.35
N LYS C 150 14.14 -19.62 51.67
CA LYS C 150 14.39 -18.32 52.26
C LYS C 150 13.36 -17.32 51.74
N GLU C 151 13.03 -16.34 52.58
CA GLU C 151 12.06 -15.32 52.20
C GLU C 151 12.62 -14.48 51.06
N ALA C 152 11.91 -14.45 49.95
CA ALA C 152 12.34 -13.66 48.79
C ALA C 152 11.86 -12.23 48.92
N LEU C 153 12.69 -11.31 48.43
CA LEU C 153 12.28 -9.91 48.40
C LEU C 153 11.09 -9.74 47.47
N MET C 154 10.14 -8.92 47.89
CA MET C 154 8.96 -8.62 47.10
C MET C 154 8.91 -7.12 46.78
N HIS C 155 8.38 -6.81 45.61
CA HIS C 155 8.08 -5.44 45.21
C HIS C 155 6.68 -5.44 44.60
N THR C 156 5.76 -4.72 45.25
CA THR C 156 4.38 -4.65 44.81
C THR C 156 4.18 -3.37 44.02
N VAL C 157 3.84 -3.52 42.73
CA VAL C 157 3.66 -2.36 41.87
C VAL C 157 2.24 -1.81 41.93
N SER C 158 1.28 -2.60 42.38
CA SER C 158 -0.09 -2.15 42.51
C SER C 158 -0.27 -1.35 43.80
N PRO C 159 -1.32 -0.54 43.87
CA PRO C 159 -1.51 0.31 45.06
C PRO C 159 -2.06 -0.49 46.24
N GLU C 160 -1.97 0.13 47.41
CA GLU C 160 -2.50 -0.49 48.63
C GLU C 160 -4.00 -0.28 48.75
N ASN C 161 -4.61 -1.05 49.65
CA ASN C 161 -6.03 -0.90 49.96
C ASN C 161 -6.89 -1.10 48.72
N ILE C 162 -6.48 -2.04 47.86
CA ILE C 162 -7.34 -2.46 46.77
C ILE C 162 -8.53 -3.21 47.33
N VAL C 163 -9.73 -2.83 46.89
CA VAL C 163 -10.97 -3.47 47.29
C VAL C 163 -11.48 -4.30 46.13
N HIS C 164 -11.50 -5.62 46.31
CA HIS C 164 -12.02 -6.53 45.31
C HIS C 164 -13.52 -6.70 45.51
N ARG C 165 -14.27 -6.48 44.45
CA ARG C 165 -15.72 -6.60 44.47
C ARG C 165 -16.16 -7.81 43.68
N VAL C 166 -17.24 -8.44 44.13
CA VAL C 166 -17.78 -9.61 43.45
C VAL C 166 -18.75 -9.13 42.38
N GLY C 167 -19.23 -10.05 41.55
CA GLY C 167 -20.15 -9.70 40.50
C GLY C 167 -20.81 -10.95 39.96
N VAL C 168 -21.83 -10.74 39.16
CA VAL C 168 -22.59 -11.83 38.56
C VAL C 168 -22.47 -11.74 37.05
N GLY C 169 -22.03 -12.85 36.44
CA GLY C 169 -22.05 -12.96 35.01
C GLY C 169 -23.44 -13.25 34.50
N VAL C 170 -24.26 -12.23 34.32
CA VAL C 170 -25.63 -12.43 33.88
C VAL C 170 -25.66 -13.14 32.53
N ARG C 171 -24.73 -12.79 31.64
CA ARG C 171 -24.59 -13.49 30.36
C ARG C 171 -23.11 -13.75 30.09
N HIS C 172 -22.79 -15.00 29.78
CA HIS C 172 -21.46 -15.38 29.30
C HIS C 172 -21.54 -15.72 27.82
N ALA C 173 -20.43 -15.52 27.12
CA ALA C 173 -20.35 -15.91 25.72
C ALA C 173 -20.76 -17.37 25.54
N GLY C 174 -21.73 -17.61 24.65
CA GLY C 174 -22.21 -18.93 24.37
C GLY C 174 -23.51 -19.29 25.05
N ASP C 175 -23.89 -18.56 26.10
CA ASP C 175 -25.12 -18.87 26.82
C ASP C 175 -26.31 -18.91 25.86
N ASP C 176 -27.16 -19.91 26.06
CA ASP C 176 -28.38 -20.07 25.27
C ASP C 176 -28.06 -20.07 23.78
N GLY C 177 -26.95 -20.70 23.42
CA GLY C 177 -26.60 -20.89 22.03
C GLY C 177 -26.24 -19.64 21.28
N SER C 178 -25.98 -18.53 21.97
CA SER C 178 -25.65 -17.26 21.34
C SER C 178 -24.17 -16.97 21.51
N ALA C 179 -23.53 -16.54 20.42
CA ALA C 179 -22.09 -16.28 20.47
C ALA C 179 -21.75 -15.12 21.40
N SER C 180 -22.61 -14.08 21.45
CA SER C 180 -22.26 -12.94 22.28
C SER C 180 -23.50 -12.16 22.70
N PHE C 181 -23.29 -11.29 23.70
CA PHE C 181 -24.31 -10.40 24.21
C PHE C 181 -23.69 -9.03 24.39
N ARG C 182 -24.44 -7.99 24.04
CA ARG C 182 -23.88 -6.64 24.07
C ARG C 182 -24.94 -5.60 24.40
N ILE C 183 -24.51 -4.36 24.57
CA ILE C 183 -25.38 -3.19 24.71
C ILE C 183 -26.34 -3.36 25.89
N PRO C 184 -25.92 -3.01 27.10
CA PRO C 184 -26.80 -3.21 28.26
C PRO C 184 -27.81 -2.08 28.47
N GLY C 185 -28.95 -2.48 29.01
CA GLY C 185 -29.89 -1.52 29.60
C GLY C 185 -30.37 -2.10 30.92
N LEU C 186 -30.63 -1.22 31.87
CA LEU C 186 -30.92 -1.68 33.22
C LEU C 186 -31.89 -0.73 33.92
N VAL C 187 -32.97 -1.30 34.47
CA VAL C 187 -33.93 -0.51 35.24
C VAL C 187 -34.45 -1.31 36.42
N THR C 188 -35.06 -0.58 37.36
CA THR C 188 -35.71 -1.15 38.53
C THR C 188 -37.18 -0.76 38.51
N THR C 189 -38.06 -1.75 38.60
CA THR C 189 -39.50 -1.48 38.57
C THR C 189 -39.95 -0.95 39.92
N ASN C 190 -41.21 -0.49 39.98
CA ASN C 190 -41.76 0.02 41.23
C ASN C 190 -41.82 -1.05 42.31
N LYS C 191 -41.79 -2.33 41.95
CA LYS C 191 -41.79 -3.44 42.90
C LYS C 191 -40.39 -3.91 43.27
N GLY C 192 -39.35 -3.21 42.82
CA GLY C 192 -37.99 -3.62 43.10
C GLY C 192 -37.41 -4.67 42.18
N THR C 193 -38.11 -5.02 41.10
CA THR C 193 -37.60 -5.99 40.15
C THR C 193 -36.56 -5.35 39.25
N LEU C 194 -35.43 -6.05 39.06
CA LEU C 194 -34.40 -5.60 38.15
C LEU C 194 -34.63 -6.20 36.77
N LEU C 195 -34.59 -5.36 35.74
CA LEU C 195 -34.71 -5.79 34.35
C LEU C 195 -33.47 -5.32 33.59
N GLY C 196 -32.76 -6.28 32.99
CA GLY C 196 -31.61 -5.98 32.15
C GLY C 196 -31.81 -6.47 30.73
N VAL C 197 -31.66 -5.57 29.76
CA VAL C 197 -31.90 -5.89 28.36
C VAL C 197 -30.60 -5.78 27.57
N TYR C 198 -30.57 -6.47 26.43
CA TYR C 198 -29.34 -6.48 25.66
C TYR C 198 -29.54 -7.08 24.28
N ASP C 199 -28.57 -6.78 23.39
CA ASP C 199 -28.43 -7.48 22.13
C ASP C 199 -28.00 -8.91 22.37
N VAL C 200 -28.75 -9.85 21.80
CA VAL C 200 -28.38 -11.26 21.71
C VAL C 200 -27.86 -11.45 20.29
N ARG C 201 -26.53 -11.54 20.14
CA ARG C 201 -25.88 -11.66 18.83
C ARG C 201 -25.45 -13.11 18.65
N TYR C 202 -26.23 -13.85 17.86
CA TYR C 202 -26.09 -15.30 17.81
C TYR C 202 -24.84 -15.73 17.06
N ASN C 203 -24.60 -15.14 15.89
CA ASN C 203 -23.51 -15.63 15.04
C ASN C 203 -22.14 -15.16 15.52
N ASN C 204 -22.05 -13.92 15.98
CA ASN C 204 -20.78 -13.33 16.39
C ASN C 204 -21.10 -12.03 17.11
N SER C 205 -20.07 -11.22 17.35
CA SER C 205 -20.22 -9.98 18.10
C SER C 205 -20.47 -8.77 17.20
N ALA C 206 -20.67 -8.98 15.92
CA ALA C 206 -20.82 -7.86 14.98
C ALA C 206 -22.09 -7.08 15.23
N ASP C 207 -22.03 -5.78 14.91
CA ASP C 207 -23.20 -4.93 15.01
C ASP C 207 -24.22 -5.29 13.92
N LEU C 208 -25.42 -4.71 14.02
CA LEU C 208 -26.38 -4.81 12.95
C LEU C 208 -25.75 -4.30 11.66
N GLN C 209 -26.09 -4.90 10.52
CA GLN C 209 -27.09 -5.96 10.42
C GLN C 209 -26.52 -7.34 10.77
N GLU C 210 -27.34 -8.17 11.40
CA GLU C 210 -26.96 -9.54 11.72
C GLU C 210 -28.12 -10.26 12.43
N HIS C 211 -27.92 -11.52 12.78
CA HIS C 211 -28.94 -12.29 13.49
C HIS C 211 -28.89 -11.87 14.96
N VAL C 212 -29.74 -10.92 15.33
CA VAL C 212 -29.72 -10.32 16.66
C VAL C 212 -31.15 -10.20 17.17
N ASP C 213 -31.35 -10.57 18.44
CA ASP C 213 -32.60 -10.36 19.14
C ASP C 213 -32.37 -9.44 20.32
N ILE C 214 -33.44 -9.05 21.00
CA ILE C 214 -33.35 -8.34 22.27
C ILE C 214 -33.68 -9.35 23.37
N GLY C 215 -32.71 -9.61 24.24
CA GLY C 215 -32.88 -10.50 25.36
C GLY C 215 -33.04 -9.72 26.66
N LEU C 216 -33.66 -10.39 27.64
CA LEU C 216 -33.98 -9.78 28.92
C LEU C 216 -33.75 -10.74 30.06
N SER C 217 -33.03 -10.26 31.08
CA SER C 217 -32.81 -10.98 32.32
C SER C 217 -33.57 -10.28 33.44
N ARG C 218 -34.33 -11.06 34.21
CA ARG C 218 -35.22 -10.52 35.24
C ARG C 218 -34.80 -11.09 36.59
N SER C 219 -34.60 -10.20 37.57
CA SER C 219 -34.17 -10.59 38.90
C SER C 219 -35.12 -10.01 39.94
N VAL C 220 -35.55 -10.85 40.87
CA VAL C 220 -36.45 -10.44 41.95
C VAL C 220 -35.74 -10.40 43.30
N ASP C 221 -34.43 -10.59 43.32
CA ASP C 221 -33.69 -10.63 44.59
C ASP C 221 -32.48 -9.71 44.55
N GLY C 222 -32.62 -8.56 43.90
CA GLY C 222 -31.56 -7.58 43.91
C GLY C 222 -30.36 -7.88 43.04
N GLY C 223 -30.51 -8.78 42.07
CA GLY C 223 -29.42 -9.09 41.15
C GLY C 223 -28.59 -10.30 41.54
N LYS C 224 -28.89 -10.94 42.68
CA LYS C 224 -28.15 -12.13 43.09
C LYS C 224 -28.42 -13.29 42.13
N THR C 225 -29.68 -13.51 41.79
CA THR C 225 -30.05 -14.55 40.84
C THR C 225 -30.92 -13.94 39.75
N TRP C 226 -30.80 -14.50 38.56
CA TRP C 226 -31.50 -13.97 37.40
C TRP C 226 -32.33 -15.06 36.75
N GLU C 227 -33.53 -14.68 36.33
CA GLU C 227 -34.46 -15.64 35.73
C GLU C 227 -34.03 -16.01 34.32
N LYS C 228 -34.56 -17.13 33.85
CA LYS C 228 -34.33 -17.61 32.50
C LYS C 228 -34.54 -16.48 31.49
N MET C 229 -33.71 -16.47 30.46
CA MET C 229 -33.73 -15.39 29.49
C MET C 229 -35.06 -15.30 28.75
N ARG C 230 -35.53 -14.08 28.56
CA ARG C 230 -36.70 -13.79 27.73
C ARG C 230 -36.26 -13.02 26.49
N LEU C 231 -37.17 -12.95 25.51
CA LEU C 231 -36.91 -12.25 24.24
C LEU C 231 -38.03 -11.27 23.95
N PRO C 232 -37.95 -10.05 24.48
CA PRO C 232 -39.02 -9.07 24.20
C PRO C 232 -39.14 -8.69 22.74
N LEU C 233 -38.05 -8.72 21.97
CA LEU C 233 -38.09 -8.29 20.57
C LEU C 233 -37.28 -9.26 19.72
N ALA C 234 -37.95 -9.91 18.76
CA ALA C 234 -37.30 -10.79 17.81
C ALA C 234 -38.16 -10.87 16.57
N PHE C 235 -37.55 -10.76 15.39
CA PHE C 235 -38.29 -10.67 14.16
C PHE C 235 -38.12 -11.87 13.24
N GLY C 236 -37.21 -12.79 13.55
CA GLY C 236 -37.10 -14.01 12.78
C GLY C 236 -37.05 -13.72 11.30
N GLU C 237 -37.85 -14.47 10.54
CA GLU C 237 -37.90 -14.35 9.07
C GLU C 237 -39.03 -13.43 8.61
N THR C 238 -39.20 -12.29 9.29
CA THR C 238 -40.21 -11.33 8.90
C THR C 238 -39.95 -10.82 7.48
N GLY C 239 -41.03 -10.64 6.74
CA GLY C 239 -40.92 -10.23 5.35
C GLY C 239 -40.33 -11.26 4.42
N ASP C 240 -40.24 -12.52 4.86
CA ASP C 240 -39.66 -13.61 4.10
C ASP C 240 -38.18 -13.43 3.83
N LEU C 241 -37.51 -12.60 4.64
CA LEU C 241 -36.06 -12.47 4.60
C LEU C 241 -35.43 -13.34 5.68
N PRO C 242 -34.17 -13.73 5.52
CA PRO C 242 -33.51 -14.52 6.57
C PRO C 242 -33.48 -13.78 7.89
N ALA C 243 -33.35 -14.55 8.98
CA ALA C 243 -33.32 -13.96 10.31
C ALA C 243 -32.15 -13.00 10.46
N ALA C 244 -31.00 -13.33 9.85
CA ALA C 244 -29.83 -12.48 9.92
C ALA C 244 -30.02 -11.16 9.19
N GLN C 245 -31.09 -11.00 8.41
CA GLN C 245 -31.43 -9.74 7.79
C GLN C 245 -32.68 -9.13 8.42
N ASN C 246 -32.90 -9.44 9.71
CA ASN C 246 -34.06 -8.96 10.45
C ASN C 246 -33.69 -8.68 11.91
N GLY C 247 -32.44 -8.33 12.16
CA GLY C 247 -32.00 -8.13 13.54
C GLY C 247 -32.60 -6.90 14.17
N VAL C 248 -32.72 -6.95 15.49
CA VAL C 248 -33.15 -5.81 16.30
C VAL C 248 -32.18 -5.67 17.46
N GLY C 249 -31.69 -4.44 17.68
CA GLY C 249 -30.62 -4.25 18.65
C GLY C 249 -30.54 -2.86 19.26
N ASP C 250 -29.51 -2.63 20.06
CA ASP C 250 -29.28 -1.37 20.75
C ASP C 250 -30.49 -1.02 21.61
N PRO C 251 -30.86 -1.88 22.55
CA PRO C 251 -32.10 -1.66 23.30
C PRO C 251 -31.95 -0.55 24.33
N SER C 252 -33.07 0.11 24.60
CA SER C 252 -33.19 1.07 25.69
C SER C 252 -34.48 0.77 26.44
N ILE C 253 -34.40 0.72 27.77
CA ILE C 253 -35.52 0.29 28.59
C ILE C 253 -35.86 1.38 29.60
N LEU C 254 -37.15 1.56 29.87
CA LEU C 254 -37.59 2.49 30.90
C LEU C 254 -38.79 1.90 31.62
N VAL C 255 -39.03 2.41 32.83
CA VAL C 255 -40.16 2.03 33.64
C VAL C 255 -41.06 3.26 33.75
N ASP C 256 -42.33 3.10 33.38
CA ASP C 256 -43.33 4.13 33.56
C ASP C 256 -43.70 4.14 35.04
N THR C 257 -43.10 5.07 35.79
CA THR C 257 -43.26 5.05 37.24
C THR C 257 -44.70 5.29 37.65
N LYS C 258 -45.47 5.98 36.82
CA LYS C 258 -46.87 6.22 37.14
C LYS C 258 -47.69 4.94 37.11
N THR C 259 -47.31 3.97 36.28
CA THR C 259 -48.09 2.76 36.09
C THR C 259 -47.33 1.47 36.35
N ASN C 260 -46.00 1.52 36.46
CA ASN C 260 -45.13 0.35 36.54
C ASN C 260 -45.10 -0.44 35.23
N THR C 261 -45.59 0.15 34.14
CA THR C 261 -45.52 -0.47 32.83
C THR C 261 -44.09 -0.34 32.31
N VAL C 262 -43.53 -1.44 31.80
CA VAL C 262 -42.15 -1.45 31.34
C VAL C 262 -42.14 -1.29 29.83
N TRP C 263 -41.30 -0.40 29.32
CA TRP C 263 -41.18 -0.17 27.89
C TRP C 263 -39.76 -0.46 27.44
N VAL C 264 -39.63 -1.17 26.30
CA VAL C 264 -38.35 -1.41 25.66
C VAL C 264 -38.44 -0.92 24.22
N VAL C 265 -37.50 -0.08 23.82
CA VAL C 265 -37.42 0.45 22.47
C VAL C 265 -36.13 -0.03 21.83
N ALA C 266 -36.20 -0.34 20.54
CA ALA C 266 -35.03 -0.84 19.81
C ALA C 266 -35.16 -0.51 18.33
N ALA C 267 -34.08 -0.77 17.60
CA ALA C 267 -33.98 -0.47 16.18
C ALA C 267 -33.97 -1.79 15.40
N TRP C 268 -35.02 -2.00 14.60
CA TRP C 268 -35.18 -3.20 13.79
C TRP C 268 -34.70 -2.89 12.37
N THR C 269 -33.70 -3.63 11.90
CA THR C 269 -33.15 -3.47 10.56
C THR C 269 -33.60 -4.62 9.67
N HIS C 270 -34.07 -4.29 8.48
CA HIS C 270 -34.60 -5.26 7.52
C HIS C 270 -33.78 -5.20 6.24
N GLY C 271 -33.27 -6.33 5.79
CA GLY C 271 -32.47 -6.38 4.61
C GLY C 271 -31.05 -5.95 4.84
N MET C 272 -30.52 -5.09 3.95
CA MET C 272 -29.19 -4.51 4.08
C MET C 272 -28.08 -5.55 3.99
N GLY C 273 -28.36 -6.74 3.46
CA GLY C 273 -27.34 -7.76 3.35
C GLY C 273 -26.72 -8.09 4.69
N ASN C 274 -25.39 -8.21 4.70
CA ASN C 274 -24.64 -8.49 5.92
C ASN C 274 -23.76 -7.31 6.32
N GLN C 275 -24.12 -6.10 5.91
CA GLN C 275 -23.34 -4.91 6.18
C GLN C 275 -23.87 -4.21 7.43
N ARG C 276 -23.10 -3.23 7.91
CA ARG C 276 -23.47 -2.51 9.12
C ARG C 276 -24.64 -1.57 8.82
N ALA C 277 -25.65 -1.59 9.69
CA ALA C 277 -26.81 -0.74 9.50
C ALA C 277 -26.45 0.73 9.53
N TRP C 278 -25.35 1.07 10.21
CA TRP C 278 -24.94 2.47 10.30
C TRP C 278 -24.71 3.07 8.91
N TRP C 279 -24.25 2.25 7.95
CA TRP C 279 -24.04 2.70 6.59
C TRP C 279 -24.97 2.03 5.59
N SER C 280 -25.99 1.30 6.06
CA SER C 280 -26.92 0.63 5.18
C SER C 280 -28.36 1.09 5.34
N SER C 281 -28.67 1.90 6.35
CA SER C 281 -29.99 2.53 6.48
C SER C 281 -30.00 3.84 5.71
N TYR C 282 -31.05 4.07 4.94
CA TYR C 282 -31.14 5.18 4.01
C TYR C 282 -32.45 5.93 4.18
N PRO C 283 -32.55 7.12 3.59
CA PRO C 283 -33.79 7.89 3.73
C PRO C 283 -35.01 7.13 3.20
N GLY C 284 -36.16 7.46 3.75
CA GLY C 284 -37.40 6.77 3.49
C GLY C 284 -38.12 6.49 4.78
N MET C 285 -39.14 5.63 4.71
CA MET C 285 -39.91 5.30 5.91
C MET C 285 -40.20 3.81 6.06
N ASP C 286 -40.25 3.04 4.98
CA ASP C 286 -40.63 1.64 5.10
C ASP C 286 -39.41 0.79 5.42
N MET C 287 -39.67 -0.48 5.77
CA MET C 287 -38.62 -1.38 6.18
C MET C 287 -37.57 -1.58 5.09
N ASN C 288 -37.99 -1.51 3.83
CA ASN C 288 -37.10 -1.83 2.72
C ASN C 288 -36.06 -0.74 2.46
N HIS C 289 -36.13 0.37 3.17
CA HIS C 289 -35.19 1.46 2.99
C HIS C 289 -34.50 1.89 4.29
N THR C 290 -35.23 1.97 5.40
CA THR C 290 -34.68 2.57 6.61
C THR C 290 -35.02 1.71 7.82
N ALA C 291 -34.19 1.85 8.85
CA ALA C 291 -34.41 1.14 10.10
C ALA C 291 -35.71 1.59 10.76
N GLN C 292 -36.37 0.63 11.41
CA GLN C 292 -37.66 0.86 12.05
C GLN C 292 -37.48 0.97 13.58
N LEU C 293 -38.16 1.94 14.18
CA LEU C 293 -38.12 2.13 15.63
C LEU C 293 -39.30 1.39 16.26
N VAL C 294 -39.00 0.36 17.06
CA VAL C 294 -40.04 -0.54 17.56
C VAL C 294 -40.03 -0.55 19.08
N LEU C 295 -41.22 -0.76 19.65
CA LEU C 295 -41.42 -0.87 21.09
C LEU C 295 -42.07 -2.20 21.45
N SER C 296 -41.77 -2.67 22.67
CA SER C 296 -42.51 -3.75 23.31
C SER C 296 -42.75 -3.34 24.75
N LYS C 297 -43.93 -3.63 25.27
CA LYS C 297 -44.29 -3.23 26.62
C LYS C 297 -44.70 -4.45 27.45
N SER C 298 -44.54 -4.31 28.75
CA SER C 298 -44.92 -5.32 29.72
C SER C 298 -45.77 -4.67 30.81
N THR C 299 -46.90 -5.30 31.12
CA THR C 299 -47.79 -4.83 32.17
C THR C 299 -47.79 -5.76 33.37
N ASP C 300 -46.83 -6.69 33.45
CA ASP C 300 -46.75 -7.65 34.55
C ASP C 300 -45.33 -7.72 35.09
N ASP C 301 -44.74 -6.56 35.31
CA ASP C 301 -43.43 -6.46 35.97
C ASP C 301 -42.34 -7.16 35.17
N GLY C 302 -42.46 -7.16 33.84
CA GLY C 302 -41.44 -7.68 32.97
C GLY C 302 -41.50 -9.16 32.68
N LYS C 303 -42.56 -9.85 33.13
CA LYS C 303 -42.65 -11.29 32.92
C LYS C 303 -43.01 -11.63 31.48
N THR C 304 -44.01 -10.95 30.91
CA THR C 304 -44.42 -11.17 29.52
C THR C 304 -44.35 -9.87 28.74
N TRP C 305 -44.22 -9.98 27.43
CA TRP C 305 -43.98 -8.83 26.56
C TRP C 305 -44.86 -8.85 25.33
N SER C 306 -45.33 -7.67 24.93
CA SER C 306 -46.23 -7.52 23.81
C SER C 306 -45.48 -7.66 22.47
N LYS C 307 -46.26 -7.79 21.40
CA LYS C 307 -45.74 -7.78 20.05
C LYS C 307 -45.17 -6.41 19.75
N PRO C 308 -44.34 -6.29 18.70
CA PRO C 308 -43.66 -5.01 18.44
C PRO C 308 -44.65 -3.92 18.06
N ILE C 309 -44.36 -2.69 18.51
CA ILE C 309 -45.15 -1.52 18.18
C ILE C 309 -44.26 -0.62 17.33
N ASN C 310 -44.63 -0.44 16.05
CA ASN C 310 -43.80 0.29 15.10
C ASN C 310 -44.22 1.75 15.12
N ILE C 311 -43.33 2.62 15.60
CA ILE C 311 -43.61 4.05 15.74
C ILE C 311 -42.77 4.89 14.80
N THR C 312 -42.13 4.28 13.81
CA THR C 312 -41.25 5.05 12.92
C THR C 312 -41.98 6.25 12.30
N GLU C 313 -43.21 6.05 11.86
CA GLU C 313 -43.95 7.13 11.22
C GLU C 313 -44.23 8.27 12.19
N GLN C 314 -44.30 7.98 13.50
CA GLN C 314 -44.66 9.00 14.47
C GLN C 314 -43.56 10.03 14.62
N VAL C 315 -42.29 9.60 14.59
CA VAL C 315 -41.19 10.46 15.02
C VAL C 315 -40.09 10.61 13.99
N LYS C 316 -40.01 9.77 12.97
CA LYS C 316 -38.90 9.83 12.01
C LYS C 316 -39.22 10.78 10.86
N ASP C 317 -38.30 11.70 10.60
CA ASP C 317 -38.35 12.54 9.41
C ASP C 317 -37.91 11.73 8.20
N PRO C 318 -38.66 11.76 7.09
CA PRO C 318 -38.30 10.90 5.96
C PRO C 318 -36.90 11.14 5.40
N SER C 319 -36.32 12.33 5.58
CA SER C 319 -35.01 12.61 4.99
C SER C 319 -33.86 12.06 5.81
N TRP C 320 -34.10 11.59 7.03
CA TRP C 320 -33.03 11.02 7.84
C TRP C 320 -32.62 9.66 7.30
N TYR C 321 -31.32 9.36 7.40
CA TYR C 321 -30.84 8.04 6.98
C TYR C 321 -31.24 6.97 7.98
N PHE C 322 -31.24 7.31 9.27
CA PHE C 322 -31.31 6.31 10.33
C PHE C 322 -31.77 7.03 11.58
N LEU C 323 -32.89 6.58 12.15
CA LEU C 323 -33.33 7.06 13.45
C LEU C 323 -33.30 5.88 14.41
N LEU C 324 -32.67 6.08 15.56
CA LEU C 324 -32.65 5.03 16.57
C LEU C 324 -32.60 5.71 17.93
N GLN C 325 -33.00 4.97 18.96
CA GLN C 325 -32.84 5.46 20.31
C GLN C 325 -31.41 5.21 20.80
N GLY C 326 -31.03 5.95 21.82
CA GLY C 326 -29.76 5.76 22.49
C GLY C 326 -29.79 4.59 23.46
N PRO C 327 -28.90 3.62 23.25
CA PRO C 327 -28.94 2.41 24.07
C PRO C 327 -28.83 2.73 25.55
N GLY C 328 -29.42 1.86 26.36
CA GLY C 328 -29.38 2.02 27.80
C GLY C 328 -30.75 2.07 28.44
N ARG C 329 -31.14 3.25 28.91
CA ARG C 329 -32.43 3.39 29.58
C ARG C 329 -33.00 4.78 29.33
N GLY C 330 -34.31 4.89 29.55
CA GLY C 330 -35.00 6.15 29.64
C GLY C 330 -35.40 6.48 31.07
N ILE C 331 -36.33 7.43 31.19
CA ILE C 331 -36.78 7.91 32.50
C ILE C 331 -38.27 8.20 32.44
N THR C 332 -38.85 8.37 33.63
CA THR C 332 -40.14 9.00 33.80
C THR C 332 -39.91 10.32 34.54
N MET C 333 -40.29 11.43 33.92
CA MET C 333 -40.15 12.73 34.55
C MET C 333 -41.13 12.87 35.70
N GLN C 334 -40.83 13.80 36.61
CA GLN C 334 -41.66 13.98 37.79
C GLN C 334 -43.11 14.24 37.44
N ASP C 335 -43.37 14.89 36.31
CA ASP C 335 -44.73 15.22 35.89
C ASP C 335 -45.41 14.10 35.10
N GLY C 336 -44.72 12.96 34.90
CA GLY C 336 -45.31 11.82 34.27
C GLY C 336 -44.94 11.60 32.81
N THR C 337 -44.26 12.57 32.20
CA THR C 337 -43.85 12.43 30.80
C THR C 337 -42.72 11.43 30.67
N LEU C 338 -42.83 10.56 29.65
CA LEU C 338 -41.82 9.55 29.39
C LEU C 338 -40.81 10.06 28.38
N VAL C 339 -39.53 9.79 28.61
CA VAL C 339 -38.45 10.27 27.76
C VAL C 339 -37.49 9.13 27.44
N PHE C 340 -37.17 8.96 26.15
CA PHE C 340 -36.11 8.10 25.65
C PHE C 340 -35.08 8.96 24.94
N PRO C 341 -33.79 8.83 25.25
CA PRO C 341 -32.78 9.48 24.41
C PRO C 341 -32.75 8.85 23.02
N ILE C 342 -32.47 9.68 22.01
CA ILE C 342 -32.48 9.24 20.63
C ILE C 342 -31.32 9.89 19.87
N GLN C 343 -31.11 9.40 18.66
CA GLN C 343 -30.07 9.87 17.75
C GLN C 343 -30.53 9.59 16.33
N PHE C 344 -30.25 10.54 15.43
CA PHE C 344 -30.61 10.37 14.03
C PHE C 344 -29.49 10.88 13.13
N ILE C 345 -29.23 10.12 12.08
CA ILE C 345 -28.33 10.54 11.00
C ILE C 345 -29.18 11.35 10.03
N ASP C 346 -28.89 12.65 9.93
CA ASP C 346 -29.75 13.55 9.17
C ASP C 346 -29.41 13.45 7.68
N SER C 347 -30.02 14.32 6.86
CA SER C 347 -29.88 14.24 5.42
C SER C 347 -28.46 14.53 4.94
N THR C 348 -27.62 15.15 5.77
CA THR C 348 -26.23 15.40 5.42
C THR C 348 -25.31 14.27 5.89
N ARG C 349 -25.86 13.17 6.40
CA ARG C 349 -25.08 12.01 6.84
C ARG C 349 -24.29 12.29 8.12
N VAL C 350 -24.73 13.27 8.89
CA VAL C 350 -24.11 13.62 10.17
C VAL C 350 -25.05 13.21 11.29
N PRO C 351 -24.57 12.50 12.31
CA PRO C 351 -25.47 12.09 13.41
C PRO C 351 -25.63 13.18 14.45
N ASN C 352 -26.83 13.27 15.00
CA ASN C 352 -27.15 14.21 16.07
C ASN C 352 -28.02 13.53 17.11
N ALA C 353 -27.75 13.83 18.38
CA ALA C 353 -28.48 13.26 19.50
C ALA C 353 -29.58 14.21 19.96
N GLY C 354 -30.61 13.63 20.56
CA GLY C 354 -31.71 14.40 21.08
C GLY C 354 -32.54 13.54 22.00
N ILE C 355 -33.78 13.96 22.21
CA ILE C 355 -34.69 13.24 23.09
C ILE C 355 -36.03 13.05 22.38
N MET C 356 -36.75 12.01 22.77
CA MET C 356 -38.06 11.67 22.25
C MET C 356 -38.95 11.43 23.46
N TYR C 357 -40.17 11.99 23.44
CA TYR C 357 -40.99 11.98 24.64
C TYR C 357 -42.44 11.67 24.31
N SER C 358 -43.13 11.13 25.31
CA SER C 358 -44.55 10.82 25.24
C SER C 358 -45.24 11.41 26.47
N LYS C 359 -46.32 12.14 26.23
CA LYS C 359 -47.12 12.75 27.29
C LYS C 359 -48.35 11.92 27.63
N ASP C 360 -48.59 10.83 26.91
CA ASP C 360 -49.78 10.01 27.07
C ASP C 360 -49.45 8.55 27.40
N ARG C 361 -48.44 8.35 28.23
CA ARG C 361 -48.08 7.03 28.75
C ARG C 361 -47.57 6.09 27.66
N GLY C 362 -47.00 6.65 26.59
CA GLY C 362 -46.33 5.86 25.58
C GLY C 362 -47.15 5.49 24.36
N GLU C 363 -48.36 6.01 24.22
CA GLU C 363 -49.15 5.71 23.03
C GLU C 363 -48.61 6.46 21.82
N THR C 364 -48.24 7.72 21.99
CA THR C 364 -47.69 8.55 20.93
C THR C 364 -46.40 9.20 21.41
N TRP C 365 -45.49 9.42 20.48
CA TRP C 365 -44.17 9.96 20.79
C TRP C 365 -43.87 11.11 19.85
N LYS C 366 -42.93 11.97 20.27
CA LYS C 366 -42.62 13.17 19.52
C LYS C 366 -41.16 13.51 19.69
N ILE C 367 -40.58 14.08 18.64
CA ILE C 367 -39.20 14.56 18.66
C ILE C 367 -39.19 15.99 18.12
N HIS C 368 -38.35 16.84 18.70
CA HIS C 368 -38.28 18.21 18.23
C HIS C 368 -36.97 18.53 17.54
N ASN C 369 -35.94 18.90 18.31
CA ASN C 369 -34.68 19.33 17.72
C ASN C 369 -33.51 18.65 18.43
N TYR C 370 -32.40 18.52 17.71
CA TYR C 370 -31.22 17.88 18.26
C TYR C 370 -30.51 18.82 19.24
N ALA C 371 -29.84 18.22 20.22
CA ALA C 371 -29.12 18.99 21.22
C ALA C 371 -27.81 19.53 20.69
N ARG C 372 -27.12 18.75 19.86
CA ARG C 372 -25.77 19.09 19.42
C ARG C 372 -25.46 18.27 18.18
N THR C 373 -24.66 18.83 17.29
CA THR C 373 -24.33 18.14 16.05
C THR C 373 -23.19 17.15 16.27
N ASN C 374 -23.16 16.13 15.42
CA ASN C 374 -22.10 15.12 15.41
C ASN C 374 -22.02 14.40 16.75
N THR C 375 -23.17 14.01 17.28
CA THR C 375 -23.27 13.21 18.49
C THR C 375 -24.16 12.01 18.20
N THR C 376 -23.95 10.93 18.97
CA THR C 376 -24.69 9.69 18.73
C THR C 376 -25.35 9.19 20.02
N GLU C 377 -24.68 8.31 20.73
CA GLU C 377 -25.27 7.69 21.92
C GLU C 377 -25.37 8.70 23.06
N ALA C 378 -26.52 8.75 23.71
CA ALA C 378 -26.74 9.69 24.79
C ALA C 378 -27.69 9.10 25.82
N GLN C 379 -27.58 9.60 27.04
CA GLN C 379 -28.50 9.25 28.12
C GLN C 379 -29.03 10.53 28.76
N VAL C 380 -30.25 10.45 29.28
CA VAL C 380 -30.96 11.63 29.76
C VAL C 380 -31.38 11.43 31.20
N ALA C 381 -31.38 12.52 31.96
CA ALA C 381 -31.85 12.48 33.35
C ALA C 381 -32.48 13.82 33.72
N GLU C 382 -33.50 13.76 34.57
CA GLU C 382 -34.14 14.97 35.07
C GLU C 382 -33.38 15.42 36.32
N VAL C 383 -32.43 16.34 36.12
CA VAL C 383 -31.58 16.75 37.23
C VAL C 383 -32.39 17.53 38.26
N GLU C 384 -33.21 18.47 37.80
CA GLU C 384 -34.15 19.21 38.60
C GLU C 384 -35.47 19.24 37.85
N PRO C 385 -36.59 19.45 38.55
CA PRO C 385 -37.90 19.27 37.90
C PRO C 385 -38.07 20.13 36.66
N GLY C 386 -38.45 19.47 35.56
CA GLY C 386 -38.66 20.16 34.31
C GLY C 386 -37.39 20.47 33.54
N VAL C 387 -36.25 20.02 34.04
CA VAL C 387 -34.96 20.33 33.44
C VAL C 387 -34.34 18.99 33.06
N LEU C 388 -34.16 18.76 31.75
CA LEU C 388 -33.62 17.51 31.26
C LEU C 388 -32.16 17.71 30.85
N MET C 389 -31.28 16.89 31.42
CA MET C 389 -29.85 16.90 31.13
C MET C 389 -29.54 15.73 30.20
N LEU C 390 -28.98 16.04 29.03
CA LEU C 390 -28.58 15.04 28.05
C LEU C 390 -27.06 14.98 28.04
N ASN C 391 -26.52 13.78 28.33
CA ASN C 391 -25.09 13.48 28.33
C ASN C 391 -24.80 12.62 27.11
N MET C 392 -23.93 13.11 26.23
CA MET C 392 -23.84 12.66 24.85
C MET C 392 -22.45 12.23 24.44
N ARG C 393 -22.41 11.11 23.72
CA ARG C 393 -21.20 10.65 23.05
C ARG C 393 -20.88 11.60 21.90
N ASP C 394 -19.66 12.12 21.88
CA ASP C 394 -19.27 13.19 20.96
C ASP C 394 -18.19 12.67 20.03
N ASN C 395 -18.48 12.69 18.73
CA ASN C 395 -17.54 12.20 17.73
C ASN C 395 -16.32 13.09 17.60
N ARG C 396 -16.32 14.29 18.19
CA ARG C 396 -15.11 15.09 18.24
C ARG C 396 -14.04 14.42 19.09
N GLY C 397 -14.45 13.60 20.05
CA GLY C 397 -13.52 12.81 20.83
C GLY C 397 -13.08 13.51 22.11
N GLY C 398 -12.67 12.71 23.08
CA GLY C 398 -11.99 13.17 24.26
C GLY C 398 -12.88 13.37 25.47
N SER C 399 -14.13 13.79 25.28
CA SER C 399 -14.96 14.10 26.43
C SER C 399 -16.43 14.14 26.02
N ARG C 400 -17.29 13.90 27.01
CA ARG C 400 -18.72 13.94 26.80
C ARG C 400 -19.19 15.37 26.54
N ALA C 401 -20.29 15.48 25.82
CA ALA C 401 -20.97 16.77 25.65
C ALA C 401 -22.25 16.77 26.49
N ILE C 402 -22.46 17.82 27.26
CA ILE C 402 -23.62 17.85 28.15
C ILE C 402 -24.43 19.11 27.86
N SER C 403 -25.74 18.93 27.69
CA SER C 403 -26.63 20.07 27.45
C SER C 403 -27.92 19.85 28.23
N THR C 404 -28.70 20.92 28.38
CA THR C 404 -29.96 20.84 29.10
C THR C 404 -31.06 21.54 28.33
N THR C 405 -32.29 21.05 28.51
CA THR C 405 -33.44 21.68 27.88
C THR C 405 -34.61 21.69 28.88
N LYS C 406 -35.39 22.76 28.82
CA LYS C 406 -36.55 22.97 29.66
C LYS C 406 -37.87 22.86 28.91
N ASP C 407 -37.83 22.60 27.61
CA ASP C 407 -39.00 22.52 26.75
C ASP C 407 -39.05 21.21 25.96
N LEU C 408 -38.54 20.13 26.55
CA LEU C 408 -38.60 18.80 25.95
C LEU C 408 -37.90 18.78 24.60
N GLY C 409 -36.79 19.51 24.50
CA GLY C 409 -35.96 19.45 23.31
C GLY C 409 -36.25 20.49 22.26
N LYS C 410 -37.11 21.47 22.54
CA LYS C 410 -37.33 22.53 21.55
C LYS C 410 -36.11 23.45 21.46
N THR C 411 -35.53 23.81 22.60
CA THR C 411 -34.29 24.58 22.65
C THR C 411 -33.35 23.93 23.66
N TRP C 412 -32.05 24.12 23.45
CA TRP C 412 -31.04 23.49 24.29
C TRP C 412 -30.00 24.53 24.71
N THR C 413 -29.49 24.35 25.93
CA THR C 413 -28.44 25.19 26.48
C THR C 413 -27.24 24.30 26.82
N GLU C 414 -26.05 24.71 26.40
CA GLU C 414 -24.83 23.98 26.71
C GLU C 414 -24.51 24.08 28.20
N HIS C 415 -24.19 22.94 28.81
CA HIS C 415 -23.89 22.88 30.23
C HIS C 415 -22.43 23.24 30.47
N SER C 416 -22.16 23.82 31.64
CA SER C 416 -20.80 24.24 31.96
C SER C 416 -19.84 23.07 31.95
N SER C 417 -20.29 21.88 32.35
CA SER C 417 -19.44 20.70 32.38
C SER C 417 -19.16 20.13 31.00
N SER C 418 -19.80 20.64 29.96
CA SER C 418 -19.70 20.03 28.64
C SER C 418 -18.28 20.09 28.12
N ARG C 419 -17.82 18.96 27.57
CA ARG C 419 -16.54 18.89 26.88
C ARG C 419 -15.37 19.26 27.79
N LYS C 420 -15.51 19.02 29.10
CA LYS C 420 -14.39 19.28 30.00
C LYS C 420 -14.38 18.36 31.21
N ALA C 421 -15.55 18.11 31.81
CA ALA C 421 -15.58 17.43 33.10
C ALA C 421 -15.39 15.92 32.96
N LEU C 422 -16.00 15.32 31.95
CA LEU C 422 -16.08 13.86 31.84
C LEU C 422 -15.38 13.41 30.56
N GLN C 423 -14.19 12.84 30.71
CA GLN C 423 -13.45 12.31 29.58
C GLN C 423 -14.08 11.00 29.11
N GLU C 424 -13.84 10.68 27.84
CA GLU C 424 -14.36 9.45 27.26
C GLU C 424 -13.47 9.07 26.07
N PRO C 425 -13.54 7.81 25.62
CA PRO C 425 -12.88 7.44 24.36
C PRO C 425 -13.86 7.34 23.20
N VAL C 426 -14.98 8.06 23.29
CA VAL C 426 -16.03 8.07 22.26
C VAL C 426 -16.91 6.84 22.44
N CYS C 427 -17.27 6.52 23.68
CA CYS C 427 -18.02 5.32 24.00
C CYS C 427 -19.38 5.70 24.57
N MET C 428 -20.21 4.69 24.82
CA MET C 428 -21.46 4.91 25.52
C MET C 428 -21.21 5.14 27.01
N ALA C 429 -22.11 5.89 27.64
CA ALA C 429 -22.01 6.19 29.05
C ALA C 429 -23.42 6.25 29.64
N SER C 430 -23.51 5.86 30.91
CA SER C 430 -24.77 5.84 31.63
C SER C 430 -24.86 7.07 32.53
N LEU C 431 -26.05 7.66 32.60
CA LEU C 431 -26.34 8.76 33.49
C LEU C 431 -27.72 8.53 34.11
N ILE C 432 -27.78 8.60 35.44
CA ILE C 432 -29.06 8.54 36.13
C ILE C 432 -29.08 9.62 37.21
N SER C 433 -30.28 10.07 37.55
CA SER C 433 -30.50 11.02 38.63
C SER C 433 -31.24 10.30 39.76
N VAL C 434 -30.76 10.45 40.98
CA VAL C 434 -31.40 9.88 42.15
C VAL C 434 -31.78 11.05 43.06
N LYS C 435 -33.08 11.21 43.30
CA LYS C 435 -33.55 12.32 44.11
C LYS C 435 -33.28 12.06 45.59
N ALA C 436 -33.20 13.17 46.35
CA ALA C 436 -32.81 13.10 47.74
C ALA C 436 -33.70 12.15 48.53
N LYS C 437 -35.01 12.28 48.35
CA LYS C 437 -35.98 11.50 49.12
C LYS C 437 -35.95 10.02 48.75
N ASP C 438 -35.27 9.64 47.68
CA ASP C 438 -35.23 8.25 47.23
C ASP C 438 -33.90 7.56 47.54
N ASN C 439 -33.03 8.16 48.34
CA ASN C 439 -31.77 7.53 48.69
C ASN C 439 -31.42 7.86 50.14
N VAL C 440 -30.50 7.07 50.71
CA VAL C 440 -30.24 7.14 52.13
C VAL C 440 -29.44 8.38 52.49
N LEU C 441 -28.81 9.04 51.51
CA LEU C 441 -28.06 10.25 51.80
C LEU C 441 -28.98 11.46 51.94
N ASN C 442 -30.24 11.34 51.52
CA ASN C 442 -31.18 12.46 51.53
C ASN C 442 -30.58 13.66 50.81
N LYS C 443 -29.86 13.40 49.72
CA LYS C 443 -29.31 14.46 48.88
C LYS C 443 -29.60 14.08 47.44
N ASP C 444 -29.86 15.10 46.60
CA ASP C 444 -30.00 14.87 45.18
C ASP C 444 -28.62 14.59 44.58
N ILE C 445 -28.51 13.46 43.87
CA ILE C 445 -27.22 13.04 43.30
C ILE C 445 -27.39 12.55 41.87
N LEU C 446 -26.30 12.65 41.11
CA LEU C 446 -26.20 12.12 39.76
C LEU C 446 -25.14 11.02 39.74
N LEU C 447 -25.44 9.94 39.05
CA LEU C 447 -24.51 8.82 38.91
C LEU C 447 -24.19 8.62 37.43
N PHE C 448 -22.90 8.46 37.12
CA PHE C 448 -22.40 8.38 35.74
C PHE C 448 -21.44 7.21 35.65
N SER C 449 -21.47 6.48 34.55
CA SER C 449 -20.55 5.36 34.38
C SER C 449 -20.10 5.23 32.93
N ASN C 450 -18.81 4.96 32.75
CA ASN C 450 -18.21 4.76 31.43
C ASN C 450 -16.74 4.40 31.59
N PRO C 451 -16.03 4.11 30.50
CA PRO C 451 -14.57 3.94 30.59
C PRO C 451 -13.88 5.24 30.91
N ASN C 452 -13.29 5.35 32.10
CA ASN C 452 -12.69 6.60 32.56
C ASN C 452 -11.31 6.77 31.92
N THR C 453 -11.34 7.10 30.63
CA THR C 453 -10.12 7.22 29.85
C THR C 453 -10.43 8.01 28.59
N VAL C 454 -9.38 8.38 27.87
CA VAL C 454 -9.50 9.01 26.55
C VAL C 454 -8.98 8.12 25.43
N LYS C 455 -8.39 6.97 25.73
CA LYS C 455 -7.89 6.03 24.74
C LYS C 455 -8.20 4.63 25.23
N GLY C 456 -8.88 3.84 24.42
CA GLY C 456 -9.27 2.50 24.79
C GLY C 456 -10.50 2.49 25.67
N ARG C 457 -11.11 1.31 25.78
CA ARG C 457 -12.32 1.11 26.58
C ARG C 457 -11.90 0.22 27.76
N HIS C 458 -11.55 0.87 28.87
CA HIS C 458 -11.10 0.17 30.06
C HIS C 458 -11.26 1.10 31.26
N HIS C 459 -10.98 0.54 32.44
CA HIS C 459 -11.20 1.25 33.70
C HIS C 459 -12.65 1.74 33.80
N ILE C 460 -13.57 0.79 33.67
CA ILE C 460 -14.98 1.07 33.97
C ILE C 460 -15.07 1.58 35.39
N THR C 461 -15.73 2.72 35.56
CA THR C 461 -15.77 3.45 36.82
C THR C 461 -17.12 4.14 36.99
N ILE C 462 -17.63 4.12 38.22
CA ILE C 462 -18.80 4.89 38.60
C ILE C 462 -18.35 6.21 39.23
N LYS C 463 -18.95 7.31 38.77
CA LYS C 463 -18.69 8.64 39.31
C LYS C 463 -19.98 9.21 39.86
N ALA C 464 -19.88 9.98 40.95
CA ALA C 464 -21.03 10.56 41.60
C ALA C 464 -20.87 12.08 41.68
N SER C 465 -21.96 12.80 41.45
CA SER C 465 -21.99 14.24 41.53
C SER C 465 -23.07 14.67 42.51
N LEU C 466 -22.73 15.59 43.41
CA LEU C 466 -23.67 16.12 44.39
C LEU C 466 -24.13 17.54 44.10
N ASP C 467 -23.55 18.19 43.10
CA ASP C 467 -23.87 19.57 42.76
C ASP C 467 -24.50 19.66 41.37
N GLY C 468 -25.35 18.69 41.04
CA GLY C 468 -26.06 18.71 39.79
C GLY C 468 -25.23 18.49 38.56
N GLY C 469 -24.05 17.90 38.69
CA GLY C 469 -23.20 17.60 37.55
C GLY C 469 -22.17 18.65 37.22
N VAL C 470 -22.04 19.70 38.02
CA VAL C 470 -21.02 20.71 37.76
C VAL C 470 -19.64 20.16 38.12
N THR C 471 -19.55 19.40 39.21
CA THR C 471 -18.30 18.84 39.68
C THR C 471 -18.44 17.34 39.84
N TRP C 472 -17.39 16.62 39.48
CA TRP C 472 -17.30 15.16 39.66
C TRP C 472 -16.00 14.94 40.44
N LEU C 473 -16.12 14.90 41.77
CA LEU C 473 -14.93 14.87 42.61
C LEU C 473 -14.27 13.50 42.56
N PRO C 474 -12.93 13.45 42.50
CA PRO C 474 -12.27 12.14 42.39
C PRO C 474 -12.60 11.19 43.53
N GLU C 475 -12.79 11.71 44.75
CA GLU C 475 -13.06 10.86 45.89
C GLU C 475 -14.44 10.21 45.83
N HIS C 476 -15.32 10.68 44.94
CA HIS C 476 -16.66 10.11 44.80
C HIS C 476 -16.73 9.22 43.56
N GLN C 477 -15.77 8.32 43.41
CA GLN C 477 -15.69 7.47 42.24
C GLN C 477 -15.26 6.08 42.67
N VAL C 478 -15.77 5.07 41.97
CA VAL C 478 -15.43 3.68 42.19
C VAL C 478 -15.02 3.08 40.85
N MET C 479 -13.79 2.60 40.75
CA MET C 479 -13.26 2.00 39.53
C MET C 479 -13.51 0.50 39.61
N LEU C 480 -14.38 0.00 38.74
CA LEU C 480 -14.79 -1.40 38.83
C LEU C 480 -13.96 -2.35 37.98
N ASP C 481 -13.50 -1.92 36.81
CA ASP C 481 -12.83 -2.88 35.91
C ASP C 481 -11.66 -2.23 35.18
N GLU C 482 -10.43 -2.58 35.58
CA GLU C 482 -9.25 -2.08 34.90
C GLU C 482 -9.00 -2.75 33.56
N GLY C 483 -9.60 -3.91 33.32
CA GLY C 483 -9.36 -4.66 32.10
C GLY C 483 -10.07 -4.08 30.90
N GLU C 484 -9.67 -4.57 29.72
CA GLU C 484 -10.27 -4.10 28.48
C GLU C 484 -11.56 -4.88 28.19
N GLY C 485 -12.55 -4.15 27.70
CA GLY C 485 -13.83 -4.73 27.35
C GLY C 485 -14.54 -3.87 26.32
N TRP C 486 -15.80 -4.19 26.08
CA TRP C 486 -16.58 -3.44 25.10
C TRP C 486 -17.03 -2.09 25.62
N GLY C 487 -17.07 -1.88 26.93
CA GLY C 487 -17.17 -0.55 27.51
C GLY C 487 -18.56 -0.03 27.80
N TYR C 488 -19.62 -0.64 27.28
CA TYR C 488 -20.96 -0.13 27.53
C TYR C 488 -21.44 -0.54 28.93
N SER C 489 -22.25 0.35 29.53
CA SER C 489 -22.74 0.15 30.88
C SER C 489 -24.10 0.84 31.06
N CYS C 490 -24.81 0.41 32.09
CA CYS C 490 -26.07 1.06 32.46
C CYS C 490 -26.27 0.93 33.96
N LEU C 491 -26.73 2.02 34.58
CA LEU C 491 -26.89 2.11 36.02
C LEU C 491 -28.35 2.06 36.42
N THR C 492 -28.58 1.67 37.68
CA THR C 492 -29.91 1.74 38.29
C THR C 492 -29.73 1.78 39.80
N MET C 493 -30.82 2.10 40.48
CA MET C 493 -30.87 2.05 41.94
C MET C 493 -31.52 0.73 42.33
N ILE C 494 -30.75 -0.17 42.96
CA ILE C 494 -31.36 -1.36 43.52
C ILE C 494 -32.25 -0.97 44.69
N ASP C 495 -31.73 -0.13 45.59
CA ASP C 495 -32.53 0.35 46.71
C ASP C 495 -31.96 1.67 47.18
N LYS C 496 -32.65 2.28 48.14
CA LYS C 496 -32.24 3.60 48.64
C LYS C 496 -30.77 3.65 49.05
N GLU C 497 -30.14 2.50 49.25
CA GLU C 497 -28.76 2.45 49.68
C GLU C 497 -27.80 1.85 48.67
N THR C 498 -28.30 1.21 47.60
CA THR C 498 -27.39 0.52 46.71
C THR C 498 -27.70 0.79 45.24
N ILE C 499 -26.60 1.04 44.49
CA ILE C 499 -26.57 1.21 43.04
C ILE C 499 -26.38 -0.16 42.41
N GLY C 500 -27.02 -0.38 41.26
CA GLY C 500 -26.76 -1.55 40.45
C GLY C 500 -26.20 -1.13 39.10
N ILE C 501 -25.29 -1.93 38.57
CA ILE C 501 -24.69 -1.64 37.27
C ILE C 501 -24.62 -2.92 36.45
N LEU C 502 -25.09 -2.84 35.20
CA LEU C 502 -24.96 -3.92 34.22
C LEU C 502 -24.09 -3.38 33.08
N TYR C 503 -22.96 -4.05 32.82
CA TYR C 503 -22.03 -3.50 31.85
C TYR C 503 -21.21 -4.60 31.19
N GLU C 504 -20.56 -4.23 30.08
CA GLU C 504 -19.68 -5.10 29.33
C GLU C 504 -18.27 -4.99 29.93
N SER C 505 -17.84 -6.03 30.60
CA SER C 505 -16.60 -6.02 31.36
C SER C 505 -15.54 -6.87 30.67
N SER C 506 -14.37 -6.94 31.29
CA SER C 506 -13.29 -7.80 30.81
C SER C 506 -13.48 -9.25 31.23
N VAL C 507 -14.49 -9.56 32.06
CA VAL C 507 -14.66 -10.91 32.56
C VAL C 507 -15.97 -11.55 32.13
N ALA C 508 -16.92 -10.79 31.58
CA ALA C 508 -18.16 -11.37 31.10
C ALA C 508 -18.88 -10.37 30.22
N HIS C 509 -19.64 -10.89 29.25
CA HIS C 509 -20.35 -10.03 28.31
C HIS C 509 -21.35 -9.13 29.04
N MET C 510 -22.10 -9.68 29.99
CA MET C 510 -22.99 -8.90 30.84
C MET C 510 -22.63 -9.16 32.29
N THR C 511 -22.06 -8.15 32.95
CA THR C 511 -21.61 -8.24 34.33
C THR C 511 -22.48 -7.31 35.17
N PHE C 512 -23.03 -7.85 36.25
CA PHE C 512 -23.83 -7.08 37.19
C PHE C 512 -23.06 -6.92 38.49
N GLN C 513 -22.99 -5.69 38.98
CA GLN C 513 -22.33 -5.39 40.24
C GLN C 513 -23.19 -4.43 41.05
N ALA C 514 -23.15 -4.60 42.36
CA ALA C 514 -23.87 -3.76 43.31
C ALA C 514 -22.87 -2.99 44.15
N VAL C 515 -23.10 -1.68 44.27
CA VAL C 515 -22.20 -0.81 45.03
C VAL C 515 -23.03 -0.01 46.01
N GLN C 516 -22.70 -0.09 47.30
CA GLN C 516 -23.43 0.71 48.28
C GLN C 516 -23.17 2.19 48.04
N LEU C 517 -24.22 2.99 48.17
CA LEU C 517 -24.10 4.43 47.96
C LEU C 517 -23.09 5.03 48.93
N ARG C 518 -22.99 4.49 50.15
CA ARG C 518 -21.99 4.95 51.10
C ARG C 518 -20.59 4.50 50.73
N ASP C 519 -20.47 3.51 49.84
CA ASP C 519 -19.15 3.14 49.33
C ASP C 519 -18.60 4.22 48.39
N ILE C 520 -19.45 4.76 47.52
CA ILE C 520 -19.02 5.75 46.55
C ILE C 520 -18.92 7.13 47.20
N ILE C 521 -19.93 7.51 47.96
CA ILE C 521 -19.98 8.79 48.65
C ILE C 521 -19.72 8.50 50.12
N LYS C 522 -18.48 8.74 50.56
CA LYS C 522 -18.09 8.40 51.91
C LYS C 522 -18.59 9.47 52.86
N HIS C 523 -18.89 9.06 54.08
CA HIS C 523 -19.42 9.94 55.10
C HIS C 523 -18.30 10.36 56.04
N HIS C 524 -18.19 11.67 56.26
CA HIS C 524 -17.23 12.22 57.22
C HIS C 524 -17.99 13.01 58.27
N HIS C 525 -17.52 12.93 59.51
CA HIS C 525 -18.06 13.73 60.59
C HIS C 525 -17.29 15.05 60.66
N HIS C 526 -17.86 16.00 61.39
CA HIS C 526 -17.23 17.30 61.56
C HIS C 526 -17.56 17.89 62.93
N SER D 1 -31.64 23.74 3.01
CA SER D 1 -30.48 24.59 2.75
C SER D 1 -30.20 24.69 1.26
N ASP D 2 -29.36 25.66 0.89
CA ASP D 2 -28.92 25.83 -0.49
C ASP D 2 -27.59 25.13 -0.70
N THR D 3 -27.45 24.49 -1.86
CA THR D 3 -26.26 23.73 -2.19
C THR D 3 -25.42 24.50 -3.21
N VAL D 4 -24.11 24.57 -2.97
CA VAL D 4 -23.18 25.20 -3.90
C VAL D 4 -22.68 24.11 -4.85
N PHE D 5 -23.01 24.24 -6.13
CA PHE D 5 -22.60 23.29 -7.15
C PHE D 5 -21.28 23.72 -7.78
N VAL D 6 -20.37 22.76 -7.95
CA VAL D 6 -19.02 23.03 -8.40
C VAL D 6 -18.76 22.25 -9.69
N ARG D 7 -18.18 22.92 -10.68
CA ARG D 7 -17.75 22.26 -11.90
C ARG D 7 -16.31 22.65 -12.17
N GLU D 8 -15.40 21.69 -12.03
CA GLU D 8 -14.00 21.88 -12.37
C GLU D 8 -13.86 21.84 -13.89
N THR D 9 -13.04 22.74 -14.43
CA THR D 9 -12.84 22.76 -15.87
C THR D 9 -11.78 21.74 -16.27
N GLN D 10 -11.78 21.41 -17.57
CA GLN D 10 -10.78 20.55 -18.18
C GLN D 10 -10.30 21.23 -19.47
N ILE D 11 -9.62 22.36 -19.32
CA ILE D 11 -9.13 23.14 -20.45
C ILE D 11 -7.68 23.53 -20.19
N PRO D 12 -6.92 23.82 -21.24
CA PRO D 12 -5.53 24.21 -21.06
C PRO D 12 -5.39 25.48 -20.23
N VAL D 13 -4.38 25.49 -19.37
CA VAL D 13 -4.02 26.65 -18.57
C VAL D 13 -2.84 27.33 -19.26
N LEU D 14 -3.10 28.46 -19.91
CA LEU D 14 -2.05 29.17 -20.64
C LEU D 14 -1.15 29.91 -19.67
N ILE D 15 0.16 29.70 -19.81
CA ILE D 15 1.11 30.24 -18.85
C ILE D 15 1.16 31.77 -18.93
N GLU D 16 1.04 32.33 -20.13
CA GLU D 16 1.12 33.77 -20.29
C GLU D 16 -0.19 34.47 -19.95
N ARG D 17 -1.28 33.73 -19.78
CA ARG D 17 -2.57 34.36 -19.54
C ARG D 17 -2.63 34.90 -18.12
N GLN D 18 -3.28 36.06 -17.96
CA GLN D 18 -3.51 36.63 -16.64
C GLN D 18 -4.63 35.94 -15.90
N ASP D 19 -5.48 35.18 -16.60
CA ASP D 19 -6.58 34.46 -15.97
C ASP D 19 -6.79 33.13 -16.69
N ASN D 20 -7.15 32.11 -15.92
CA ASN D 20 -7.54 30.82 -16.46
C ASN D 20 -8.64 30.26 -15.58
N VAL D 21 -9.76 29.85 -16.20
CA VAL D 21 -10.89 29.33 -15.45
C VAL D 21 -10.55 27.94 -14.92
N LEU D 22 -10.52 27.80 -13.61
CA LEU D 22 -10.22 26.54 -12.93
C LEU D 22 -11.45 25.89 -12.30
N PHE D 23 -12.27 26.66 -11.60
CA PHE D 23 -13.52 26.16 -11.04
C PHE D 23 -14.65 27.12 -11.35
N MET D 24 -15.85 26.57 -11.52
CA MET D 24 -17.07 27.36 -11.66
C MET D 24 -18.00 26.98 -10.52
N LEU D 25 -18.60 27.97 -9.86
CA LEU D 25 -19.47 27.75 -8.72
C LEU D 25 -20.83 28.38 -8.98
N ARG D 26 -21.89 27.60 -8.78
CA ARG D 26 -23.26 28.09 -8.91
C ARG D 26 -23.98 27.92 -7.57
N LEU D 27 -24.67 28.96 -7.13
CA LEU D 27 -25.43 28.92 -5.88
C LEU D 27 -26.78 29.59 -6.10
N ASN D 28 -27.86 28.83 -5.96
CA ASN D 28 -29.20 29.40 -5.98
C ASN D 28 -29.53 29.80 -4.53
N ALA D 29 -29.44 31.10 -4.25
CA ALA D 29 -29.48 31.60 -2.87
C ALA D 29 -30.93 31.86 -2.47
N LYS D 30 -31.63 30.76 -2.15
CA LYS D 30 -32.98 30.92 -1.61
C LYS D 30 -32.93 31.31 -0.13
N GLU D 31 -32.03 30.70 0.64
CA GLU D 31 -31.90 30.99 2.06
C GLU D 31 -30.52 31.55 2.40
N SER D 32 -29.72 31.91 1.42
CA SER D 32 -28.38 32.44 1.67
C SER D 32 -28.36 33.93 1.40
N HIS D 33 -27.55 34.64 2.18
CA HIS D 33 -27.50 36.10 2.12
C HIS D 33 -26.16 36.62 1.62
N THR D 34 -25.04 36.08 2.13
CA THR D 34 -23.72 36.54 1.77
C THR D 34 -22.78 35.35 1.69
N LEU D 35 -21.88 35.38 0.71
CA LEU D 35 -20.85 34.36 0.55
C LEU D 35 -19.53 34.95 1.06
N ASP D 36 -19.01 34.39 2.15
CA ASP D 36 -17.86 35.00 2.84
C ASP D 36 -16.54 34.59 2.20
N GLU D 37 -16.29 33.30 2.02
CA GLU D 37 -15.00 32.88 1.50
C GLU D 37 -15.10 31.50 0.87
N VAL D 38 -14.06 31.15 0.12
CA VAL D 38 -13.89 29.83 -0.49
C VAL D 38 -12.49 29.33 -0.16
N VAL D 39 -12.39 28.09 0.31
CA VAL D 39 -11.09 27.50 0.67
C VAL D 39 -10.72 26.42 -0.34
N LEU D 40 -9.49 26.50 -0.84
CA LEU D 40 -8.97 25.69 -1.94
C LEU D 40 -7.69 25.01 -1.48
N ASN D 41 -7.53 23.73 -1.85
CA ASN D 41 -6.33 22.98 -1.56
C ASN D 41 -5.72 22.46 -2.86
N PHE D 42 -4.52 22.91 -3.18
CA PHE D 42 -3.81 22.36 -4.31
C PHE D 42 -3.27 20.99 -3.96
N GLY D 43 -3.05 20.16 -4.98
CA GLY D 43 -2.54 18.82 -4.73
C GLY D 43 -1.17 18.86 -4.09
N LYS D 44 -0.85 17.77 -3.37
CA LYS D 44 0.41 17.70 -2.65
C LYS D 44 1.62 17.71 -3.58
N ASP D 45 1.46 17.22 -4.81
CA ASP D 45 2.55 17.22 -5.78
C ASP D 45 2.62 18.50 -6.60
N VAL D 46 1.68 19.42 -6.45
CA VAL D 46 1.72 20.65 -7.23
C VAL D 46 2.94 21.47 -6.83
N ASN D 47 3.63 22.03 -7.83
CA ASN D 47 4.78 22.91 -7.61
C ASN D 47 4.25 24.33 -7.46
N MET D 48 4.06 24.76 -6.22
CA MET D 48 3.45 26.05 -5.93
C MET D 48 4.30 27.22 -6.40
N SER D 49 5.62 27.03 -6.55
CA SER D 49 6.46 28.14 -6.97
C SER D 49 6.26 28.55 -8.42
N ASP D 50 5.58 27.72 -9.21
CA ASP D 50 5.25 28.06 -10.59
C ASP D 50 3.87 28.71 -10.73
N ILE D 51 3.17 28.91 -9.63
CA ILE D 51 1.83 29.51 -9.64
C ILE D 51 1.96 30.96 -9.21
N GLN D 52 1.55 31.88 -10.08
CA GLN D 52 1.68 33.30 -9.79
C GLN D 52 0.57 33.78 -8.86
N SER D 53 -0.68 33.40 -9.12
CA SER D 53 -1.77 33.89 -8.29
C SER D 53 -3.02 33.04 -8.45
N VAL D 54 -3.90 33.15 -7.45
CA VAL D 54 -5.22 32.53 -7.46
C VAL D 54 -6.24 33.58 -7.07
N LYS D 55 -7.35 33.64 -7.81
CA LYS D 55 -8.33 34.69 -7.62
C LYS D 55 -9.73 34.10 -7.55
N LEU D 56 -10.62 34.83 -6.89
CA LEU D 56 -12.03 34.48 -6.81
C LEU D 56 -12.84 35.62 -7.44
N TYR D 57 -13.63 35.27 -8.47
CA TYR D 57 -14.44 36.19 -9.23
C TYR D 57 -15.93 35.93 -9.02
N TYR D 58 -16.72 37.00 -9.07
CA TYR D 58 -18.17 36.94 -9.05
C TYR D 58 -18.71 37.39 -10.40
N SER D 59 -19.61 36.60 -10.98
CA SER D 59 -20.11 36.84 -12.33
C SER D 59 -21.61 37.08 -12.40
N GLY D 60 -22.24 37.38 -11.26
CA GLY D 60 -23.63 37.78 -11.28
C GLY D 60 -24.61 36.63 -11.31
N THR D 61 -25.75 36.87 -11.96
CA THR D 61 -26.86 35.93 -11.92
C THR D 61 -27.19 35.38 -13.30
N GLU D 62 -28.36 34.77 -13.45
CA GLU D 62 -28.78 34.11 -14.66
C GLU D 62 -30.16 34.60 -15.07
N ALA D 63 -30.45 34.50 -16.36
CA ALA D 63 -31.80 34.77 -16.84
C ALA D 63 -32.77 33.73 -16.28
N ARG D 64 -33.96 34.20 -15.88
CA ARG D 64 -34.88 33.31 -15.16
C ARG D 64 -35.33 32.15 -16.03
N GLN D 65 -35.42 32.34 -17.35
CA GLN D 65 -35.77 31.22 -18.22
C GLN D 65 -34.66 30.18 -18.31
N ASN D 66 -33.45 30.51 -17.85
CA ASN D 66 -32.33 29.58 -17.90
C ASN D 66 -32.09 28.88 -16.57
N TYR D 67 -32.87 29.21 -15.54
CA TYR D 67 -32.86 28.40 -14.34
C TYR D 67 -33.24 26.98 -14.74
N GLY D 68 -32.60 26.00 -14.14
CA GLY D 68 -32.91 24.62 -14.45
C GLY D 68 -32.24 24.07 -15.70
N LYS D 69 -31.37 24.85 -16.36
CA LYS D 69 -30.57 24.32 -17.45
C LYS D 69 -29.19 23.85 -16.99
N ASN D 70 -28.86 23.99 -15.71
CA ASN D 70 -27.61 23.48 -15.16
C ASN D 70 -26.38 24.14 -15.80
N PHE D 71 -26.49 25.44 -16.08
CA PHE D 71 -25.33 26.21 -16.49
C PHE D 71 -24.51 26.61 -15.26
N PHE D 72 -23.19 26.68 -15.45
CA PHE D 72 -22.29 27.08 -14.38
C PHE D 72 -21.65 28.44 -14.64
N ALA D 73 -22.01 29.10 -15.74
CA ALA D 73 -21.54 30.45 -16.02
C ALA D 73 -22.59 31.13 -16.88
N PRO D 74 -22.74 32.45 -16.77
CA PRO D 74 -23.70 33.16 -17.64
C PRO D 74 -23.13 33.51 -18.99
N VAL D 75 -21.80 33.46 -19.14
CA VAL D 75 -21.14 33.98 -20.33
C VAL D 75 -19.70 33.49 -20.36
N SER D 76 -19.03 33.64 -21.51
CA SER D 76 -17.61 33.34 -21.59
C SER D 76 -16.81 34.41 -20.84
N TYR D 77 -15.96 33.98 -19.91
CA TYR D 77 -15.25 34.91 -19.04
C TYR D 77 -14.00 35.48 -19.73
N ILE D 78 -13.31 34.66 -20.52
CA ILE D 78 -12.06 35.04 -21.17
C ILE D 78 -12.22 34.78 -22.66
N SER D 79 -12.08 35.82 -23.45
CA SER D 79 -12.22 35.70 -24.89
C SER D 79 -10.97 35.09 -25.51
N SER D 80 -11.16 34.30 -26.56
CA SER D 80 -10.08 33.82 -27.40
C SER D 80 -10.11 34.43 -28.79
N HIS D 81 -10.95 35.46 -29.01
CA HIS D 81 -11.16 35.99 -30.34
C HIS D 81 -10.96 37.51 -30.42
N THR D 82 -11.18 38.22 -29.33
CA THR D 82 -11.08 39.68 -29.37
C THR D 82 -9.63 40.12 -29.47
N PRO D 83 -9.20 40.75 -30.55
CA PRO D 83 -7.78 41.14 -30.67
C PRO D 83 -7.35 42.04 -29.53
N GLY D 84 -6.23 41.67 -28.90
CA GLY D 84 -5.67 42.45 -27.81
C GLY D 84 -6.36 42.27 -26.48
N LYS D 85 -7.37 41.42 -26.40
CA LYS D 85 -8.17 41.20 -25.20
C LYS D 85 -8.38 39.72 -24.96
N THR D 86 -7.34 38.90 -25.17
CA THR D 86 -7.45 37.46 -25.02
C THR D 86 -6.62 36.92 -23.87
N LEU D 87 -5.94 37.78 -23.12
CA LEU D 87 -5.06 37.31 -22.04
C LEU D 87 -5.67 37.43 -20.65
N ALA D 88 -6.70 38.26 -20.47
CA ALA D 88 -7.28 38.48 -19.15
C ALA D 88 -8.80 38.37 -19.21
N ALA D 89 -9.39 38.09 -18.06
CA ALA D 89 -10.83 38.00 -17.95
C ALA D 89 -11.47 39.36 -18.26
N ASN D 90 -12.59 39.32 -18.95
CA ASN D 90 -13.34 40.54 -19.26
C ASN D 90 -13.89 41.16 -17.98
N PRO D 91 -13.43 42.34 -17.57
CA PRO D 91 -13.89 42.89 -16.29
C PRO D 91 -15.38 43.18 -16.23
N SER D 92 -16.02 43.48 -17.37
CA SER D 92 -17.45 43.76 -17.37
C SER D 92 -18.26 42.50 -17.05
N TYR D 93 -17.69 41.32 -17.27
CA TYR D 93 -18.39 40.08 -16.99
C TYR D 93 -18.08 39.49 -15.61
N SER D 94 -16.94 39.83 -15.01
CA SER D 94 -16.51 39.20 -13.77
C SER D 94 -15.88 40.23 -12.83
N ILE D 95 -16.31 40.20 -11.57
CA ILE D 95 -15.83 41.12 -10.53
C ILE D 95 -14.82 40.37 -9.67
N ASN D 96 -13.57 40.86 -9.67
CA ASN D 96 -12.52 40.25 -8.85
C ASN D 96 -12.81 40.49 -7.38
N LYS D 97 -13.24 39.45 -6.68
CA LYS D 97 -13.56 39.57 -5.26
C LYS D 97 -12.36 39.31 -4.36
N SER D 98 -11.47 38.40 -4.75
CA SER D 98 -10.27 38.23 -3.93
C SER D 98 -9.11 37.69 -4.76
N GLN D 99 -7.90 37.91 -4.25
CA GLN D 99 -6.68 37.50 -4.93
C GLN D 99 -5.59 37.18 -3.91
N VAL D 100 -4.89 36.07 -4.14
CA VAL D 100 -3.73 35.67 -3.36
C VAL D 100 -2.57 35.44 -4.34
N ASN D 101 -1.51 36.22 -4.19
CA ASN D 101 -0.33 36.09 -5.02
C ASN D 101 0.68 35.18 -4.33
N ASN D 102 1.37 34.36 -5.12
CA ASN D 102 2.33 33.39 -4.61
C ASN D 102 1.71 32.57 -3.48
N PRO D 103 0.59 31.90 -3.73
CA PRO D 103 -0.16 31.26 -2.64
C PRO D 103 0.54 30.04 -2.08
N LYS D 104 0.08 29.65 -0.89
CA LYS D 104 0.46 28.39 -0.30
C LYS D 104 -0.39 27.27 -0.92
N ARG D 105 -0.09 26.03 -0.53
CA ARG D 105 -0.87 24.89 -1.02
C ARG D 105 -2.33 25.01 -0.59
N LYS D 106 -2.58 25.69 0.53
CA LYS D 106 -3.93 26.02 0.98
C LYS D 106 -4.18 27.51 0.77
N VAL D 107 -5.27 27.84 0.07
CA VAL D 107 -5.61 29.22 -0.27
C VAL D 107 -7.00 29.51 0.26
N ALA D 108 -7.14 30.64 0.97
CA ALA D 108 -8.44 31.15 1.37
C ALA D 108 -8.75 32.40 0.56
N LEU D 109 -9.85 32.37 -0.19
CA LEU D 109 -10.27 33.47 -1.06
C LEU D 109 -11.48 34.13 -0.41
N LYS D 110 -11.28 35.35 0.09
CA LYS D 110 -12.37 36.08 0.74
C LYS D 110 -13.29 36.65 -0.34
N ALA D 111 -14.60 36.51 -0.13
CA ALA D 111 -15.58 37.02 -1.08
C ALA D 111 -16.41 38.17 -0.52
N ASN D 112 -17.04 37.98 0.64
CA ASN D 112 -17.89 39.01 1.23
C ASN D 112 -18.90 39.51 0.21
N GLN D 113 -19.45 38.58 -0.57
CA GLN D 113 -20.32 38.91 -1.69
C GLN D 113 -21.78 38.77 -1.28
N LYS D 114 -22.52 39.87 -1.32
CA LYS D 114 -23.97 39.80 -1.20
C LYS D 114 -24.55 39.05 -2.41
N LEU D 115 -25.37 38.05 -2.14
CA LEU D 115 -25.88 37.17 -3.18
C LEU D 115 -27.16 37.72 -3.80
N PHE D 116 -27.29 37.53 -5.11
CA PHE D 116 -28.53 37.86 -5.79
C PHE D 116 -29.63 36.90 -5.36
N PRO D 117 -30.84 37.39 -5.10
CA PRO D 117 -31.92 36.46 -4.69
C PRO D 117 -32.27 35.51 -5.82
N GLY D 118 -31.40 34.53 -6.03
CA GLY D 118 -31.55 33.59 -7.12
C GLY D 118 -30.24 32.91 -7.44
N ILE D 119 -29.98 32.67 -8.73
CA ILE D 119 -28.74 32.03 -9.14
C ILE D 119 -27.58 33.01 -9.03
N ASN D 120 -26.46 32.53 -8.50
CA ASN D 120 -25.23 33.30 -8.40
C ASN D 120 -24.07 32.51 -8.99
N TYR D 121 -23.24 33.17 -9.79
CA TYR D 121 -22.11 32.54 -10.42
C TYR D 121 -20.81 33.08 -9.85
N PHE D 122 -19.92 32.18 -9.46
CA PHE D 122 -18.56 32.51 -9.08
C PHE D 122 -17.62 31.63 -9.90
N TRP D 123 -16.36 32.04 -9.98
CA TRP D 123 -15.36 31.15 -10.55
C TRP D 123 -13.99 31.50 -10.00
N ILE D 124 -13.09 30.52 -10.06
CA ILE D 124 -11.74 30.65 -9.55
C ILE D 124 -10.77 30.74 -10.72
N SER D 125 -9.86 31.70 -10.66
CA SER D 125 -8.86 31.93 -11.69
C SER D 125 -7.49 31.53 -11.17
N LEU D 126 -6.72 30.87 -12.03
CA LEU D 126 -5.36 30.47 -11.73
C LEU D 126 -4.43 31.10 -12.76
N GLN D 127 -3.43 31.84 -12.28
CA GLN D 127 -2.42 32.45 -13.14
C GLN D 127 -1.07 31.84 -12.79
N MET D 128 -0.39 31.28 -13.78
CA MET D 128 0.91 30.65 -13.59
C MET D 128 2.03 31.68 -13.63
N LYS D 129 3.23 31.25 -13.23
CA LYS D 129 4.41 32.08 -13.42
C LYS D 129 4.80 32.07 -14.89
N PRO D 130 5.34 33.18 -15.41
CA PRO D 130 5.74 33.18 -16.82
C PRO D 130 6.75 32.09 -17.18
N ASP D 131 7.58 31.66 -16.23
CA ASP D 131 8.64 30.69 -16.50
C ASP D 131 8.24 29.26 -16.15
N ALA D 132 6.96 28.99 -15.94
CA ALA D 132 6.54 27.67 -15.52
C ALA D 132 6.80 26.64 -16.62
N SER D 133 7.15 25.43 -16.19
CA SER D 133 7.47 24.35 -17.12
C SER D 133 6.23 23.88 -17.87
N LEU D 134 6.43 23.50 -19.14
CA LEU D 134 5.33 23.01 -19.95
C LEU D 134 4.74 21.70 -19.43
N LEU D 135 5.50 20.93 -18.66
CA LEU D 135 5.04 19.64 -18.17
C LEU D 135 4.33 19.74 -16.83
N ASP D 136 4.24 20.95 -16.27
CA ASP D 136 3.62 21.13 -14.97
C ASP D 136 2.18 20.63 -14.96
N LYS D 137 1.82 19.96 -13.87
CA LYS D 137 0.46 19.47 -13.65
C LYS D 137 -0.09 20.07 -12.37
N VAL D 138 -1.34 20.52 -12.45
CA VAL D 138 -2.01 21.22 -11.37
C VAL D 138 -3.26 20.42 -11.00
N ALA D 139 -3.38 20.09 -9.71
CA ALA D 139 -4.55 19.43 -9.17
C ALA D 139 -5.03 20.25 -7.98
N ALA D 140 -6.35 20.28 -7.79
CA ALA D 140 -6.90 21.06 -6.71
C ALA D 140 -8.28 20.56 -6.35
N LYS D 141 -8.67 20.84 -5.10
CA LYS D 141 -9.98 20.54 -4.57
C LYS D 141 -10.49 21.77 -3.83
N ILE D 142 -11.81 21.92 -3.80
CA ILE D 142 -12.45 22.98 -3.02
C ILE D 142 -12.81 22.36 -1.67
N ALA D 143 -12.09 22.74 -0.63
CA ALA D 143 -12.26 22.12 0.68
C ALA D 143 -13.53 22.59 1.38
N ALA D 144 -13.86 23.87 1.26
CA ALA D 144 -15.02 24.40 1.96
C ALA D 144 -15.44 25.72 1.35
N ILE D 145 -16.72 26.03 1.50
CA ILE D 145 -17.30 27.30 1.06
C ILE D 145 -18.09 27.85 2.23
N LYS D 146 -17.81 29.09 2.62
CA LYS D 146 -18.45 29.70 3.77
C LYS D 146 -19.59 30.58 3.26
N VAL D 147 -20.82 30.24 3.64
CA VAL D 147 -21.99 31.04 3.29
C VAL D 147 -22.71 31.38 4.59
N ASP D 148 -22.87 32.68 4.86
CA ASP D 148 -23.47 33.13 6.11
C ASP D 148 -22.72 32.51 7.30
N ASN D 149 -21.40 32.38 7.14
CA ASN D 149 -20.51 31.93 8.21
C ASN D 149 -20.79 30.50 8.67
N LYS D 150 -21.29 29.65 7.78
CA LYS D 150 -21.49 28.26 8.13
C LYS D 150 -21.08 27.36 6.97
N GLU D 151 -20.92 26.07 7.28
CA GLU D 151 -20.58 25.08 6.27
C GLU D 151 -21.68 25.04 5.22
N ALA D 152 -21.33 25.38 3.98
CA ALA D 152 -22.29 25.29 2.88
C ALA D 152 -22.18 23.88 2.30
N LEU D 153 -23.32 23.28 2.00
CA LEU D 153 -23.29 21.98 1.33
C LEU D 153 -22.76 22.18 -0.08
N MET D 154 -21.88 21.28 -0.50
CA MET D 154 -21.31 21.33 -1.84
C MET D 154 -21.68 20.07 -2.61
N HIS D 155 -21.85 20.22 -3.91
CA HIS D 155 -21.99 19.07 -4.81
C HIS D 155 -21.14 19.31 -6.03
N THR D 156 -20.13 18.46 -6.23
CA THR D 156 -19.22 18.58 -7.36
C THR D 156 -19.71 17.65 -8.46
N VAL D 157 -20.07 18.23 -9.61
CA VAL D 157 -20.59 17.44 -10.72
C VAL D 157 -19.47 16.96 -11.64
N SER D 158 -18.30 17.55 -11.59
CA SER D 158 -17.17 17.14 -12.41
C SER D 158 -16.48 15.94 -11.76
N PRO D 159 -15.69 15.19 -12.52
CA PRO D 159 -15.06 13.98 -11.99
C PRO D 159 -13.88 14.31 -11.08
N GLU D 160 -13.46 13.29 -10.34
CA GLU D 160 -12.31 13.43 -9.46
C GLU D 160 -11.00 13.25 -10.23
N ASN D 161 -9.92 13.68 -9.58
CA ASN D 161 -8.57 13.48 -10.13
C ASN D 161 -8.42 14.10 -11.50
N ILE D 162 -9.04 15.26 -11.70
CA ILE D 162 -8.78 16.05 -12.91
C ILE D 162 -7.36 16.59 -12.84
N VAL D 163 -6.61 16.39 -13.91
CA VAL D 163 -5.24 16.89 -14.01
C VAL D 163 -5.26 18.06 -14.98
N HIS D 164 -4.98 19.25 -14.46
CA HIS D 164 -4.91 20.45 -15.29
C HIS D 164 -3.51 20.58 -15.88
N ARG D 165 -3.44 20.69 -17.20
CA ARG D 165 -2.18 20.82 -17.91
C ARG D 165 -2.06 22.25 -18.45
N VAL D 166 -0.83 22.74 -18.47
CA VAL D 166 -0.57 24.09 -18.95
C VAL D 166 -0.35 24.04 -20.46
N GLY D 167 -0.24 25.21 -21.07
CA GLY D 167 -0.02 25.31 -22.51
C GLY D 167 0.47 26.69 -22.86
N VAL D 168 0.90 26.82 -24.11
CA VAL D 168 1.45 28.07 -24.61
C VAL D 168 0.57 28.57 -25.74
N GLY D 169 0.09 29.80 -25.61
CA GLY D 169 -0.61 30.45 -26.71
C GLY D 169 0.36 30.95 -27.75
N VAL D 170 0.76 30.09 -28.68
CA VAL D 170 1.75 30.47 -29.67
C VAL D 170 1.25 31.64 -30.51
N ARG D 171 -0.04 31.64 -30.85
CA ARG D 171 -0.66 32.77 -31.53
C ARG D 171 -2.00 33.05 -30.86
N HIS D 172 -2.21 34.31 -30.49
CA HIS D 172 -3.49 34.78 -30.00
C HIS D 172 -4.13 35.66 -31.08
N ALA D 173 -5.45 35.70 -31.09
CA ALA D 173 -6.18 36.58 -32.00
C ALA D 173 -5.65 38.00 -31.87
N GLY D 174 -5.25 38.58 -33.00
CA GLY D 174 -4.75 39.94 -33.05
C GLY D 174 -3.24 40.04 -33.12
N ASP D 175 -2.51 38.98 -32.76
CA ASP D 175 -1.06 39.01 -32.77
C ASP D 175 -0.54 39.44 -34.14
N ASP D 176 0.45 40.32 -34.12
CA ASP D 176 1.10 40.80 -35.35
C ASP D 176 0.08 41.31 -36.35
N GLY D 177 -0.95 41.98 -35.84
CA GLY D 177 -1.92 42.62 -36.72
C GLY D 177 -2.80 41.70 -37.51
N SER D 178 -2.88 40.42 -37.13
CA SER D 178 -3.71 39.46 -37.83
C SER D 178 -4.95 39.14 -37.00
N ALA D 179 -6.10 39.11 -37.66
CA ALA D 179 -7.34 38.85 -36.94
C ALA D 179 -7.37 37.44 -36.37
N SER D 180 -6.85 36.46 -37.11
CA SER D 180 -6.92 35.09 -36.62
C SER D 180 -5.82 34.23 -37.24
N PHE D 181 -5.64 33.06 -36.64
CA PHE D 181 -4.69 32.06 -37.10
C PHE D 181 -5.38 30.71 -37.06
N ARG D 182 -5.16 29.89 -38.09
CA ARG D 182 -5.88 28.63 -38.19
C ARG D 182 -5.01 27.55 -38.83
N ILE D 183 -5.56 26.34 -38.88
CA ILE D 183 -4.97 25.21 -39.59
C ILE D 183 -3.53 24.95 -39.13
N PRO D 184 -3.34 24.19 -38.05
CA PRO D 184 -1.97 23.96 -37.56
C PRO D 184 -1.25 22.81 -38.26
N GLY D 185 0.06 22.97 -38.36
CA GLY D 185 0.93 21.85 -38.66
C GLY D 185 2.16 21.97 -37.80
N LEU D 186 2.73 20.83 -37.43
CA LEU D 186 3.82 20.83 -36.45
C LEU D 186 4.79 19.69 -36.72
N VAL D 187 6.09 20.00 -36.73
CA VAL D 187 7.12 18.99 -36.92
C VAL D 187 8.31 19.29 -36.01
N THR D 188 9.16 18.27 -35.85
CA THR D 188 10.40 18.36 -35.09
C THR D 188 11.57 18.05 -36.01
N THR D 189 12.54 18.96 -36.06
CA THR D 189 13.68 18.80 -36.94
C THR D 189 14.69 17.81 -36.35
N ASN D 190 15.68 17.44 -37.17
CA ASN D 190 16.76 16.57 -36.70
C ASN D 190 17.54 17.24 -35.58
N LYS D 191 17.44 18.56 -35.46
CA LYS D 191 18.13 19.33 -34.43
C LYS D 191 17.27 19.52 -33.19
N GLY D 192 16.09 18.93 -33.15
CA GLY D 192 15.18 19.10 -32.03
C GLY D 192 14.38 20.38 -32.07
N THR D 193 14.46 21.13 -33.16
CA THR D 193 13.72 22.38 -33.29
C THR D 193 12.28 22.07 -33.67
N LEU D 194 11.34 22.71 -32.97
CA LEU D 194 9.92 22.57 -33.27
C LEU D 194 9.51 23.68 -34.23
N LEU D 195 8.84 23.29 -35.32
CA LEU D 195 8.35 24.24 -36.31
C LEU D 195 6.84 24.06 -36.44
N GLY D 196 6.09 25.13 -36.20
CA GLY D 196 4.65 25.10 -36.34
C GLY D 196 4.15 26.10 -37.36
N VAL D 197 3.38 25.63 -38.33
CA VAL D 197 2.89 26.45 -39.43
C VAL D 197 1.39 26.61 -39.31
N TYR D 198 0.88 27.68 -39.92
CA TYR D 198 -0.56 27.98 -39.83
C TYR D 198 -0.95 29.05 -40.83
N ASP D 199 -2.25 29.09 -41.12
CA ASP D 199 -2.86 30.20 -41.84
C ASP D 199 -2.82 31.44 -40.98
N VAL D 200 -2.31 32.52 -41.55
CA VAL D 200 -2.40 33.87 -40.99
C VAL D 200 -3.53 34.56 -41.74
N ARG D 201 -4.70 34.67 -41.11
CA ARG D 201 -5.88 35.26 -41.73
C ARG D 201 -6.05 36.66 -41.14
N TYR D 202 -5.62 37.66 -41.91
CA TYR D 202 -5.51 39.02 -41.38
C TYR D 202 -6.88 39.66 -41.17
N ASN D 203 -7.78 39.54 -42.16
CA ASN D 203 -9.03 40.30 -42.11
C ASN D 203 -10.04 39.69 -41.16
N ASN D 204 -10.15 38.37 -41.14
CA ASN D 204 -11.13 37.66 -40.33
C ASN D 204 -10.75 36.18 -40.36
N SER D 205 -11.66 35.32 -39.89
CA SER D 205 -11.40 33.90 -39.79
C SER D 205 -11.86 33.12 -41.01
N ALA D 206 -12.26 33.81 -42.08
CA ALA D 206 -12.83 33.14 -43.25
C ALA D 206 -11.77 32.30 -43.97
N ASP D 207 -12.24 31.23 -44.60
CA ASP D 207 -11.38 30.41 -45.42
C ASP D 207 -10.99 31.15 -46.70
N LEU D 208 -10.05 30.57 -47.45
CA LEU D 208 -9.76 31.08 -48.78
C LEU D 208 -11.04 31.07 -49.62
N GLN D 209 -11.18 32.06 -50.51
CA GLN D 209 -10.21 33.11 -50.77
C GLN D 209 -10.27 34.25 -49.77
N GLU D 210 -9.11 34.80 -49.44
CA GLU D 210 -9.01 35.95 -48.56
C GLU D 210 -7.55 36.35 -48.40
N HIS D 211 -7.28 37.40 -47.63
CA HIS D 211 -5.92 37.85 -47.36
C HIS D 211 -5.30 36.91 -46.33
N VAL D 212 -4.58 35.90 -46.82
CA VAL D 212 -4.03 34.85 -45.96
C VAL D 212 -2.59 34.59 -46.35
N ASP D 213 -1.73 34.48 -45.35
CA ASP D 213 -0.36 34.03 -45.54
C ASP D 213 -0.12 32.71 -44.78
N ILE D 214 1.07 32.14 -44.97
CA ILE D 214 1.51 31.01 -44.16
C ILE D 214 2.53 31.52 -43.15
N GLY D 215 2.20 31.42 -41.88
CA GLY D 215 3.08 31.82 -40.81
C GLY D 215 3.74 30.62 -40.17
N LEU D 216 4.89 30.86 -39.54
CA LEU D 216 5.69 29.82 -38.94
C LEU D 216 6.27 30.31 -37.63
N SER D 217 6.10 29.51 -36.58
CA SER D 217 6.69 29.75 -35.28
C SER D 217 7.74 28.68 -35.00
N ARG D 218 8.92 29.12 -34.58
CA ARG D 218 10.08 28.25 -34.40
C ARG D 218 10.52 28.29 -32.94
N SER D 219 10.66 27.11 -32.35
CA SER D 219 11.07 26.99 -30.96
C SER D 219 12.27 26.05 -30.86
N VAL D 220 13.31 26.49 -30.15
CA VAL D 220 14.50 25.68 -29.96
C VAL D 220 14.63 25.18 -28.53
N ASP D 221 13.59 25.35 -27.71
CA ASP D 221 13.62 24.96 -26.31
C ASP D 221 12.40 24.12 -25.94
N GLY D 222 11.98 23.26 -26.85
CA GLY D 222 10.92 22.32 -26.55
C GLY D 222 9.52 22.90 -26.46
N GLY D 223 9.31 24.07 -27.04
CA GLY D 223 8.00 24.70 -27.03
C GLY D 223 7.78 25.69 -25.91
N LYS D 224 8.75 25.87 -25.02
CA LYS D 224 8.58 26.86 -23.95
C LYS D 224 8.49 28.27 -24.53
N THR D 225 9.40 28.60 -25.44
CA THR D 225 9.45 29.91 -26.07
C THR D 225 9.50 29.75 -27.58
N TRP D 226 8.91 30.72 -28.28
CA TRP D 226 8.81 30.69 -29.73
C TRP D 226 9.37 31.98 -30.30
N GLU D 227 10.15 31.85 -31.37
CA GLU D 227 10.79 32.99 -31.99
C GLU D 227 9.79 33.83 -32.78
N LYS D 228 10.23 35.03 -33.14
CA LYS D 228 9.42 35.94 -33.93
C LYS D 228 8.78 35.19 -35.09
N MET D 229 7.54 35.53 -35.39
CA MET D 229 6.81 34.85 -36.43
C MET D 229 7.49 35.10 -37.78
N ARG D 230 7.60 34.05 -38.57
CA ARG D 230 8.11 34.13 -39.93
C ARG D 230 6.99 33.88 -40.93
N LEU D 231 7.25 34.21 -42.19
CA LEU D 231 6.26 34.06 -43.27
C LEU D 231 6.90 33.31 -44.43
N PRO D 232 6.90 31.98 -44.37
CA PRO D 232 7.51 31.21 -45.47
C PRO D 232 6.81 31.36 -46.81
N LEU D 233 5.50 31.59 -46.81
CA LEU D 233 4.74 31.74 -48.06
C LEU D 233 3.81 32.94 -47.95
N ALA D 234 4.01 33.91 -48.82
CA ALA D 234 3.15 35.09 -48.93
C ALA D 234 3.27 35.61 -50.35
N PHE D 235 2.13 35.92 -50.96
CA PHE D 235 2.09 36.28 -52.37
C PHE D 235 1.70 37.73 -52.64
N GLY D 236 1.28 38.47 -51.62
CA GLY D 236 1.05 39.90 -51.77
C GLY D 236 0.20 40.22 -52.99
N GLU D 237 0.64 41.21 -53.76
CA GLU D 237 -0.07 41.67 -54.94
C GLU D 237 0.44 41.01 -56.21
N THR D 238 0.67 39.69 -56.15
CA THR D 238 1.12 38.94 -57.30
C THR D 238 0.11 39.01 -58.43
N GLY D 239 0.61 39.12 -59.66
CA GLY D 239 -0.25 39.26 -60.81
C GLY D 239 -1.00 40.57 -60.89
N ASP D 240 -0.60 41.56 -60.09
CA ASP D 240 -1.25 42.86 -60.03
C ASP D 240 -2.67 42.78 -59.46
N LEU D 241 -2.98 41.71 -58.73
CA LEU D 241 -4.25 41.57 -58.03
C LEU D 241 -4.10 41.95 -56.56
N PRO D 242 -5.20 42.31 -55.90
CA PRO D 242 -5.13 42.62 -54.46
C PRO D 242 -4.64 41.43 -53.65
N ALA D 243 -4.07 41.75 -52.49
CA ALA D 243 -3.54 40.71 -51.61
C ALA D 243 -4.65 39.76 -51.16
N ALA D 244 -5.85 40.28 -50.91
CA ALA D 244 -6.96 39.43 -50.49
C ALA D 244 -7.44 38.49 -51.60
N GLN D 245 -6.96 38.68 -52.83
CA GLN D 245 -7.22 37.74 -53.93
C GLN D 245 -5.94 36.99 -54.30
N ASN D 246 -5.05 36.80 -53.33
CA ASN D 246 -3.77 36.11 -53.55
C ASN D 246 -3.40 35.29 -52.32
N GLY D 247 -4.39 34.80 -51.59
CA GLY D 247 -4.11 34.08 -50.36
C GLY D 247 -3.51 32.72 -50.61
N VAL D 248 -2.73 32.26 -49.63
CA VAL D 248 -2.19 30.90 -49.61
C VAL D 248 -2.44 30.33 -48.22
N GLY D 249 -2.98 29.12 -48.16
CA GLY D 249 -3.44 28.59 -46.88
C GLY D 249 -3.44 27.07 -46.84
N ASP D 250 -3.96 26.54 -45.70
CA ASP D 250 -4.05 25.11 -45.40
C ASP D 250 -2.67 24.47 -45.48
N PRO D 251 -1.70 24.91 -44.68
CA PRO D 251 -0.34 24.44 -44.84
C PRO D 251 -0.13 23.02 -44.33
N SER D 252 0.83 22.34 -44.94
CA SER D 252 1.30 21.04 -44.48
C SER D 252 2.82 21.06 -44.53
N ILE D 253 3.46 20.60 -43.45
CA ILE D 253 4.90 20.69 -43.29
C ILE D 253 5.49 19.31 -43.07
N LEU D 254 6.68 19.08 -43.62
CA LEU D 254 7.39 17.83 -43.37
C LEU D 254 8.88 18.10 -43.23
N VAL D 255 9.58 17.19 -42.57
CA VAL D 255 11.02 17.26 -42.39
C VAL D 255 11.65 16.06 -43.08
N ASP D 256 12.56 16.33 -44.01
CA ASP D 256 13.41 15.32 -44.66
C ASP D 256 14.53 15.01 -43.68
N THR D 257 14.36 13.89 -42.97
CA THR D 257 15.27 13.49 -41.90
C THR D 257 16.66 13.14 -42.40
N LYS D 258 16.77 12.69 -43.65
CA LYS D 258 18.07 12.29 -44.17
C LYS D 258 18.99 13.50 -44.29
N THR D 259 18.42 14.68 -44.53
CA THR D 259 19.15 15.91 -44.71
C THR D 259 18.74 17.01 -43.76
N ASN D 260 17.64 16.83 -43.02
CA ASN D 260 17.04 17.86 -42.18
C ASN D 260 16.40 18.97 -43.01
N THR D 261 16.13 18.71 -44.28
CA THR D 261 15.48 19.73 -45.11
C THR D 261 14.01 19.87 -44.76
N VAL D 262 13.54 21.09 -44.53
CA VAL D 262 12.14 21.30 -44.14
C VAL D 262 11.36 21.79 -45.35
N TRP D 263 10.20 21.18 -45.58
CA TRP D 263 9.32 21.53 -46.69
C TRP D 263 7.97 21.98 -46.15
N VAL D 264 7.43 23.05 -46.72
CA VAL D 264 6.08 23.52 -46.43
C VAL D 264 5.34 23.61 -47.76
N VAL D 265 4.19 22.94 -47.85
CA VAL D 265 3.36 22.96 -49.04
C VAL D 265 2.04 23.62 -48.68
N ALA D 266 1.49 24.40 -49.61
CA ALA D 266 0.24 25.09 -49.38
C ALA D 266 -0.46 25.34 -50.71
N ALA D 267 -1.68 25.85 -50.62
CA ALA D 267 -2.52 26.11 -51.77
C ALA D 267 -2.68 27.62 -51.95
N TRP D 268 -2.14 28.14 -53.05
CA TRP D 268 -2.22 29.55 -53.39
C TRP D 268 -3.42 29.77 -54.32
N THR D 269 -4.36 30.58 -53.88
CA THR D 269 -5.56 30.89 -54.66
C THR D 269 -5.41 32.30 -55.22
N HIS D 270 -5.66 32.45 -56.52
CA HIS D 270 -5.52 33.72 -57.23
C HIS D 270 -6.84 34.14 -57.82
N GLY D 271 -7.27 35.36 -57.52
CA GLY D 271 -8.54 35.86 -58.02
C GLY D 271 -9.70 35.36 -57.18
N MET D 272 -10.74 34.88 -57.86
CA MET D 272 -11.90 34.25 -57.24
C MET D 272 -12.71 35.22 -56.38
N GLY D 273 -12.54 36.52 -56.58
CA GLY D 273 -13.28 37.48 -55.77
C GLY D 273 -13.05 37.27 -54.30
N ASN D 274 -14.12 37.34 -53.52
CA ASN D 274 -14.06 37.13 -52.07
C ASN D 274 -14.83 35.87 -51.66
N GLN D 275 -14.97 34.91 -52.58
CA GLN D 275 -15.71 33.70 -52.31
C GLN D 275 -14.76 32.58 -51.85
N ARG D 276 -15.35 31.51 -51.35
CA ARG D 276 -14.57 30.39 -50.83
C ARG D 276 -13.92 29.64 -51.99
N ALA D 277 -12.63 29.35 -51.87
CA ALA D 277 -11.92 28.68 -52.95
C ALA D 277 -12.48 27.29 -53.20
N TRP D 278 -13.08 26.68 -52.18
CA TRP D 278 -13.65 25.34 -52.35
C TRP D 278 -14.70 25.32 -53.45
N TRP D 279 -15.38 26.44 -53.68
CA TRP D 279 -16.36 26.55 -54.75
C TRP D 279 -15.96 27.56 -55.82
N SER D 280 -14.72 28.05 -55.78
CA SER D 280 -14.25 29.00 -56.78
C SER D 280 -13.05 28.53 -57.58
N SER D 281 -12.42 27.41 -57.21
CA SER D 281 -11.36 26.83 -58.01
C SER D 281 -11.99 25.91 -59.05
N TYR D 282 -11.53 26.02 -60.29
CA TYR D 282 -12.12 25.35 -61.43
C TYR D 282 -11.08 24.62 -62.25
N PRO D 283 -11.53 23.75 -63.17
CA PRO D 283 -10.57 23.01 -63.99
C PRO D 283 -9.68 23.95 -64.81
N GLY D 284 -8.49 23.45 -65.13
CA GLY D 284 -7.45 24.20 -65.77
C GLY D 284 -6.13 23.95 -65.08
N MET D 285 -5.14 24.73 -65.43
CA MET D 285 -3.81 24.59 -64.85
C MET D 285 -3.18 25.90 -64.45
N ASP D 286 -3.56 27.02 -65.04
CA ASP D 286 -2.90 28.28 -64.75
C ASP D 286 -3.51 28.94 -63.52
N MET D 287 -2.81 29.98 -63.06
CA MET D 287 -3.24 30.68 -61.85
C MET D 287 -4.63 31.28 -62.01
N ASN D 288 -4.99 31.68 -63.23
CA ASN D 288 -6.25 32.39 -63.45
C ASN D 288 -7.47 31.49 -63.38
N HIS D 289 -7.29 30.17 -63.24
CA HIS D 289 -8.43 29.25 -63.23
C HIS D 289 -8.49 28.37 -62.00
N THR D 290 -7.35 27.86 -61.53
CA THR D 290 -7.34 26.85 -60.49
C THR D 290 -6.29 27.19 -59.45
N ALA D 291 -6.49 26.69 -58.23
CA ALA D 291 -5.54 26.90 -57.16
C ALA D 291 -4.20 26.22 -57.50
N GLN D 292 -3.12 26.86 -57.08
CA GLN D 292 -1.77 26.40 -57.36
C GLN D 292 -1.18 25.74 -56.12
N LEU D 293 -0.51 24.61 -56.33
CA LEU D 293 0.14 23.88 -55.24
C LEU D 293 1.59 24.37 -55.16
N VAL D 294 1.92 25.05 -54.07
CA VAL D 294 3.21 25.75 -53.96
C VAL D 294 3.98 25.22 -52.77
N LEU D 295 5.31 25.26 -52.90
CA LEU D 295 6.22 24.78 -51.88
C LEU D 295 7.21 25.87 -51.48
N SER D 296 7.68 25.80 -50.24
CA SER D 296 8.84 26.55 -49.78
C SER D 296 9.71 25.60 -48.96
N LYS D 297 11.03 25.70 -49.14
CA LYS D 297 11.95 24.82 -48.45
C LYS D 297 12.95 25.62 -47.64
N SER D 298 13.43 25.01 -46.55
CA SER D 298 14.44 25.60 -45.70
C SER D 298 15.54 24.57 -45.45
N THR D 299 16.79 25.00 -45.61
CA THR D 299 17.96 24.18 -45.35
C THR D 299 18.74 24.66 -44.13
N ASP D 300 18.15 25.52 -43.30
CA ASP D 300 18.81 26.07 -42.13
C ASP D 300 17.91 25.96 -40.91
N ASP D 301 17.30 24.78 -40.73
CA ASP D 301 16.52 24.47 -39.54
C ASP D 301 15.33 25.40 -39.38
N GLY D 302 14.77 25.86 -40.49
CA GLY D 302 13.56 26.66 -40.46
C GLY D 302 13.77 28.15 -40.29
N LYS D 303 15.01 28.63 -40.32
CA LYS D 303 15.25 30.05 -40.10
C LYS D 303 14.84 30.87 -41.33
N THR D 304 15.27 30.45 -42.50
CA THR D 304 14.99 31.14 -43.75
C THR D 304 14.30 30.18 -44.71
N TRP D 305 13.53 30.74 -45.65
CA TRP D 305 12.69 29.96 -46.54
C TRP D 305 12.82 30.45 -47.97
N SER D 306 12.78 29.50 -48.90
CA SER D 306 12.95 29.81 -50.30
C SER D 306 11.69 30.47 -50.85
N LYS D 307 11.82 31.05 -52.04
CA LYS D 307 10.67 31.53 -52.77
C LYS D 307 9.81 30.36 -53.21
N PRO D 308 8.54 30.61 -53.56
CA PRO D 308 7.61 29.51 -53.83
C PRO D 308 8.01 28.69 -55.04
N ILE D 309 7.78 27.39 -54.95
CA ILE D 309 8.03 26.44 -56.03
C ILE D 309 6.69 25.86 -56.44
N ASN D 310 6.25 26.15 -57.65
CA ASN D 310 4.93 25.74 -58.13
C ASN D 310 5.04 24.39 -58.82
N ILE D 311 4.39 23.38 -58.25
CA ILE D 311 4.43 22.02 -58.77
C ILE D 311 3.10 21.58 -59.35
N THR D 312 2.17 22.51 -59.59
CA THR D 312 0.88 22.15 -60.14
C THR D 312 1.05 21.34 -61.42
N GLU D 313 2.02 21.73 -62.27
CA GLU D 313 2.23 21.02 -63.52
C GLU D 313 2.62 19.56 -63.29
N GLN D 314 3.29 19.27 -62.18
CA GLN D 314 3.77 17.92 -61.94
C GLN D 314 2.63 16.96 -61.62
N VAL D 315 1.65 17.40 -60.83
CA VAL D 315 0.74 16.48 -60.18
C VAL D 315 -0.73 16.74 -60.43
N LYS D 316 -1.15 17.90 -60.92
CA LYS D 316 -2.58 18.17 -61.05
C LYS D 316 -3.08 17.69 -62.41
N ASP D 317 -4.15 16.91 -62.41
CA ASP D 317 -4.87 16.59 -63.64
C ASP D 317 -5.73 17.78 -64.03
N PRO D 318 -5.66 18.24 -65.29
CA PRO D 318 -6.42 19.45 -65.65
C PRO D 318 -7.91 19.34 -65.39
N SER D 319 -8.46 18.13 -65.32
CA SER D 319 -9.90 17.98 -65.14
C SER D 319 -10.35 18.20 -63.71
N TRP D 320 -9.42 18.24 -62.75
CA TRP D 320 -9.77 18.48 -61.37
C TRP D 320 -10.17 19.93 -61.15
N TYR D 321 -11.15 20.16 -60.26
CA TYR D 321 -11.51 21.53 -59.91
C TYR D 321 -10.47 22.16 -58.99
N PHE D 322 -9.89 21.37 -58.09
CA PHE D 322 -9.11 21.92 -56.98
C PHE D 322 -8.21 20.81 -56.47
N LEU D 323 -6.90 21.05 -56.47
CA LEU D 323 -5.93 20.14 -55.86
C LEU D 323 -5.20 20.87 -54.75
N LEU D 324 -5.12 20.26 -53.57
CA LEU D 324 -4.40 20.87 -52.47
C LEU D 324 -3.82 19.79 -51.57
N GLN D 325 -2.92 20.22 -50.68
CA GLN D 325 -2.35 19.34 -49.68
C GLN D 325 -3.37 19.07 -48.58
N GLY D 326 -3.15 17.96 -47.86
CA GLY D 326 -3.87 17.70 -46.64
C GLY D 326 -3.21 18.43 -45.48
N PRO D 327 -3.93 19.38 -44.87
CA PRO D 327 -3.30 20.20 -43.84
C PRO D 327 -2.74 19.36 -42.70
N GLY D 328 -1.66 19.87 -42.09
CA GLY D 328 -1.01 19.20 -41.01
C GLY D 328 0.47 18.99 -41.27
N ARG D 329 0.89 17.74 -41.52
CA ARG D 329 2.28 17.45 -41.75
C ARG D 329 2.41 16.30 -42.73
N GLY D 330 3.61 16.17 -43.30
CA GLY D 330 4.02 15.01 -44.04
C GLY D 330 5.01 14.16 -43.27
N ILE D 331 5.68 13.26 -44.00
CA ILE D 331 6.62 12.32 -43.39
C ILE D 331 7.81 12.10 -44.31
N THR D 332 8.84 11.47 -43.75
CA THR D 332 9.91 10.82 -44.50
C THR D 332 9.79 9.32 -44.27
N MET D 333 9.62 8.56 -45.36
CA MET D 333 9.53 7.12 -45.26
C MET D 333 10.89 6.53 -44.90
N GLN D 334 10.88 5.31 -44.37
CA GLN D 334 12.12 4.68 -43.93
C GLN D 334 13.12 4.59 -45.09
N ASP D 335 12.64 4.46 -46.32
CA ASP D 335 13.49 4.37 -47.49
C ASP D 335 13.88 5.72 -48.07
N GLY D 336 13.43 6.82 -47.46
CA GLY D 336 13.82 8.15 -47.88
C GLY D 336 12.79 8.89 -48.70
N THR D 337 11.71 8.23 -49.11
CA THR D 337 10.69 8.87 -49.91
C THR D 337 9.90 9.88 -49.08
N LEU D 338 9.65 11.05 -49.67
CA LEU D 338 8.87 12.09 -49.01
C LEU D 338 7.40 11.96 -49.43
N VAL D 339 6.50 12.10 -48.46
CA VAL D 339 5.07 11.91 -48.70
C VAL D 339 4.29 13.05 -48.06
N PHE D 340 3.40 13.66 -48.84
CA PHE D 340 2.40 14.61 -48.38
C PHE D 340 1.01 14.06 -48.67
N PRO D 341 0.11 14.01 -47.71
CA PRO D 341 -1.29 13.72 -48.06
C PRO D 341 -1.89 14.87 -48.86
N ILE D 342 -2.76 14.52 -49.81
CA ILE D 342 -3.37 15.50 -50.69
C ILE D 342 -4.84 15.16 -50.87
N GLN D 343 -5.56 16.09 -51.50
CA GLN D 343 -6.98 15.94 -51.76
C GLN D 343 -7.33 16.74 -53.02
N PHE D 344 -8.20 16.16 -53.86
CA PHE D 344 -8.60 16.85 -55.07
C PHE D 344 -10.08 16.67 -55.33
N ILE D 345 -10.72 17.75 -55.78
CA ILE D 345 -12.08 17.73 -56.29
C ILE D 345 -12.01 17.34 -57.76
N ASP D 346 -12.55 16.17 -58.09
CA ASP D 346 -12.40 15.63 -59.44
C ASP D 346 -13.40 16.30 -60.38
N SER D 347 -13.46 15.81 -61.62
CA SER D 347 -14.28 16.44 -62.65
C SER D 347 -15.78 16.37 -62.35
N THR D 348 -16.20 15.48 -61.46
CA THR D 348 -17.59 15.36 -61.07
C THR D 348 -17.92 16.18 -59.82
N ARG D 349 -17.00 17.02 -59.38
CA ARG D 349 -17.18 17.89 -58.22
C ARG D 349 -17.16 17.11 -56.91
N VAL D 350 -16.53 15.94 -56.88
CA VAL D 350 -16.46 15.09 -55.70
C VAL D 350 -15.03 15.12 -55.18
N PRO D 351 -14.81 15.35 -53.88
CA PRO D 351 -13.45 15.33 -53.34
C PRO D 351 -12.98 13.94 -52.99
N ASN D 352 -11.69 13.70 -53.20
CA ASN D 352 -11.06 12.42 -52.90
C ASN D 352 -9.69 12.68 -52.30
N ALA D 353 -9.33 11.90 -51.28
CA ALA D 353 -8.05 12.01 -50.63
C ALA D 353 -7.05 10.99 -51.17
N GLY D 354 -5.77 11.31 -51.06
CA GLY D 354 -4.72 10.43 -51.50
C GLY D 354 -3.39 10.91 -50.97
N ILE D 355 -2.31 10.44 -51.61
CA ILE D 355 -0.97 10.84 -51.20
C ILE D 355 -0.18 11.26 -52.44
N MET D 356 0.81 12.11 -52.22
CA MET D 356 1.71 12.61 -53.26
C MET D 356 3.11 12.45 -52.71
N TYR D 357 4.02 11.95 -53.54
CA TYR D 357 5.35 11.59 -53.03
C TYR D 357 6.44 12.00 -54.00
N SER D 358 7.63 12.17 -53.42
CA SER D 358 8.85 12.50 -54.15
C SER D 358 9.94 11.50 -53.73
N LYS D 359 10.59 10.91 -54.73
CA LYS D 359 11.67 9.96 -54.52
C LYS D 359 13.06 10.59 -54.62
N ASP D 360 13.14 11.87 -54.99
CA ASP D 360 14.40 12.55 -55.24
C ASP D 360 14.57 13.77 -54.34
N ARG D 361 14.16 13.63 -53.08
CA ARG D 361 14.37 14.67 -52.08
C ARG D 361 13.54 15.92 -52.36
N GLY D 362 12.42 15.74 -53.05
CA GLY D 362 11.46 16.81 -53.26
C GLY D 362 11.57 17.57 -54.56
N GLU D 363 12.42 17.12 -55.49
CA GLU D 363 12.52 17.81 -56.78
C GLU D 363 11.31 17.52 -57.66
N THR D 364 10.83 16.27 -57.68
CA THR D 364 9.68 15.89 -58.49
C THR D 364 8.67 15.14 -57.63
N TRP D 365 7.40 15.26 -57.99
CA TRP D 365 6.32 14.69 -57.19
C TRP D 365 5.35 13.93 -58.10
N LYS D 366 4.59 13.03 -57.46
CA LYS D 366 3.70 12.14 -58.20
C LYS D 366 2.45 11.83 -57.36
N ILE D 367 1.31 11.69 -58.04
CA ILE D 367 0.09 11.15 -57.44
C ILE D 367 -0.42 10.08 -58.38
N HIS D 368 -1.00 9.02 -57.82
CA HIS D 368 -1.47 7.91 -58.61
C HIS D 368 -2.99 7.87 -58.59
N ASN D 369 -3.57 7.25 -57.56
CA ASN D 369 -5.00 7.08 -57.45
C ASN D 369 -5.47 7.44 -56.05
N TYR D 370 -6.73 7.85 -55.95
CA TYR D 370 -7.30 8.23 -54.67
C TYR D 370 -7.60 6.98 -53.83
N ALA D 371 -7.55 7.14 -52.52
CA ALA D 371 -7.82 6.03 -51.62
C ALA D 371 -9.32 5.76 -51.48
N ARG D 372 -10.14 6.81 -51.48
CA ARG D 372 -11.55 6.65 -51.17
C ARG D 372 -12.31 7.87 -51.69
N THR D 373 -13.56 7.64 -52.09
CA THR D 373 -14.38 8.69 -52.64
C THR D 373 -15.01 9.53 -51.53
N ASN D 374 -15.31 10.78 -51.86
CA ASN D 374 -16.00 11.71 -50.96
C ASN D 374 -15.25 11.89 -49.65
N THR D 375 -13.93 12.04 -49.75
CA THR D 375 -13.08 12.34 -48.60
C THR D 375 -12.20 13.54 -48.92
N THR D 376 -11.77 14.25 -47.88
CA THR D 376 -11.00 15.48 -48.04
C THR D 376 -9.71 15.45 -47.23
N GLU D 377 -9.76 15.99 -46.02
CA GLU D 377 -8.55 16.12 -45.20
C GLU D 377 -8.08 14.77 -44.69
N ALA D 378 -6.77 14.53 -44.81
CA ALA D 378 -6.20 13.26 -44.39
C ALA D 378 -4.78 13.50 -43.89
N GLN D 379 -4.32 12.56 -43.05
CA GLN D 379 -2.94 12.52 -42.59
C GLN D 379 -2.40 11.12 -42.83
N VAL D 380 -1.10 11.02 -43.03
CA VAL D 380 -0.46 9.79 -43.49
C VAL D 380 0.64 9.41 -42.52
N ALA D 381 0.81 8.10 -42.32
CA ALA D 381 1.88 7.59 -41.47
C ALA D 381 2.36 6.25 -41.98
N GLU D 382 3.66 6.01 -41.82
CA GLU D 382 4.27 4.73 -42.20
C GLU D 382 4.20 3.78 -41.02
N VAL D 383 3.11 3.00 -40.94
CA VAL D 383 2.94 2.10 -39.81
C VAL D 383 3.92 0.94 -39.90
N GLU D 384 4.11 0.38 -41.10
CA GLU D 384 5.12 -0.64 -41.31
C GLU D 384 5.91 -0.27 -42.56
N PRO D 385 7.19 -0.68 -42.65
CA PRO D 385 8.02 -0.19 -43.75
C PRO D 385 7.39 -0.51 -45.11
N GLY D 386 7.27 0.52 -45.95
CA GLY D 386 6.65 0.39 -47.25
C GLY D 386 5.15 0.44 -47.28
N VAL D 387 4.51 0.65 -46.13
CA VAL D 387 3.05 0.68 -46.01
C VAL D 387 2.62 2.02 -45.44
N LEU D 388 1.85 2.77 -46.21
CA LEU D 388 1.34 4.07 -45.80
C LEU D 388 -0.13 3.91 -45.40
N MET D 389 -0.45 4.33 -44.18
CA MET D 389 -1.81 4.34 -43.66
C MET D 389 -2.33 5.77 -43.74
N LEU D 390 -3.42 5.96 -44.46
CA LEU D 390 -4.04 7.26 -44.63
C LEU D 390 -5.33 7.29 -43.81
N ASN D 391 -5.40 8.22 -42.85
CA ASN D 391 -6.57 8.44 -42.01
C ASN D 391 -7.20 9.75 -42.45
N MET D 392 -8.42 9.67 -42.98
CA MET D 392 -8.99 10.76 -43.76
C MET D 392 -10.40 11.11 -43.31
N ARG D 393 -10.67 12.40 -43.34
CA ARG D 393 -12.00 12.96 -43.11
C ARG D 393 -12.99 12.51 -44.16
N ASP D 394 -14.13 12.01 -43.67
CA ASP D 394 -15.13 11.35 -44.50
C ASP D 394 -16.42 12.16 -44.48
N ASN D 395 -16.87 12.61 -45.66
CA ASN D 395 -18.09 13.40 -45.75
C ASN D 395 -19.35 12.59 -45.49
N ARG D 396 -19.27 11.25 -45.45
CA ARG D 396 -20.41 10.45 -45.03
C ARG D 396 -20.73 10.71 -43.56
N GLY D 397 -19.76 11.15 -42.78
CA GLY D 397 -19.99 11.57 -41.40
C GLY D 397 -19.80 10.46 -40.40
N GLY D 398 -19.48 10.88 -39.17
CA GLY D 398 -19.47 9.99 -38.03
C GLY D 398 -18.12 9.44 -37.62
N SER D 399 -17.26 9.13 -38.59
CA SER D 399 -16.00 8.47 -38.23
C SER D 399 -14.99 8.60 -39.36
N ARG D 400 -13.73 8.48 -38.98
CA ARG D 400 -12.63 8.56 -39.95
C ARG D 400 -12.66 7.34 -40.86
N ALA D 401 -12.14 7.54 -42.07
CA ALA D 401 -11.90 6.42 -42.99
C ALA D 401 -10.40 6.17 -43.03
N ILE D 402 -10.00 4.92 -42.86
CA ILE D 402 -8.60 4.54 -42.80
C ILE D 402 -8.33 3.51 -43.89
N SER D 403 -7.27 3.75 -44.66
CA SER D 403 -6.90 2.86 -45.75
C SER D 403 -5.39 2.69 -45.75
N THR D 404 -4.93 1.68 -46.47
CA THR D 404 -3.51 1.37 -46.53
C THR D 404 -3.07 1.13 -47.96
N THR D 405 -1.82 1.47 -48.23
CA THR D 405 -1.22 1.23 -49.55
C THR D 405 0.22 0.78 -49.41
N LYS D 406 0.64 -0.15 -50.26
CA LYS D 406 2.03 -0.56 -50.29
C LYS D 406 2.75 -0.13 -51.56
N ASP D 407 2.05 0.52 -52.50
CA ASP D 407 2.64 0.95 -53.76
C ASP D 407 2.41 2.43 -54.00
N LEU D 408 2.40 3.23 -52.93
CA LEU D 408 2.35 4.68 -53.04
C LEU D 408 1.11 5.18 -53.76
N GLY D 409 -0.03 4.56 -53.48
CA GLY D 409 -1.31 5.07 -53.95
C GLY D 409 -1.81 4.49 -55.25
N LYS D 410 -1.16 3.48 -55.79
CA LYS D 410 -1.70 2.81 -56.98
C LYS D 410 -2.91 1.96 -56.63
N THR D 411 -2.83 1.21 -55.52
CA THR D 411 -3.96 0.44 -55.02
C THR D 411 -4.09 0.66 -53.52
N TRP D 412 -5.32 0.51 -53.02
CA TRP D 412 -5.62 0.76 -51.62
C TRP D 412 -6.43 -0.38 -51.04
N THR D 413 -6.21 -0.65 -49.76
CA THR D 413 -6.97 -1.64 -49.01
C THR D 413 -7.66 -0.96 -47.85
N GLU D 414 -8.96 -1.23 -47.69
CA GLU D 414 -9.70 -0.68 -46.55
C GLU D 414 -9.22 -1.36 -45.29
N HIS D 415 -8.89 -0.56 -44.28
CA HIS D 415 -8.34 -1.09 -43.04
C HIS D 415 -9.44 -1.51 -42.08
N SER D 416 -9.12 -2.48 -41.23
CA SER D 416 -10.11 -3.02 -40.30
C SER D 416 -10.69 -1.93 -39.42
N SER D 417 -9.88 -0.93 -39.06
CA SER D 417 -10.35 0.16 -38.21
C SER D 417 -11.24 1.15 -38.95
N SER D 418 -11.36 1.02 -40.28
CA SER D 418 -12.05 2.03 -41.06
C SER D 418 -13.52 2.15 -40.68
N ARG D 419 -13.98 3.39 -40.51
CA ARG D 419 -15.40 3.68 -40.31
C ARG D 419 -15.96 3.01 -39.05
N LYS D 420 -15.11 2.76 -38.05
CA LYS D 420 -15.63 2.20 -36.80
C LYS D 420 -14.82 2.61 -35.58
N ALA D 421 -13.50 2.63 -35.67
CA ALA D 421 -12.69 2.80 -34.47
C ALA D 421 -12.61 4.24 -34.00
N LEU D 422 -12.50 5.19 -34.93
CA LEU D 422 -12.23 6.59 -34.59
C LEU D 422 -13.37 7.48 -35.07
N GLN D 423 -14.19 7.93 -34.13
CA GLN D 423 -15.29 8.82 -34.44
C GLN D 423 -14.75 10.24 -34.71
N GLU D 424 -15.54 11.01 -35.44
CA GLU D 424 -15.16 12.39 -35.76
C GLU D 424 -16.44 13.18 -36.04
N PRO D 425 -16.35 14.52 -36.04
CA PRO D 425 -17.49 15.33 -36.50
C PRO D 425 -17.28 15.86 -37.92
N VAL D 426 -16.45 15.17 -38.71
CA VAL D 426 -16.11 15.55 -40.07
C VAL D 426 -15.05 16.64 -40.03
N CYS D 427 -14.04 16.47 -39.19
CA CYS D 427 -13.02 17.47 -38.95
C CYS D 427 -11.65 16.98 -39.42
N MET D 428 -10.65 17.85 -39.32
CA MET D 428 -9.27 17.46 -39.56
C MET D 428 -8.76 16.67 -38.35
N ALA D 429 -7.81 15.78 -38.60
CA ALA D 429 -7.24 14.96 -37.53
C ALA D 429 -5.77 14.73 -37.78
N SER D 430 -5.02 14.60 -36.69
CA SER D 430 -3.59 14.36 -36.77
C SER D 430 -3.30 12.87 -36.52
N LEU D 431 -2.36 12.32 -37.29
CA LEU D 431 -1.89 10.95 -37.10
C LEU D 431 -0.38 10.91 -37.33
N ILE D 432 0.34 10.35 -36.36
CA ILE D 432 1.78 10.12 -36.51
C ILE D 432 2.12 8.72 -36.03
N SER D 433 3.20 8.18 -36.57
CA SER D 433 3.73 6.90 -36.16
C SER D 433 5.08 7.11 -35.48
N VAL D 434 5.24 6.54 -34.30
CA VAL D 434 6.50 6.63 -33.55
C VAL D 434 7.03 5.22 -33.35
N LYS D 435 8.21 4.97 -33.90
CA LYS D 435 8.83 3.65 -33.83
C LYS D 435 9.46 3.40 -32.46
N ALA D 436 9.63 2.11 -32.15
CA ALA D 436 10.16 1.71 -30.86
C ALA D 436 11.53 2.33 -30.61
N LYS D 437 12.40 2.32 -31.62
CA LYS D 437 13.76 2.82 -31.45
C LYS D 437 13.80 4.31 -31.17
N ASP D 438 12.70 5.03 -31.41
CA ASP D 438 12.67 6.47 -31.23
C ASP D 438 11.85 6.92 -30.02
N ASN D 439 11.43 5.99 -29.16
CA ASN D 439 10.69 6.37 -27.95
C ASN D 439 11.06 5.45 -26.79
N VAL D 440 10.76 5.94 -25.58
CA VAL D 440 11.20 5.28 -24.37
C VAL D 440 10.44 4.02 -24.02
N LEU D 441 9.27 3.79 -24.60
CA LEU D 441 8.52 2.57 -24.34
C LEU D 441 9.03 1.36 -25.12
N ASN D 442 9.93 1.55 -26.08
CA ASN D 442 10.40 0.44 -26.91
C ASN D 442 9.22 -0.28 -27.56
N LYS D 443 8.22 0.51 -27.97
CA LYS D 443 7.07 0.00 -28.70
C LYS D 443 6.78 0.88 -29.91
N ASP D 444 6.40 0.25 -31.01
CA ASP D 444 5.86 0.99 -32.15
C ASP D 444 4.43 1.38 -31.83
N ILE D 445 4.13 2.68 -31.88
CA ILE D 445 2.78 3.15 -31.56
C ILE D 445 2.34 4.20 -32.57
N LEU D 446 1.02 4.35 -32.65
CA LEU D 446 0.39 5.38 -33.45
C LEU D 446 -0.30 6.37 -32.52
N LEU D 447 -0.13 7.66 -32.80
CA LEU D 447 -0.75 8.72 -32.02
C LEU D 447 -1.70 9.47 -32.93
N PHE D 448 -2.91 9.72 -32.44
CA PHE D 448 -3.99 10.32 -33.21
C PHE D 448 -4.59 11.42 -32.34
N SER D 449 -5.00 12.52 -32.96
CA SER D 449 -5.61 13.59 -32.19
C SER D 449 -6.73 14.24 -32.98
N ASN D 450 -7.84 14.51 -32.30
CA ASN D 450 -8.97 15.16 -32.92
C ASN D 450 -10.07 15.45 -31.90
N PRO D 451 -11.16 16.12 -32.31
CA PRO D 451 -12.33 16.23 -31.41
C PRO D 451 -13.00 14.88 -31.25
N ASN D 452 -12.96 14.32 -30.05
CA ASN D 452 -13.47 12.97 -29.80
C ASN D 452 -14.99 13.05 -29.67
N THR D 453 -15.65 13.20 -30.81
CA THR D 453 -17.08 13.43 -30.82
C THR D 453 -17.64 13.13 -32.21
N VAL D 454 -18.97 13.12 -32.29
CA VAL D 454 -19.67 13.01 -33.56
C VAL D 454 -20.43 14.29 -33.92
N LYS D 455 -20.54 15.25 -33.00
CA LYS D 455 -21.23 16.51 -33.27
C LYS D 455 -20.49 17.60 -32.52
N GLY D 456 -20.13 18.66 -33.23
CA GLY D 456 -19.38 19.75 -32.63
C GLY D 456 -17.89 19.45 -32.56
N ARG D 457 -17.11 20.50 -32.35
CA ARG D 457 -15.66 20.41 -32.26
C ARG D 457 -15.24 20.77 -30.84
N HIS D 458 -15.09 19.75 -30.01
CA HIS D 458 -14.73 19.91 -28.60
C HIS D 458 -14.17 18.60 -28.10
N HIS D 459 -13.69 18.62 -26.86
CA HIS D 459 -13.00 17.47 -26.28
C HIS D 459 -11.86 17.01 -27.20
N ILE D 460 -10.97 17.96 -27.49
CA ILE D 460 -9.74 17.63 -28.19
C ILE D 460 -9.04 16.51 -27.43
N THR D 461 -8.67 15.45 -28.14
CA THR D 461 -8.18 14.26 -27.48
C THR D 461 -7.06 13.62 -28.27
N ILE D 462 -6.03 13.18 -27.54
CA ILE D 462 -4.96 12.34 -28.07
C ILE D 462 -5.28 10.90 -27.71
N LYS D 463 -5.23 10.02 -28.70
CA LYS D 463 -5.44 8.59 -28.56
C LYS D 463 -4.20 7.86 -29.04
N ALA D 464 -3.89 6.74 -28.39
CA ALA D 464 -2.71 5.96 -28.73
C ALA D 464 -3.12 4.54 -29.06
N SER D 465 -2.48 3.97 -30.08
CA SER D 465 -2.71 2.59 -30.49
C SER D 465 -1.37 1.87 -30.49
N LEU D 466 -1.36 0.67 -29.91
CA LEU D 466 -0.17 -0.15 -29.79
C LEU D 466 -0.15 -1.31 -30.78
N ASP D 467 -1.23 -1.52 -31.51
CA ASP D 467 -1.35 -2.62 -32.46
C ASP D 467 -1.51 -2.09 -33.89
N GLY D 468 -0.78 -1.02 -34.22
CA GLY D 468 -0.80 -0.49 -35.56
C GLY D 468 -2.10 0.17 -35.98
N GLY D 469 -2.91 0.61 -35.04
CA GLY D 469 -4.15 1.30 -35.36
C GLY D 469 -5.36 0.40 -35.43
N VAL D 470 -5.22 -0.88 -35.11
CA VAL D 470 -6.37 -1.77 -35.11
C VAL D 470 -7.27 -1.49 -33.92
N THR D 471 -6.68 -1.19 -32.76
CA THR D 471 -7.44 -0.90 -31.55
C THR D 471 -6.98 0.42 -30.97
N TRP D 472 -7.94 1.21 -30.48
CA TRP D 472 -7.69 2.47 -29.79
C TRP D 472 -8.37 2.38 -28.43
N LEU D 473 -7.61 1.95 -27.43
CA LEU D 473 -8.17 1.65 -26.13
C LEU D 473 -8.44 2.95 -25.36
N PRO D 474 -9.60 3.04 -24.67
CA PRO D 474 -9.89 4.27 -23.91
C PRO D 474 -8.84 4.59 -22.86
N GLU D 475 -8.21 3.57 -22.27
CA GLU D 475 -7.24 3.80 -21.22
C GLU D 475 -5.98 4.51 -21.72
N HIS D 476 -5.77 4.54 -23.04
CA HIS D 476 -4.61 5.21 -23.62
C HIS D 476 -4.99 6.53 -24.28
N GLN D 477 -5.70 7.40 -23.57
CA GLN D 477 -6.18 8.66 -24.14
C GLN D 477 -6.06 9.79 -23.14
N VAL D 478 -5.83 10.99 -23.66
CA VAL D 478 -5.75 12.21 -22.87
C VAL D 478 -6.68 13.27 -23.46
N MET D 479 -7.62 13.74 -22.66
CA MET D 479 -8.55 14.78 -23.08
C MET D 479 -7.95 16.11 -22.64
N LEU D 480 -7.56 16.94 -23.61
CA LEU D 480 -6.84 18.17 -23.32
C LEU D 480 -7.75 19.38 -23.20
N ASP D 481 -8.81 19.45 -23.99
CA ASP D 481 -9.64 20.64 -24.07
C ASP D 481 -11.10 20.23 -24.25
N GLU D 482 -11.89 20.35 -23.17
CA GLU D 482 -13.32 20.11 -23.26
C GLU D 482 -14.07 21.24 -23.95
N GLY D 483 -13.45 22.41 -24.08
CA GLY D 483 -14.13 23.56 -24.62
C GLY D 483 -14.34 23.48 -26.13
N GLU D 484 -15.20 24.38 -26.60
CA GLU D 484 -15.56 24.45 -28.02
C GLU D 484 -14.51 25.24 -28.77
N GLY D 485 -14.12 24.73 -29.94
CA GLY D 485 -13.13 25.39 -30.76
C GLY D 485 -13.22 25.00 -32.21
N TRP D 486 -12.21 25.41 -32.98
CA TRP D 486 -12.18 25.10 -34.40
C TRP D 486 -11.75 23.66 -34.69
N GLY D 487 -11.06 23.01 -33.74
CA GLY D 487 -10.89 21.57 -33.79
C GLY D 487 -9.67 21.02 -34.48
N TYR D 488 -8.95 21.82 -35.28
CA TYR D 488 -7.79 21.27 -35.99
C TYR D 488 -6.59 21.14 -35.06
N SER D 489 -5.78 20.11 -35.33
CA SER D 489 -4.62 19.82 -34.49
C SER D 489 -3.56 19.12 -35.33
N CYS D 490 -2.32 19.17 -34.83
CA CYS D 490 -1.22 18.43 -35.44
C CYS D 490 -0.25 18.01 -34.35
N LEU D 491 0.23 16.77 -34.44
CA LEU D 491 1.07 16.16 -33.43
C LEU D 491 2.52 16.06 -33.90
N THR D 492 3.41 15.98 -32.93
CA THR D 492 4.83 15.70 -33.17
C THR D 492 5.42 15.11 -31.90
N MET D 493 6.63 14.58 -32.03
CA MET D 493 7.40 14.10 -30.88
C MET D 493 8.41 15.20 -30.53
N ILE D 494 8.25 15.80 -29.33
CA ILE D 494 9.26 16.72 -28.85
C ILE D 494 10.55 15.95 -28.57
N ASP D 495 10.43 14.83 -27.87
CA ASP D 495 11.61 14.02 -27.59
C ASP D 495 11.16 12.59 -27.34
N LYS D 496 12.15 11.71 -27.16
CA LYS D 496 11.88 10.29 -26.94
C LYS D 496 10.88 10.06 -25.83
N GLU D 497 10.64 11.07 -24.99
CA GLU D 497 9.74 10.91 -23.85
C GLU D 497 8.49 11.75 -23.93
N THR D 498 8.42 12.73 -24.83
CA THR D 498 7.28 13.64 -24.84
C THR D 498 6.74 13.92 -26.22
N ILE D 499 5.38 13.93 -26.29
CA ILE D 499 4.57 14.29 -27.44
C ILE D 499 4.32 15.79 -27.38
N GLY D 500 4.30 16.43 -28.54
CA GLY D 500 3.88 17.83 -28.65
C GLY D 500 2.65 17.92 -29.54
N ILE D 501 1.75 18.84 -29.21
CA ILE D 501 0.54 19.03 -29.98
C ILE D 501 0.33 20.53 -30.19
N LEU D 502 0.07 20.92 -31.43
CA LEU D 502 -0.29 22.29 -31.77
C LEU D 502 -1.70 22.23 -32.35
N TYR D 503 -2.64 22.93 -31.73
CA TYR D 503 -4.02 22.80 -32.15
C TYR D 503 -4.83 24.06 -31.89
N GLU D 504 -6.00 24.12 -32.51
CA GLU D 504 -6.95 25.20 -32.33
C GLU D 504 -7.83 24.84 -31.13
N SER D 505 -7.62 25.54 -30.01
CA SER D 505 -8.24 25.20 -28.75
C SER D 505 -9.34 26.20 -28.39
N SER D 506 -9.96 25.98 -27.23
CA SER D 506 -10.97 26.89 -26.71
C SER D 506 -10.36 28.11 -26.04
N VAL D 507 -9.04 28.13 -25.86
CA VAL D 507 -8.38 29.23 -25.15
C VAL D 507 -7.41 30.01 -26.02
N ALA D 508 -7.04 29.52 -27.20
CA ALA D 508 -6.16 30.28 -28.08
C ALA D 508 -6.20 29.68 -29.47
N HIS D 509 -6.00 30.54 -30.47
CA HIS D 509 -6.06 30.10 -31.86
C HIS D 509 -5.00 29.04 -32.17
N MET D 510 -3.78 29.25 -31.68
CA MET D 510 -2.71 28.27 -31.82
C MET D 510 -2.22 27.94 -30.42
N THR D 511 -2.52 26.74 -29.94
CA THR D 511 -2.19 26.30 -28.59
C THR D 511 -1.20 25.15 -28.70
N PHE D 512 -0.09 25.25 -27.97
CA PHE D 512 0.90 24.20 -27.92
C PHE D 512 0.89 23.56 -26.53
N GLN D 513 0.86 22.23 -26.50
CA GLN D 513 0.90 21.49 -25.25
C GLN D 513 1.89 20.33 -25.37
N ALA D 514 2.54 20.02 -24.25
CA ALA D 514 3.47 18.90 -24.14
C ALA D 514 2.91 17.86 -23.20
N VAL D 515 2.90 16.61 -23.64
CA VAL D 515 2.34 15.51 -22.86
C VAL D 515 3.39 14.40 -22.80
N GLN D 516 3.78 14.01 -21.59
CA GLN D 516 4.74 12.92 -21.47
C GLN D 516 4.13 11.62 -21.97
N LEU D 517 4.93 10.84 -22.71
CA LEU D 517 4.42 9.59 -23.26
C LEU D 517 3.93 8.65 -22.17
N ARG D 518 4.52 8.71 -20.98
CA ARG D 518 4.09 7.83 -19.90
C ARG D 518 2.72 8.21 -19.36
N ASP D 519 2.25 9.42 -19.62
CA ASP D 519 0.91 9.81 -19.15
C ASP D 519 -0.18 9.08 -19.92
N ILE D 520 -0.03 8.93 -21.23
CA ILE D 520 -1.07 8.25 -22.00
C ILE D 520 -0.92 6.74 -21.92
N ILE D 521 0.29 6.24 -22.13
CA ILE D 521 0.55 4.82 -22.08
C ILE D 521 1.28 4.57 -20.76
N LYS D 522 0.52 4.19 -19.75
CA LYS D 522 1.03 3.89 -18.42
C LYS D 522 1.48 2.43 -18.30
#